data_7B70
#
_entry.id   7B70
#
_cell.length_a   1.00
_cell.length_b   1.00
_cell.length_c   1.00
_cell.angle_alpha   90.00
_cell.angle_beta   90.00
_cell.angle_gamma   90.00
#
_symmetry.space_group_name_H-M   'P 1'
#
loop_
_entity.id
_entity.type
_entity.pdbx_description
1 polymer 'Trafficking protein particle complex subunit'
2 polymer GEO08327p1
3 polymer 'Trafficking protein particle complex subunit'
4 polymer 'Trafficking protein particle complex subunit'
5 polymer 'Probable trafficking protein particle complex subunit 2'
6 polymer 'Trafficking protein particle complex subunit 5'
7 polymer TRAPPC2L
8 polymer FI18195p1
9 polymer 'Trafficking protein particle complex subunit 11'
#
loop_
_entity_poly.entity_id
_entity_poly.type
_entity_poly.pdbx_seq_one_letter_code
_entity_poly.pdbx_strand_id
1 'polypeptide(L)'
;MSRQASRLDAKKVNSEFLTLTYGALVTQMLRDFENAEDVNKQLERIGYNMGMRLIEDFLARTSAPRCLEMRETADRIQQA
FRIYLNIQPTISNWSPASDEFSLVFDSNPLTEFVELPPDLTNLRYSAILSGCIRGALEMVQLEVQCWFVQDQLKGDNVTE
LRVKFVRRLEEVIPAGED
;
A,G
2 'polypeptide(L)'
;MSEEILFDCLHAEIVNYCLDSNKEHDLATLEYIGFTTGYRLIERLTREVSRFKDELETMKFICTDFWMLIYKKQVDNLRT
NNHGMYVVQDKAFRFLTRISPGTKQLEHAPKFVAFTCGLVRGALSNLGINSTVTAEVQSIPACKFHIEVNRN
;
B
3 'polypeptide(L)'
;MTIFNLYIFDKFGTLLHYAEWNRTKKSGITREEEAKLTYGMLFSIKSFVSKISPHDPKEGFLYYKTNRYALHYLETPSGL
KFVLNTDTTAINVKELLQQLYAKVWVEFVVRDPLWTPGTVVTSELFQSKLDEFVRQSPIFGIRNI
;
C
4 'polypeptide(L)'
;MIIYGVYIVSKSGGLIFNLDNNVPRIEHEKTFTYPLDLVLDYDSKKVSVSFNRKDGINVGHVLVAVNGMPVNGVTLDDGR
DVRTTLDAPENYPINLKFSRPKMTTNEKIFLASMFYPLFAIASQLSPEPKSSGIEILEADTFTLHCFQTLTGIKFIIISE
TGLNGIDLLLRKVYELYSDYVLKNPFYSLEMPIRCELFDNKLQELLAQVEKTGISNIDK
;
D
5 'polypeptide(L)'
;MSTYYFVIVGQNDNPIYEKEFSTVNKELRKEDHRHLTQFIAHAALDLVDEHKWKTANMQLKSIDRFNQWFVSAFITASQI
RFIIVHDNKNDEGIKNFFNEMYDTYIKNSMNAFYRINTPIKSPMFEKKSEIFGRKYLLS
;
E
6 'polypeptide(L)'
;MEKLEALKISSMRPRSNILDRPLSKGKTEVSQSIVALLFSEIVQYSQSRVFTVPELQTRLHDLGQDVGTRIIDLYFVRER
SSKRETKLTQMLLFVKTTVWKNLFGKEAEKLEHANDDERTYYIIEKEPLVNTFISVPKDKGSLNCANFTAGIVEAVLTNC
GFPCKVTAHWHKGTTYMVKFEDFVIARDKQMEEK
;
F
7 'polypeptide(L)'
;MAFCIAVIGKDNAPLYLTTSDMEQELELQYHVNAALDVVEEKCLIGKGAPESKELYLGLLYSTENHKIYGFVTNTRVKFI
VVIDSSNVALRENEVRAIFRNLHLLYTDAICNPFYIPGESLTSKKFDRAVQKLMSGTA
;
H
8 'polypeptide(L)'
;DNLRHFVQDYAVRALIPYIEHLVAILAEGVTNKKGVSKSLLSATKRWFVTSKPGAGANNQNAVIYTNESAELQTRKLGDL
YFMFGHYNLAFQSYHQAKRDFNADSAWQYYAGALEMAALSAFMLGTAQRKTYDYMEDAIVCYLTVCKLQQFATRATLLSM
ECLKTARLYSEVAKQLIRMTNEESDLRSALLLEQAAYCFLVTQPPMHRKYAFHIVLAGNRYSRAGQRKHAYRCYRQAYQV
FQKREW
;
I
9 'polypeptide(L)'
;MTMDATALPSELLVTPQPLVGFCGLDTARVSVHKAVWEAFSGSLQRKAADRAAVQYKLLPPNYEFPVAKPKRASYEWYHP
KGILKRNWMLKHLHVLPSVVVLFQDMEWNDLQWTEKQVQCAAIVQALKNTLQERNTRLCLVLLQRAAPLPPGEDLLAAER
AASLTNACGITSKMLFILPHTEHLTGYALRLESAFLDMAQSYYALMSKRIRNHRDQLTAAHTSLKIRHQFKLGFVAEMRQ
DFSTGQKHYFQAYANLDEIRINDGNCLEIKTLAGFLNYKICRLMFKLKTPRDAINQFIIHVEKHKSRVGFKDLAFEHHAW
LSTQHSVFAELFCEAIKNGLPALQTQHPGIYYHKAAEFVMKRRDAAMEAYAAMQASSEATPTPIQNPLSLYTEFFGIRAV
KTGDLVAEQQANMQLCDQERSYNHSAAIIALLSQAMAQFKIYKCLRFRKKLAIDMAEEYLKSGDHAKALTLYSLMLPDYR
QEKWTTIFTDVLLKTLRCALLSGSVADYIACSVEALSLRHQSDQSERILILENLWQVFQGVPPMPKTQLTPEAQALWTSA
LANVKSPIQIDLDKVNDVVEMCATFERVQLSNDDLLQLQLIVRVLTDIPLRIRSFHVILADAGNPQNSYKLEALKYFCFP
TLTQLRGQKQPDDEQLENPSQEPKNFEKNMRLEPGSYYQLFCSTEAQQFHENTQLRIVRLEAHMGTDQVAALLTCSSN
;
J
#
# COMPACT_ATOMS: atom_id res chain seq x y z
N ALA A 10 -25.88 -22.48 -6.16
CA ALA A 10 -24.61 -22.76 -5.51
C ALA A 10 -23.72 -21.52 -5.47
N LYS A 11 -23.30 -21.17 -4.25
CA LYS A 11 -22.30 -20.15 -3.99
C LYS A 11 -22.75 -18.75 -4.43
N LYS A 12 -23.89 -18.33 -3.87
CA LYS A 12 -24.16 -16.90 -3.83
C LYS A 12 -23.21 -16.22 -2.86
N VAL A 13 -22.99 -16.84 -1.71
CA VAL A 13 -22.12 -16.32 -0.67
C VAL A 13 -21.17 -17.42 -0.25
N ASN A 14 -19.90 -17.26 -0.62
CA ASN A 14 -18.87 -18.16 -0.14
C ASN A 14 -18.73 -18.08 1.38
N SER A 15 -18.66 -16.85 1.90
CA SER A 15 -18.44 -16.64 3.32
C SER A 15 -19.72 -16.17 4.00
N GLU A 16 -20.71 -17.05 3.98
CA GLU A 16 -21.73 -17.04 5.02
C GLU A 16 -21.30 -17.89 6.20
N PHE A 17 -20.25 -18.67 6.02
CA PHE A 17 -19.60 -19.41 7.07
C PHE A 17 -19.19 -18.51 8.24
N LEU A 18 -18.68 -17.33 7.93
CA LEU A 18 -18.11 -16.47 8.96
C LEU A 18 -19.14 -16.10 10.01
N THR A 19 -20.34 -15.72 9.58
CA THR A 19 -21.34 -15.25 10.55
C THR A 19 -21.73 -16.36 11.52
N LEU A 20 -21.82 -17.60 11.04
CA LEU A 20 -22.09 -18.69 11.96
C LEU A 20 -20.90 -18.95 12.89
N THR A 21 -19.67 -18.80 12.40
CA THR A 21 -18.56 -18.93 13.33
C THR A 21 -18.65 -17.87 14.42
N TYR A 22 -18.98 -16.64 14.02
CA TYR A 22 -19.11 -15.56 14.98
C TYR A 22 -20.20 -15.85 15.99
N GLY A 23 -21.34 -16.37 15.54
CA GLY A 23 -22.39 -16.75 16.47
C GLY A 23 -21.92 -17.82 17.45
N ALA A 24 -21.13 -18.77 16.96
CA ALA A 24 -20.55 -19.76 17.86
C ALA A 24 -19.68 -19.09 18.91
N LEU A 25 -18.82 -18.16 18.50
CA LEU A 25 -17.93 -17.51 19.45
C LEU A 25 -18.72 -16.69 20.47
N VAL A 26 -19.75 -15.97 20.02
CA VAL A 26 -20.50 -15.15 20.97
C VAL A 26 -21.22 -16.03 21.98
N THR A 27 -21.83 -17.14 21.53
CA THR A 27 -22.51 -17.96 22.52
C THR A 27 -21.52 -18.70 23.41
N GLN A 28 -20.34 -19.04 22.89
CA GLN A 28 -19.36 -19.74 23.71
C GLN A 28 -18.87 -18.85 24.84
N MET A 29 -18.45 -17.63 24.51
CA MET A 29 -18.13 -16.67 25.56
C MET A 29 -19.31 -16.47 26.50
N LEU A 30 -20.49 -16.22 25.94
CA LEU A 30 -21.63 -15.86 26.76
C LEU A 30 -21.92 -16.95 27.78
N ARG A 31 -21.76 -18.22 27.38
CA ARG A 31 -21.80 -19.30 28.36
C ARG A 31 -20.63 -19.19 29.34
N ASP A 32 -19.43 -18.91 28.84
CA ASP A 32 -18.26 -18.82 29.71
C ASP A 32 -18.38 -17.66 30.67
N PHE A 33 -18.50 -16.45 30.14
CA PHE A 33 -18.57 -15.25 30.95
C PHE A 33 -20.03 -14.86 31.02
N GLU A 34 -20.57 -14.73 32.22
CA GLU A 34 -22.00 -14.46 32.32
C GLU A 34 -22.34 -13.09 31.77
N ASN A 35 -21.43 -12.13 31.89
CA ASN A 35 -21.79 -10.74 31.66
C ASN A 35 -21.67 -10.36 30.21
N ALA A 36 -22.64 -9.57 29.75
CA ALA A 36 -22.51 -8.97 28.44
C ALA A 36 -21.28 -8.08 28.37
N GLU A 37 -20.90 -7.50 29.50
CA GLU A 37 -19.76 -6.59 29.51
C GLU A 37 -18.45 -7.33 29.25
N ASP A 38 -18.25 -8.47 29.93
CA ASP A 38 -17.02 -9.21 29.72
C ASP A 38 -16.87 -9.60 28.26
N VAL A 39 -17.92 -10.18 27.67
CA VAL A 39 -17.80 -10.54 26.28
C VAL A 39 -17.68 -9.30 25.42
N ASN A 40 -18.19 -8.16 25.88
CA ASN A 40 -17.95 -6.94 25.12
C ASN A 40 -16.46 -6.66 25.01
N LYS A 41 -15.74 -6.76 26.12
CA LYS A 41 -14.30 -6.55 26.03
C LYS A 41 -13.61 -7.61 25.17
N GLN A 42 -14.01 -8.88 25.30
CA GLN A 42 -13.39 -9.86 24.40
C GLN A 42 -13.68 -9.56 22.94
N LEU A 43 -14.92 -9.20 22.61
CA LEU A 43 -15.22 -8.87 21.23
C LEU A 43 -14.38 -7.68 20.76
N GLU A 44 -14.26 -6.66 21.60
CA GLU A 44 -13.53 -5.46 21.20
C GLU A 44 -12.07 -5.79 20.94
N ARG A 45 -11.43 -6.51 21.86
CA ARG A 45 -10.01 -6.80 21.69
C ARG A 45 -9.79 -7.78 20.54
N ILE A 46 -10.71 -8.72 20.35
CA ILE A 46 -10.50 -9.67 19.28
C ILE A 46 -10.72 -9.00 17.93
N GLY A 47 -11.67 -8.07 17.87
CA GLY A 47 -11.76 -7.21 16.71
C GLY A 47 -10.49 -6.39 16.54
N TYR A 48 -9.90 -5.95 17.64
CA TYR A 48 -8.66 -5.20 17.56
C TYR A 48 -7.59 -5.99 16.84
N ASN A 49 -7.35 -7.22 17.29
CA ASN A 49 -6.32 -8.03 16.65
C ASN A 49 -6.70 -8.35 15.21
N MET A 50 -7.98 -8.63 14.97
CA MET A 50 -8.42 -8.95 13.62
C MET A 50 -8.23 -7.75 12.69
N GLY A 51 -8.62 -6.56 13.12
CA GLY A 51 -8.44 -5.38 12.31
C GLY A 51 -6.99 -5.05 12.09
N MET A 52 -6.15 -5.34 13.06
CA MET A 52 -4.72 -5.21 12.85
C MET A 52 -4.26 -6.15 11.74
N ARG A 53 -4.78 -7.38 11.74
CA ARG A 53 -4.49 -8.28 10.65
C ARG A 53 -5.01 -7.76 9.31
N LEU A 54 -6.21 -7.17 9.29
CA LEU A 54 -6.91 -6.85 8.06
C LEU A 54 -6.49 -5.54 7.40
N ILE A 55 -6.03 -4.56 8.19
CA ILE A 55 -5.77 -3.26 7.61
C ILE A 55 -4.59 -3.32 6.66
N GLU A 56 -3.58 -4.13 6.98
CA GLU A 56 -2.44 -4.25 6.09
C GLU A 56 -2.84 -4.84 4.74
N ASP A 57 -3.74 -5.81 4.74
CA ASP A 57 -4.21 -6.35 3.48
C ASP A 57 -5.07 -5.34 2.74
N PHE A 58 -5.87 -4.58 3.48
CA PHE A 58 -6.66 -3.54 2.83
C PHE A 58 -5.78 -2.51 2.18
N LEU A 59 -4.62 -2.25 2.76
CA LEU A 59 -3.69 -1.30 2.14
C LEU A 59 -2.78 -1.97 1.11
N ALA A 60 -2.72 -3.30 1.08
CA ALA A 60 -2.06 -3.97 -0.03
C ALA A 60 -2.94 -3.95 -1.27
N ARG A 61 -4.25 -4.01 -1.09
CA ARG A 61 -5.15 -3.98 -2.24
C ARG A 61 -5.50 -2.54 -2.62
N THR A 62 -6.18 -1.81 -1.74
CA THR A 62 -6.58 -0.47 -2.09
C THR A 62 -5.39 0.46 -2.21
N SER A 63 -4.27 0.11 -1.58
CA SER A 63 -3.00 0.83 -1.75
C SER A 63 -3.19 2.32 -1.53
N ALA A 64 -3.87 2.63 -0.44
CA ALA A 64 -4.14 4.01 -0.06
C ALA A 64 -2.87 4.69 0.40
N PRO A 65 -2.76 6.00 0.20
CA PRO A 65 -1.53 6.68 0.61
C PRO A 65 -1.30 6.66 2.11
N ARG A 66 -2.23 7.26 2.84
CA ARG A 66 -2.55 7.11 4.26
C ARG A 66 -3.59 8.18 4.54
N CYS A 67 -4.30 8.02 5.63
CA CYS A 67 -5.46 8.86 5.91
C CYS A 67 -5.01 10.08 6.71
N LEU A 68 -5.10 11.25 6.09
CA LEU A 68 -4.84 12.50 6.77
C LEU A 68 -6.08 13.36 6.91
N GLU A 69 -7.26 12.82 6.60
CA GLU A 69 -8.47 13.62 6.57
C GLU A 69 -9.66 12.68 6.76
N MET A 70 -10.62 13.06 7.62
CA MET A 70 -11.70 12.12 7.93
C MET A 70 -12.59 11.78 6.75
N ARG A 71 -12.78 12.68 5.78
CA ARG A 71 -13.51 12.24 4.60
C ARG A 71 -12.78 11.09 3.92
N GLU A 72 -11.46 11.18 3.83
CA GLU A 72 -10.67 10.08 3.28
C GLU A 72 -10.83 8.82 4.13
N THR A 73 -10.78 8.98 5.46
CA THR A 73 -10.94 7.81 6.32
C THR A 73 -12.28 7.14 6.06
N ALA A 74 -13.34 7.93 5.95
CA ALA A 74 -14.67 7.36 5.71
C ALA A 74 -14.70 6.61 4.39
N ASP A 75 -14.19 7.21 3.33
CA ASP A 75 -14.20 6.53 2.04
C ASP A 75 -13.39 5.25 2.11
N ARG A 76 -12.23 5.29 2.75
CA ARG A 76 -11.39 4.12 2.84
C ARG A 76 -12.08 2.98 3.57
N ILE A 77 -12.64 3.26 4.74
CA ILE A 77 -13.21 2.17 5.53
C ILE A 77 -14.47 1.64 4.88
N GLN A 78 -15.30 2.50 4.30
CA GLN A 78 -16.48 1.96 3.64
C GLN A 78 -16.07 1.14 2.41
N GLN A 79 -14.98 1.53 1.76
CA GLN A 79 -14.43 0.70 0.69
C GLN A 79 -13.97 -0.65 1.22
N ALA A 80 -13.35 -0.66 2.40
CA ALA A 80 -12.94 -1.93 2.98
C ALA A 80 -14.15 -2.81 3.28
N PHE A 81 -15.22 -2.22 3.79
CA PHE A 81 -16.47 -2.96 3.99
C PHE A 81 -16.98 -3.53 2.67
N ARG A 82 -16.91 -2.73 1.62
CA ARG A 82 -17.23 -3.22 0.29
C ARG A 82 -16.39 -4.44 -0.06
N ILE A 83 -15.10 -4.40 0.24
CA ILE A 83 -14.21 -5.42 -0.27
C ILE A 83 -14.03 -6.57 0.72
N TYR A 84 -14.42 -6.39 1.98
CA TYR A 84 -14.20 -7.45 2.97
C TYR A 84 -15.50 -8.13 3.36
N LEU A 85 -16.51 -7.38 3.75
CA LEU A 85 -17.80 -7.96 4.08
C LEU A 85 -18.83 -7.79 2.98
N ASN A 86 -18.41 -7.35 1.79
CA ASN A 86 -19.30 -7.18 0.66
C ASN A 86 -20.53 -6.36 1.05
N ILE A 87 -20.32 -5.27 1.76
CA ILE A 87 -21.43 -4.42 2.16
C ILE A 87 -21.12 -3.00 1.70
N GLN A 88 -22.18 -2.19 1.64
CA GLN A 88 -22.08 -0.84 1.12
C GLN A 88 -22.59 0.10 2.20
N PRO A 89 -21.76 0.41 3.19
CA PRO A 89 -22.14 1.43 4.18
C PRO A 89 -22.09 2.79 3.52
N THR A 90 -23.05 3.65 3.83
CA THR A 90 -23.11 4.97 3.24
C THR A 90 -22.77 6.01 4.29
N ILE A 91 -21.69 6.77 4.04
CA ILE A 91 -21.22 7.73 5.02
C ILE A 91 -22.27 8.81 5.19
N SER A 92 -22.53 9.19 6.44
CA SER A 92 -23.50 10.24 6.70
C SER A 92 -23.25 10.83 8.08
N ASN A 93 -24.00 11.88 8.38
CA ASN A 93 -24.00 12.52 9.69
C ASN A 93 -22.59 12.92 10.11
N TRP A 94 -22.04 13.85 9.34
CA TRP A 94 -20.72 14.36 9.67
C TRP A 94 -20.80 15.29 10.87
N SER A 95 -19.70 15.33 11.62
CA SER A 95 -19.54 16.33 12.65
C SER A 95 -19.35 17.72 12.04
N PRO A 96 -19.83 18.76 12.69
CA PRO A 96 -19.41 20.12 12.28
C PRO A 96 -17.91 20.21 12.24
N ALA A 97 -17.25 19.58 13.20
CA ALA A 97 -15.82 19.49 13.21
C ALA A 97 -15.31 18.32 12.38
N SER A 98 -16.19 17.60 11.69
CA SER A 98 -15.84 16.49 10.83
C SER A 98 -15.26 15.31 11.59
N ASP A 99 -15.49 15.23 12.90
CA ASP A 99 -14.99 14.10 13.67
C ASP A 99 -15.91 12.89 13.55
N GLU A 100 -17.20 13.07 13.72
CA GLU A 100 -18.15 11.96 13.63
C GLU A 100 -18.64 11.75 12.21
N PHE A 101 -18.85 10.49 11.87
CA PHE A 101 -19.59 10.13 10.67
C PHE A 101 -20.23 8.76 10.90
N SER A 102 -21.26 8.48 10.13
CA SER A 102 -22.13 7.34 10.37
C SER A 102 -22.15 6.42 9.15
N LEU A 103 -22.15 5.11 9.41
CA LEU A 103 -22.02 4.08 8.39
C LEU A 103 -23.30 3.27 8.34
N VAL A 104 -24.07 3.43 7.26
CA VAL A 104 -25.44 2.96 7.20
C VAL A 104 -25.44 1.53 6.70
N PHE A 105 -25.61 0.57 7.61
CA PHE A 105 -25.73 -0.84 7.28
C PHE A 105 -27.20 -1.22 7.34
N ASP A 106 -27.83 -1.39 6.18
CA ASP A 106 -29.19 -1.92 6.15
C ASP A 106 -29.22 -3.35 6.68
N SER A 107 -28.31 -4.18 6.20
CA SER A 107 -28.13 -5.53 6.72
C SER A 107 -26.73 -5.58 7.29
N ASN A 108 -26.62 -5.66 8.60
CA ASN A 108 -25.35 -6.06 9.15
C ASN A 108 -25.04 -7.40 8.52
N PRO A 109 -24.04 -7.44 7.63
CA PRO A 109 -23.79 -8.68 6.90
C PRO A 109 -23.43 -9.82 7.82
N LEU A 110 -22.68 -9.52 8.87
CA LEU A 110 -22.14 -10.54 9.74
C LEU A 110 -23.19 -11.16 10.64
N THR A 111 -24.44 -10.73 10.53
CA THR A 111 -25.55 -11.34 11.24
C THR A 111 -26.71 -11.62 10.29
N GLU A 112 -27.20 -12.85 10.31
CA GLU A 112 -28.42 -13.26 9.60
C GLU A 112 -29.36 -13.91 10.61
N PHE A 113 -30.20 -13.07 11.24
CA PHE A 113 -31.01 -13.44 12.41
C PHE A 113 -30.19 -14.28 13.38
N VAL A 114 -29.13 -13.66 13.89
CA VAL A 114 -28.38 -14.29 14.97
C VAL A 114 -29.32 -14.59 16.13
N GLU A 115 -30.07 -13.58 16.56
CA GLU A 115 -31.26 -13.64 17.41
C GLU A 115 -31.84 -12.25 17.64
N LEU A 116 -33.12 -12.06 17.35
CA LEU A 116 -33.61 -10.72 17.60
C LEU A 116 -33.82 -10.54 19.11
N PRO A 117 -34.68 -11.30 19.78
CA PRO A 117 -34.59 -11.38 21.25
C PRO A 117 -33.75 -12.56 21.69
N PRO A 118 -32.57 -12.34 22.26
CA PRO A 118 -31.97 -13.33 23.17
C PRO A 118 -32.26 -13.06 24.63
N ASP A 119 -33.15 -12.10 24.92
CA ASP A 119 -33.47 -11.62 26.25
C ASP A 119 -32.30 -10.93 26.93
N LEU A 120 -31.45 -10.26 26.16
CA LEU A 120 -30.17 -9.78 26.69
C LEU A 120 -29.82 -8.45 26.03
N THR A 121 -30.22 -7.35 26.66
CA THR A 121 -29.60 -6.09 26.32
C THR A 121 -28.20 -6.06 26.90
N ASN A 122 -27.41 -5.05 26.51
CA ASN A 122 -25.98 -4.92 26.82
C ASN A 122 -25.15 -5.86 25.97
N LEU A 123 -25.74 -6.87 25.36
CA LEU A 123 -25.00 -7.76 24.49
C LEU A 123 -25.01 -7.11 23.11
N ARG A 124 -23.90 -6.49 22.74
CA ARG A 124 -23.79 -5.84 21.44
C ARG A 124 -22.94 -6.68 20.50
N TYR A 125 -23.43 -6.86 19.28
CA TYR A 125 -22.83 -7.79 18.34
C TYR A 125 -21.70 -7.15 17.56
N SER A 126 -21.95 -5.96 17.03
CA SER A 126 -21.02 -5.25 16.17
C SER A 126 -19.75 -4.84 16.88
N ALA A 127 -19.61 -5.18 18.16
CA ALA A 127 -18.37 -4.86 18.87
C ALA A 127 -17.17 -5.44 18.15
N ILE A 128 -17.34 -6.55 17.44
CA ILE A 128 -16.27 -7.09 16.64
C ILE A 128 -15.85 -6.09 15.57
N LEU A 129 -16.83 -5.45 14.92
CA LEU A 129 -16.52 -4.42 13.94
C LEU A 129 -15.79 -3.26 14.61
N SER A 130 -16.26 -2.86 15.79
CA SER A 130 -15.64 -1.73 16.48
C SER A 130 -14.17 -2.02 16.76
N GLY A 131 -13.89 -3.22 17.27
CA GLY A 131 -12.51 -3.61 17.49
C GLY A 131 -11.70 -3.61 16.21
N CYS A 132 -12.28 -4.15 15.14
CA CYS A 132 -11.54 -4.20 13.88
C CYS A 132 -11.21 -2.80 13.38
N ILE A 133 -12.18 -1.90 13.44
CA ILE A 133 -11.98 -0.56 12.91
C ILE A 133 -10.92 0.17 13.72
N ARG A 134 -10.95 0.02 15.05
CA ARG A 134 -9.97 0.73 15.87
C ARG A 134 -8.57 0.15 15.70
N GLY A 135 -8.43 -1.17 15.70
CA GLY A 135 -7.11 -1.76 15.55
C GLY A 135 -6.52 -1.47 14.20
N ALA A 136 -7.34 -1.56 13.16
CA ALA A 136 -6.92 -1.10 11.85
C ALA A 136 -6.42 0.34 11.92
N LEU A 137 -7.22 1.23 12.50
CA LEU A 137 -6.89 2.64 12.46
C LEU A 137 -5.57 2.93 13.18
N GLU A 138 -5.37 2.32 14.35
CA GLU A 138 -4.12 2.57 15.04
C GLU A 138 -2.92 1.99 14.30
N MET A 139 -3.09 0.91 13.53
CA MET A 139 -2.01 0.59 12.58
C MET A 139 -1.63 1.77 11.69
N VAL A 140 -2.59 2.59 11.29
CA VAL A 140 -2.30 3.71 10.41
C VAL A 140 -2.23 5.03 11.17
N GLN A 141 -1.99 4.97 12.48
CA GLN A 141 -1.75 6.17 13.28
C GLN A 141 -2.96 7.08 13.29
N LEU A 142 -4.07 6.56 13.78
CA LEU A 142 -5.31 7.29 13.91
C LEU A 142 -6.05 6.71 15.10
N GLU A 143 -5.87 7.31 16.28
CA GLU A 143 -6.59 6.84 17.45
C GLU A 143 -7.96 7.47 17.43
N VAL A 144 -8.95 6.69 17.03
CA VAL A 144 -10.33 7.11 17.02
C VAL A 144 -11.12 6.09 17.82
N GLN A 145 -11.97 6.58 18.71
CA GLN A 145 -12.88 5.72 19.46
C GLN A 145 -14.01 5.28 18.56
N CYS A 146 -14.60 4.13 18.86
CA CYS A 146 -15.67 3.59 18.05
C CYS A 146 -16.80 3.07 18.93
N TRP A 147 -18.04 3.32 18.51
CA TRP A 147 -19.21 2.80 19.19
C TRP A 147 -20.35 2.74 18.18
N PHE A 148 -21.58 2.57 18.67
CA PHE A 148 -22.69 2.22 17.80
C PHE A 148 -23.96 2.97 18.19
N VAL A 149 -24.24 4.03 17.44
CA VAL A 149 -25.38 4.89 17.76
C VAL A 149 -26.69 4.16 17.57
N GLN A 150 -26.81 3.38 16.50
CA GLN A 150 -28.01 2.57 16.28
C GLN A 150 -27.60 1.15 15.94
N ASP A 151 -28.46 0.21 16.28
CA ASP A 151 -28.16 -1.21 16.07
C ASP A 151 -29.48 -1.95 15.93
N GLN A 152 -29.71 -2.53 14.76
CA GLN A 152 -30.97 -3.21 14.48
C GLN A 152 -31.32 -4.21 15.55
N LEU A 153 -30.36 -5.04 15.92
CA LEU A 153 -30.60 -6.13 16.85
C LEU A 153 -31.15 -5.61 18.17
N LYS A 154 -30.63 -4.50 18.63
CA LYS A 154 -31.12 -3.97 19.89
C LYS A 154 -32.46 -3.24 19.74
N GLY A 155 -33.18 -3.49 18.66
CA GLY A 155 -34.47 -2.87 18.44
C GLY A 155 -34.52 -1.81 17.37
N ASP A 156 -33.43 -1.58 16.65
CA ASP A 156 -33.42 -0.51 15.65
C ASP A 156 -33.76 -1.04 14.27
N ASN A 157 -33.86 -0.12 13.33
CA ASN A 157 -34.14 -0.45 11.94
C ASN A 157 -32.90 -0.43 11.08
N VAL A 158 -31.89 0.31 11.48
CA VAL A 158 -30.61 0.33 10.78
C VAL A 158 -29.51 0.26 11.82
N THR A 159 -28.48 -0.52 11.54
CA THR A 159 -27.35 -0.62 12.45
C THR A 159 -26.31 0.40 12.03
N GLU A 160 -25.97 1.30 12.96
CA GLU A 160 -25.16 2.47 12.64
C GLU A 160 -23.97 2.55 13.59
N LEU A 161 -22.78 2.34 13.04
CA LEU A 161 -21.54 2.52 13.77
C LEU A 161 -21.23 4.01 13.82
N ARG A 162 -20.57 4.45 14.89
CA ARG A 162 -20.13 5.82 15.03
C ARG A 162 -18.65 5.86 15.39
N VAL A 163 -17.90 6.73 14.72
CA VAL A 163 -16.53 7.02 15.08
C VAL A 163 -16.35 8.53 15.06
N LYS A 164 -15.59 9.02 16.05
CA LYS A 164 -15.31 10.44 16.22
C LYS A 164 -13.81 10.62 16.37
N PHE A 165 -13.23 11.56 15.62
CA PHE A 165 -11.78 11.70 15.63
C PHE A 165 -11.33 12.23 16.97
N VAL A 166 -10.67 11.38 17.75
CA VAL A 166 -10.26 11.77 19.09
C VAL A 166 -8.87 12.35 19.11
N ARG A 167 -7.91 11.66 18.50
CA ARG A 167 -6.55 12.14 18.54
C ARG A 167 -5.80 11.67 17.30
N ARG A 168 -4.86 12.50 16.88
CA ARG A 168 -3.96 12.16 15.79
C ARG A 168 -2.68 11.60 16.41
N LEU A 169 -2.55 10.28 16.42
CA LEU A 169 -1.31 9.70 16.88
C LEU A 169 -0.18 10.10 15.95
N GLU A 170 1.02 10.21 16.51
CA GLU A 170 2.20 10.48 15.72
C GLU A 170 3.33 9.56 16.12
N GLU A 171 4.04 9.07 15.13
CA GLU A 171 5.28 8.34 15.37
C GLU A 171 6.28 9.23 16.08
N VAL A 172 6.96 8.67 17.07
CA VAL A 172 7.92 9.39 17.90
C VAL A 172 9.10 8.46 18.16
N ILE A 173 10.07 8.92 18.95
CA ILE A 173 11.18 8.16 19.50
C ILE A 173 11.85 7.35 18.40
N PRO A 174 12.63 8.00 17.53
CA PRO A 174 13.22 7.52 16.28
C PRO A 174 13.96 6.19 16.42
N SER B 2 -11.79 -11.46 -1.88
CA SER B 2 -10.86 -12.30 -1.13
C SER B 2 -11.41 -12.55 0.26
N GLU B 3 -12.61 -13.12 0.31
CA GLU B 3 -13.36 -13.24 1.54
C GLU B 3 -12.73 -14.18 2.54
N GLU B 4 -11.76 -15.00 2.13
CA GLU B 4 -11.20 -15.99 3.05
C GLU B 4 -10.45 -15.33 4.19
N ILE B 5 -9.89 -14.14 3.96
CA ILE B 5 -8.93 -13.58 4.90
C ILE B 5 -9.56 -13.40 6.27
N LEU B 6 -10.84 -13.02 6.29
CA LEU B 6 -11.55 -12.96 7.55
C LEU B 6 -11.45 -14.28 8.30
N PHE B 7 -11.78 -15.38 7.63
CA PHE B 7 -11.84 -16.64 8.35
C PHE B 7 -10.44 -17.11 8.73
N ASP B 8 -9.44 -16.88 7.87
CA ASP B 8 -8.09 -17.27 8.25
C ASP B 8 -7.66 -16.54 9.51
N CYS B 9 -7.88 -15.23 9.57
CA CYS B 9 -7.50 -14.48 10.76
C CYS B 9 -8.28 -14.95 11.99
N LEU B 10 -9.59 -15.16 11.83
CA LEU B 10 -10.43 -15.50 12.98
C LEU B 10 -10.09 -16.87 13.54
N HIS B 11 -9.93 -17.86 12.67
CA HIS B 11 -9.48 -19.16 13.15
C HIS B 11 -8.07 -19.06 13.72
N ALA B 12 -7.23 -18.18 13.18
CA ALA B 12 -5.91 -17.99 13.75
C ALA B 12 -6.00 -17.54 15.20
N GLU B 13 -6.83 -16.54 15.46
CA GLU B 13 -6.93 -16.05 16.83
C GLU B 13 -7.59 -17.09 17.74
N ILE B 14 -8.46 -17.95 17.22
CA ILE B 14 -8.93 -19.07 18.01
C ILE B 14 -7.77 -20.01 18.35
N VAL B 15 -6.91 -20.29 17.38
CA VAL B 15 -5.70 -21.06 17.68
C VAL B 15 -4.94 -20.38 18.79
N ASN B 16 -5.01 -19.05 18.85
CA ASN B 16 -4.35 -18.33 19.93
C ASN B 16 -4.94 -18.69 21.28
N TYR B 17 -6.16 -18.27 21.59
CA TYR B 17 -6.57 -18.40 22.98
C TYR B 17 -7.22 -19.75 23.19
N CYS B 18 -6.72 -20.47 24.17
CA CYS B 18 -7.30 -21.70 24.66
C CYS B 18 -7.23 -21.61 26.18
N LEU B 19 -8.38 -21.37 26.80
CA LEU B 19 -8.41 -21.25 28.25
C LEU B 19 -8.34 -22.64 28.86
N ASP B 20 -7.75 -22.72 30.04
CA ASP B 20 -7.36 -24.02 30.57
C ASP B 20 -8.52 -24.86 31.07
N SER B 21 -9.75 -24.32 31.09
CA SER B 21 -10.89 -25.08 31.60
C SER B 21 -11.12 -26.34 30.78
N ASN B 22 -11.22 -26.20 29.48
CA ASN B 22 -11.32 -27.31 28.54
C ASN B 22 -10.31 -27.06 27.43
N LYS B 23 -9.82 -28.15 26.83
CA LYS B 23 -9.03 -27.94 25.63
C LYS B 23 -9.92 -27.28 24.58
N GLU B 24 -10.88 -28.01 24.05
CA GLU B 24 -11.70 -27.50 22.96
C GLU B 24 -13.02 -27.07 23.54
N HIS B 25 -13.13 -25.79 23.85
CA HIS B 25 -14.43 -25.23 24.17
C HIS B 25 -15.32 -25.20 22.95
N ASP B 26 -14.77 -25.46 21.76
CA ASP B 26 -15.53 -25.34 20.53
C ASP B 26 -16.64 -26.37 20.45
N LEU B 27 -17.86 -25.92 20.66
CA LEU B 27 -19.00 -26.74 20.34
C LEU B 27 -19.19 -26.79 18.82
N ALA B 28 -20.04 -27.68 18.37
CA ALA B 28 -20.12 -27.99 16.94
C ALA B 28 -21.24 -27.25 16.21
N THR B 29 -21.97 -26.34 16.87
CA THR B 29 -23.07 -25.67 16.19
C THR B 29 -22.59 -25.02 14.91
N LEU B 30 -21.32 -24.61 14.88
CA LEU B 30 -20.72 -24.20 13.63
C LEU B 30 -20.89 -25.28 12.58
N GLU B 31 -20.49 -26.51 12.92
CA GLU B 31 -20.57 -27.60 11.96
C GLU B 31 -22.02 -27.90 11.57
N TYR B 32 -22.92 -28.00 12.56
CA TYR B 32 -24.31 -28.31 12.26
C TYR B 32 -24.91 -27.29 11.30
N ILE B 33 -24.97 -26.02 11.74
CA ILE B 33 -25.59 -25.01 10.91
C ILE B 33 -24.85 -24.86 9.58
N GLY B 34 -23.53 -25.11 9.58
CA GLY B 34 -22.77 -24.99 8.35
C GLY B 34 -23.15 -26.02 7.31
N PHE B 35 -23.29 -27.29 7.72
CA PHE B 35 -23.68 -28.28 6.72
C PHE B 35 -25.12 -28.04 6.29
N THR B 36 -25.97 -27.54 7.20
CA THR B 36 -27.32 -27.20 6.76
C THR B 36 -27.30 -26.09 5.72
N THR B 37 -26.42 -25.12 5.88
CA THR B 37 -26.27 -24.06 4.88
C THR B 37 -25.77 -24.62 3.56
N GLY B 38 -24.67 -25.38 3.60
CA GLY B 38 -24.15 -25.97 2.38
C GLY B 38 -25.20 -26.79 1.67
N TYR B 39 -26.05 -27.45 2.44
CA TYR B 39 -27.12 -28.25 1.86
C TYR B 39 -28.28 -27.39 1.39
N ARG B 40 -28.39 -26.16 1.90
CA ARG B 40 -29.25 -25.20 1.21
C ARG B 40 -28.72 -24.95 -0.18
N LEU B 41 -27.40 -24.86 -0.31
CA LEU B 41 -26.80 -24.84 -1.64
C LEU B 41 -26.85 -26.23 -2.29
N ILE B 42 -26.81 -27.30 -1.51
CA ILE B 42 -27.06 -28.65 -2.06
C ILE B 42 -28.57 -28.87 -1.98
N GLU B 43 -29.29 -28.19 -2.86
CA GLU B 43 -30.70 -28.47 -3.03
C GLU B 43 -30.90 -29.60 -4.03
N ARG B 44 -29.79 -30.21 -4.47
CA ARG B 44 -29.80 -31.35 -5.35
C ARG B 44 -28.59 -32.21 -5.01
N LEU B 45 -28.82 -33.48 -4.70
CA LEU B 45 -27.72 -34.43 -4.66
C LEU B 45 -28.20 -35.75 -5.21
N THR B 46 -27.25 -36.54 -5.71
CA THR B 46 -27.56 -37.72 -6.51
C THR B 46 -28.19 -38.82 -5.67
N ARG B 47 -29.47 -38.65 -5.35
CA ARG B 47 -30.27 -39.72 -4.76
C ARG B 47 -31.61 -39.73 -5.47
N GLU B 48 -32.11 -40.93 -5.74
CA GLU B 48 -33.23 -41.10 -6.64
C GLU B 48 -34.50 -40.45 -6.08
N VAL B 49 -35.40 -40.13 -7.01
CA VAL B 49 -36.64 -39.44 -6.65
C VAL B 49 -37.53 -40.33 -5.78
N SER B 50 -37.52 -41.63 -6.00
CA SER B 50 -38.36 -42.54 -5.22
C SER B 50 -37.74 -42.82 -3.85
N ARG B 51 -38.59 -42.86 -2.83
CA ARG B 51 -38.13 -42.90 -1.45
C ARG B 51 -37.61 -44.26 -1.00
N PHE B 52 -38.20 -45.37 -1.46
CA PHE B 52 -37.80 -46.69 -0.97
C PHE B 52 -36.37 -47.05 -1.36
N LYS B 53 -35.99 -46.92 -2.62
CA LYS B 53 -34.67 -47.35 -3.05
C LYS B 53 -33.63 -46.45 -2.41
N ASP B 54 -33.03 -46.93 -1.33
CA ASP B 54 -32.12 -46.14 -0.50
C ASP B 54 -30.70 -46.25 -1.02
N GLU B 55 -30.15 -45.12 -1.47
CA GLU B 55 -28.77 -45.03 -1.91
C GLU B 55 -27.98 -44.18 -0.93
N LEU B 56 -26.84 -44.71 -0.51
CA LEU B 56 -25.95 -44.04 0.42
C LEU B 56 -24.85 -43.32 -0.34
N GLU B 57 -24.56 -42.09 0.07
CA GLU B 57 -23.54 -41.29 -0.57
C GLU B 57 -22.31 -41.27 0.32
N THR B 58 -21.20 -41.78 -0.19
CA THR B 58 -20.03 -41.82 0.67
C THR B 58 -19.75 -40.42 1.18
N MET B 59 -19.93 -40.21 2.49
CA MET B 59 -19.59 -38.93 3.10
C MET B 59 -18.15 -38.56 2.80
N LYS B 60 -17.35 -39.52 2.36
CA LYS B 60 -16.08 -39.19 1.75
C LYS B 60 -16.27 -38.25 0.58
N PHE B 61 -17.15 -38.63 -0.36
CA PHE B 61 -17.44 -37.77 -1.50
C PHE B 61 -18.10 -36.48 -1.05
N ILE B 62 -19.06 -36.57 -0.14
CA ILE B 62 -19.74 -35.36 0.28
C ILE B 62 -18.76 -34.45 1.00
N CYS B 63 -17.76 -35.03 1.66
CA CYS B 63 -16.69 -34.27 2.26
C CYS B 63 -15.85 -33.59 1.20
N THR B 64 -15.58 -34.28 0.10
CA THR B 64 -14.92 -33.64 -1.04
C THR B 64 -15.68 -32.38 -1.45
N ASP B 65 -16.99 -32.54 -1.67
CA ASP B 65 -17.81 -31.43 -2.15
C ASP B 65 -17.87 -30.31 -1.12
N PHE B 66 -17.99 -30.66 0.16
CA PHE B 66 -18.06 -29.65 1.22
C PHE B 66 -16.76 -28.87 1.30
N TRP B 67 -15.64 -29.53 1.08
CA TRP B 67 -14.39 -28.81 0.98
C TRP B 67 -14.42 -27.84 -0.19
N MET B 68 -14.90 -28.29 -1.35
CA MET B 68 -15.01 -27.35 -2.47
C MET B 68 -15.92 -26.17 -2.12
N LEU B 69 -16.91 -26.39 -1.25
CA LEU B 69 -17.75 -25.30 -0.82
C LEU B 69 -17.07 -24.42 0.22
N ILE B 70 -16.12 -24.97 0.97
CA ILE B 70 -15.47 -24.23 2.04
C ILE B 70 -13.96 -24.29 1.88
N TYR B 71 -13.41 -25.49 2.00
CA TYR B 71 -11.96 -25.68 2.00
C TYR B 71 -11.36 -25.54 0.61
N LYS B 72 -12.17 -25.69 -0.44
CA LYS B 72 -11.86 -25.31 -1.80
C LYS B 72 -10.84 -26.22 -2.49
N LYS B 73 -10.11 -27.01 -1.74
CA LYS B 73 -9.07 -27.85 -2.32
C LYS B 73 -9.38 -29.28 -1.94
N GLN B 74 -9.07 -30.20 -2.85
CA GLN B 74 -9.68 -31.51 -2.86
C GLN B 74 -8.99 -32.47 -1.90
N VAL B 75 -9.78 -33.37 -1.30
CA VAL B 75 -9.20 -34.42 -0.48
C VAL B 75 -8.61 -35.50 -1.38
N ASP B 76 -7.38 -35.92 -1.05
CA ASP B 76 -6.52 -36.60 -2.01
C ASP B 76 -6.49 -38.12 -1.83
N ASN B 77 -6.04 -38.58 -0.68
CA ASN B 77 -5.74 -39.99 -0.47
C ASN B 77 -6.72 -40.56 0.53
N LEU B 78 -7.62 -41.41 0.05
CA LEU B 78 -8.85 -41.74 0.75
C LEU B 78 -8.86 -43.25 0.98
N ARG B 79 -8.31 -43.67 2.12
CA ARG B 79 -8.21 -45.07 2.49
C ARG B 79 -9.34 -45.39 3.45
N THR B 80 -9.96 -46.55 3.28
CA THR B 80 -11.19 -46.86 4.00
C THR B 80 -11.22 -48.34 4.38
N ASN B 81 -11.48 -48.60 5.66
CA ASN B 81 -11.71 -49.95 6.11
C ASN B 81 -13.10 -50.40 5.72
N ASN B 82 -13.42 -51.66 6.02
CA ASN B 82 -14.71 -52.21 5.65
C ASN B 82 -15.85 -51.44 6.30
N HIS B 83 -15.78 -51.25 7.61
CA HIS B 83 -16.88 -50.65 8.34
C HIS B 83 -16.65 -49.16 8.52
N GLY B 84 -17.48 -48.53 9.36
CA GLY B 84 -17.56 -47.08 9.39
C GLY B 84 -16.27 -46.39 9.75
N MET B 85 -15.31 -47.14 10.28
CA MET B 85 -13.99 -46.59 10.54
C MET B 85 -13.22 -46.45 9.23
N TYR B 86 -12.58 -45.30 9.06
CA TYR B 86 -11.71 -45.05 7.91
C TYR B 86 -11.02 -43.72 8.15
N VAL B 87 -10.41 -43.18 7.09
CA VAL B 87 -9.52 -42.03 7.19
C VAL B 87 -9.46 -41.30 5.85
N VAL B 88 -9.00 -40.06 5.91
CA VAL B 88 -8.53 -39.32 4.75
C VAL B 88 -7.07 -38.99 4.97
N GLN B 89 -6.28 -39.09 3.90
CA GLN B 89 -4.90 -38.64 3.87
C GLN B 89 -4.81 -37.52 2.87
N ASP B 90 -4.54 -36.32 3.34
CA ASP B 90 -4.51 -35.13 2.50
C ASP B 90 -3.13 -34.52 2.57
N LYS B 91 -2.55 -34.25 1.40
CA LYS B 91 -1.21 -33.67 1.36
C LYS B 91 -1.22 -32.21 1.81
N ALA B 92 -2.29 -31.48 1.53
CA ALA B 92 -2.34 -30.06 1.83
C ALA B 92 -3.55 -29.77 2.71
N PHE B 93 -3.35 -28.93 3.72
CA PHE B 93 -4.45 -28.40 4.51
C PHE B 93 -4.33 -26.89 4.65
N ARG B 94 -5.42 -26.18 4.38
CA ARG B 94 -5.34 -24.74 4.16
C ARG B 94 -4.78 -24.01 5.38
N PHE B 95 -5.29 -24.34 6.57
CA PHE B 95 -4.80 -23.63 7.74
C PHE B 95 -3.37 -24.02 8.05
N LEU B 96 -2.97 -25.23 7.65
CA LEU B 96 -1.59 -25.61 7.79
C LEU B 96 -0.78 -25.37 6.52
N THR B 97 -1.38 -24.77 5.50
CA THR B 97 -0.59 -24.28 4.38
C THR B 97 0.20 -23.04 4.77
N ARG B 98 -0.33 -22.24 5.69
CA ARG B 98 0.33 -21.02 6.13
C ARG B 98 1.40 -21.27 7.17
N ILE B 99 1.44 -22.43 7.75
CA ILE B 99 2.47 -22.71 8.74
C ILE B 99 3.63 -23.35 8.00
N SER B 100 4.81 -23.26 8.57
CA SER B 100 5.98 -23.84 7.93
C SER B 100 5.76 -25.33 7.72
N PRO B 101 6.08 -25.87 6.55
CA PRO B 101 5.88 -27.31 6.31
C PRO B 101 6.69 -28.21 7.22
N GLY B 102 7.78 -27.72 7.80
CA GLY B 102 8.57 -28.52 8.70
C GLY B 102 7.77 -28.99 9.90
N THR B 103 7.80 -30.29 10.16
CA THR B 103 6.90 -30.92 11.14
C THR B 103 7.28 -30.46 12.55
N LYS B 104 6.92 -29.22 12.86
CA LYS B 104 7.34 -28.60 14.12
C LYS B 104 6.18 -28.01 14.89
N GLN B 105 5.06 -27.80 14.23
CA GLN B 105 3.90 -27.13 14.82
C GLN B 105 2.69 -28.02 14.55
N LEU B 106 2.46 -28.96 15.46
CA LEU B 106 1.56 -30.08 15.19
C LEU B 106 0.28 -29.99 15.99
N GLU B 107 0.35 -29.32 17.13
CA GLU B 107 -0.73 -29.23 18.10
C GLU B 107 -1.99 -28.57 17.57
N HIS B 108 -1.88 -27.78 16.51
CA HIS B 108 -2.98 -26.91 16.15
C HIS B 108 -4.11 -27.64 15.43
N ALA B 109 -4.16 -28.96 15.52
CA ALA B 109 -5.09 -29.73 14.69
C ALA B 109 -6.51 -29.83 15.25
N PRO B 110 -6.74 -30.05 16.54
CA PRO B 110 -8.11 -30.37 16.98
C PRO B 110 -9.14 -29.31 16.65
N LYS B 111 -8.76 -28.04 16.64
CA LYS B 111 -9.60 -26.99 16.09
C LYS B 111 -9.94 -27.29 14.64
N PHE B 112 -9.06 -28.00 13.96
CA PHE B 112 -9.27 -28.30 12.56
C PHE B 112 -10.27 -29.44 12.44
N VAL B 113 -10.06 -30.47 13.24
CA VAL B 113 -10.76 -31.75 13.07
C VAL B 113 -12.15 -31.71 13.68
N ALA B 114 -12.38 -30.81 14.64
CA ALA B 114 -13.73 -30.68 15.16
C ALA B 114 -14.66 -30.19 14.07
N PHE B 115 -14.14 -29.34 13.20
CA PHE B 115 -14.98 -28.71 12.19
C PHE B 115 -15.54 -29.74 11.22
N THR B 116 -14.84 -30.86 11.03
CA THR B 116 -15.39 -31.93 10.21
C THR B 116 -16.23 -32.93 11.02
N CYS B 117 -16.24 -32.83 12.34
CA CYS B 117 -17.18 -33.59 13.15
C CYS B 117 -18.51 -32.85 13.13
N GLY B 118 -19.41 -33.25 14.02
CA GLY B 118 -20.57 -32.44 14.30
C GLY B 118 -21.43 -32.13 13.10
N LEU B 119 -21.64 -33.14 12.27
CA LEU B 119 -22.55 -33.04 11.16
C LEU B 119 -23.57 -34.17 11.31
N VAL B 120 -24.84 -33.79 11.33
CA VAL B 120 -25.90 -34.73 11.70
C VAL B 120 -25.82 -35.97 10.83
N ARG B 121 -26.29 -37.09 11.38
CA ARG B 121 -26.16 -38.40 10.76
C ARG B 121 -27.26 -38.65 9.75
N GLY B 122 -27.18 -39.80 9.09
CA GLY B 122 -28.30 -40.36 8.36
C GLY B 122 -28.57 -41.80 8.78
N ALA B 123 -29.82 -42.23 8.65
CA ALA B 123 -30.18 -43.58 9.06
C ALA B 123 -29.46 -44.64 8.24
N LEU B 124 -29.56 -44.55 6.92
CA LEU B 124 -28.74 -45.40 6.08
C LEU B 124 -27.28 -44.99 6.21
N SER B 125 -26.41 -45.97 6.47
CA SER B 125 -25.01 -45.65 6.71
C SER B 125 -24.34 -45.22 5.41
N ASN B 126 -23.21 -44.52 5.54
CA ASN B 126 -22.43 -44.03 4.40
C ASN B 126 -23.30 -43.20 3.46
N LEU B 127 -24.26 -42.47 4.03
CA LEU B 127 -25.20 -41.66 3.27
C LEU B 127 -24.70 -40.25 2.99
N GLY B 128 -23.68 -39.79 3.71
CA GLY B 128 -23.01 -38.56 3.33
C GLY B 128 -22.91 -37.41 4.31
N ILE B 129 -23.35 -37.58 5.57
CA ILE B 129 -23.55 -36.42 6.45
C ILE B 129 -23.03 -36.62 7.88
N ASN B 130 -22.91 -37.88 8.31
CA ASN B 130 -22.47 -38.21 9.66
C ASN B 130 -21.03 -37.74 9.90
N SER B 131 -20.66 -37.58 11.18
CA SER B 131 -19.35 -37.01 11.49
C SER B 131 -18.98 -37.22 12.97
N THR B 132 -17.78 -37.76 13.20
CA THR B 132 -17.12 -37.79 14.52
C THR B 132 -15.66 -38.08 14.25
N VAL B 133 -14.78 -37.08 14.30
CA VAL B 133 -13.52 -37.24 13.60
C VAL B 133 -12.34 -36.81 14.47
N THR B 134 -11.26 -37.59 14.39
CA THR B 134 -9.99 -37.29 15.05
C THR B 134 -8.96 -37.04 13.97
N ALA B 135 -7.91 -36.28 14.29
CA ALA B 135 -6.87 -35.93 13.35
C ALA B 135 -5.49 -36.29 13.88
N GLU B 136 -4.58 -36.67 12.98
CA GLU B 136 -3.21 -36.99 13.35
C GLU B 136 -2.24 -36.38 12.33
N VAL B 137 -1.99 -35.07 12.47
CA VAL B 137 -1.26 -34.32 11.47
C VAL B 137 0.23 -34.59 11.67
N GLN B 138 0.79 -35.49 10.86
CA GLN B 138 2.23 -35.72 10.92
C GLN B 138 2.99 -34.59 10.25
N SER B 139 2.78 -34.41 8.94
CA SER B 139 3.40 -33.31 8.22
C SER B 139 2.46 -32.11 8.19
N ILE B 140 3.04 -30.92 8.30
CA ILE B 140 2.27 -29.70 8.55
C ILE B 140 1.16 -29.52 7.52
N PRO B 141 1.46 -29.31 6.25
CA PRO B 141 0.34 -29.15 5.30
C PRO B 141 -0.53 -30.38 5.25
N ALA B 142 0.05 -31.54 5.56
CA ALA B 142 -0.63 -32.82 5.40
C ALA B 142 -1.41 -33.12 6.67
N CYS B 143 -2.65 -32.70 6.70
CA CYS B 143 -3.57 -33.15 7.73
C CYS B 143 -3.89 -34.62 7.52
N LYS B 144 -4.24 -35.30 8.61
CA LYS B 144 -4.69 -36.68 8.57
C LYS B 144 -5.94 -36.80 9.43
N PHE B 145 -7.09 -36.58 8.83
CA PHE B 145 -8.36 -36.65 9.54
C PHE B 145 -8.76 -38.11 9.63
N HIS B 146 -8.68 -38.66 10.83
CA HIS B 146 -8.98 -40.07 11.03
C HIS B 146 -10.44 -40.15 11.45
N ILE B 147 -11.23 -40.84 10.65
CA ILE B 147 -12.68 -40.80 10.84
C ILE B 147 -13.08 -41.91 11.81
N GLU B 148 -14.08 -41.64 12.63
CA GLU B 148 -14.83 -42.70 13.30
C GLU B 148 -16.30 -42.35 13.23
N VAL B 149 -17.10 -43.24 12.63
CA VAL B 149 -18.52 -42.98 12.62
C VAL B 149 -19.05 -42.94 14.04
N ASN B 150 -20.20 -42.28 14.21
CA ASN B 150 -20.86 -42.29 15.51
C ASN B 150 -21.30 -43.70 15.88
N ARG B 151 -21.65 -44.51 14.89
CA ARG B 151 -21.93 -45.91 15.14
C ARG B 151 -20.61 -46.66 15.26
N ASN B 152 -20.68 -47.99 15.31
CA ASN B 152 -19.50 -48.85 15.26
C ASN B 152 -18.58 -48.48 14.11
N MET C 1 23.91 -12.13 -10.48
CA MET C 1 24.26 -10.98 -9.66
C MET C 1 23.02 -10.40 -9.00
N THR C 2 22.47 -11.15 -8.04
CA THR C 2 21.18 -10.80 -7.45
C THR C 2 21.35 -9.68 -6.42
N ILE C 3 20.20 -9.25 -5.86
CA ILE C 3 20.15 -8.19 -4.86
C ILE C 3 21.10 -8.47 -3.71
N PHE C 4 21.53 -7.39 -3.05
CA PHE C 4 22.33 -7.52 -1.84
C PHE C 4 21.48 -7.98 -0.66
N ASN C 5 20.54 -7.15 -0.22
CA ASN C 5 19.79 -7.48 0.99
C ASN C 5 18.45 -6.77 0.98
N LEU C 6 17.71 -6.93 2.09
CA LEU C 6 16.34 -6.46 2.20
C LEU C 6 15.95 -6.31 3.67
N TYR C 7 15.33 -5.18 4.00
CA TYR C 7 15.03 -4.83 5.39
C TYR C 7 13.55 -4.54 5.59
N ILE C 8 13.10 -4.76 6.82
CA ILE C 8 11.74 -4.52 7.24
C ILE C 8 11.77 -3.82 8.60
N PHE C 9 10.89 -2.85 8.79
CA PHE C 9 10.85 -2.12 10.05
C PHE C 9 9.42 -1.69 10.34
N ASP C 10 8.94 -1.97 11.55
CA ASP C 10 7.57 -1.65 11.90
C ASP C 10 7.38 -0.16 12.11
N LYS C 11 6.11 0.23 12.27
CA LYS C 11 5.79 1.61 12.60
C LYS C 11 6.30 2.00 13.97
N PHE C 12 6.85 1.05 14.71
CA PHE C 12 7.57 1.38 15.94
C PHE C 12 9.07 1.34 15.75
N GLY C 13 9.53 1.08 14.53
CA GLY C 13 10.94 1.12 14.24
C GLY C 13 11.73 -0.12 14.61
N THR C 14 11.11 -1.28 14.63
CA THR C 14 11.83 -2.50 14.99
C THR C 14 12.09 -3.37 13.78
N LEU C 15 13.31 -3.90 13.71
CA LEU C 15 13.72 -4.76 12.60
C LEU C 15 12.91 -6.05 12.64
N LEU C 16 12.15 -6.31 11.58
CA LEU C 16 11.42 -7.56 11.50
C LEU C 16 12.29 -8.68 10.95
N HIS C 17 12.93 -8.43 9.82
CA HIS C 17 13.77 -9.46 9.23
C HIS C 17 14.80 -8.83 8.31
N TYR C 18 15.89 -9.56 8.13
CA TYR C 18 16.94 -9.18 7.22
C TYR C 18 17.33 -10.41 6.42
N ALA C 19 17.21 -10.34 5.10
CA ALA C 19 17.66 -11.41 4.23
C ALA C 19 18.75 -10.87 3.33
N GLU C 20 19.85 -11.58 3.26
CA GLU C 20 21.02 -11.16 2.50
C GLU C 20 21.26 -12.17 1.39
N TRP C 21 21.73 -11.69 0.26
CA TRP C 21 22.16 -12.57 -0.82
C TRP C 21 23.59 -12.30 -1.25
N ASN C 22 23.92 -11.03 -1.53
CA ASN C 22 25.17 -10.71 -2.21
C ASN C 22 25.93 -9.56 -1.58
N ARG C 23 25.50 -9.05 -0.42
CA ARG C 23 26.31 -8.09 0.30
C ARG C 23 27.67 -8.70 0.64
N THR C 24 28.73 -7.95 0.39
CA THR C 24 30.09 -8.45 0.55
C THR C 24 30.91 -7.69 1.59
N LYS C 25 30.74 -6.37 1.70
CA LYS C 25 31.50 -5.63 2.69
C LYS C 25 31.13 -6.09 4.09
N LYS C 26 31.99 -6.90 4.71
CA LYS C 26 31.63 -7.62 5.92
C LYS C 26 31.54 -6.65 7.09
N SER C 27 30.37 -6.63 7.73
CA SER C 27 30.00 -5.52 8.59
C SER C 27 30.77 -5.57 9.91
N GLY C 28 31.32 -4.42 10.30
CA GLY C 28 31.91 -4.31 11.63
C GLY C 28 30.86 -4.21 12.72
N ILE C 29 29.64 -3.86 12.35
CA ILE C 29 28.55 -3.72 13.30
C ILE C 29 27.65 -4.95 13.27
N THR C 30 27.32 -5.46 14.45
CA THR C 30 26.33 -6.53 14.51
C THR C 30 25.00 -6.00 13.98
N ARG C 31 24.30 -6.87 13.26
CA ARG C 31 23.27 -6.43 12.33
C ARG C 31 22.17 -5.64 13.04
N GLU C 32 21.91 -5.94 14.31
CA GLU C 32 20.79 -5.32 14.99
C GLU C 32 21.02 -3.83 15.18
N GLU C 33 22.21 -3.44 15.65
CA GLU C 33 22.50 -2.03 15.80
C GLU C 33 22.49 -1.35 14.45
N GLU C 34 22.95 -2.07 13.42
CA GLU C 34 22.94 -1.49 12.08
C GLU C 34 21.52 -1.20 11.64
N ALA C 35 20.61 -2.13 11.89
CA ALA C 35 19.21 -1.91 11.54
C ALA C 35 18.65 -0.73 12.31
N LYS C 36 19.01 -0.62 13.58
CA LYS C 36 18.56 0.54 14.33
C LYS C 36 19.09 1.83 13.72
N LEU C 37 20.38 1.86 13.38
CA LEU C 37 20.99 3.02 12.76
C LEU C 37 20.30 3.40 11.47
N THR C 38 20.00 2.40 10.64
CA THR C 38 19.34 2.67 9.39
C THR C 38 17.92 3.19 9.61
N TYR C 39 17.18 2.62 10.56
CA TYR C 39 15.84 3.13 10.78
C TYR C 39 15.87 4.57 11.24
N GLY C 40 16.79 4.89 12.15
CA GLY C 40 16.93 6.27 12.58
C GLY C 40 17.29 7.19 11.43
N MET C 41 18.22 6.75 10.57
CA MET C 41 18.61 7.56 9.42
C MET C 41 17.41 7.83 8.53
N LEU C 42 16.63 6.80 8.24
CA LEU C 42 15.49 6.98 7.36
C LEU C 42 14.49 7.94 7.98
N PHE C 43 14.27 7.81 9.28
CA PHE C 43 13.41 8.75 9.98
C PHE C 43 13.95 10.17 9.84
N SER C 44 15.26 10.32 9.95
CA SER C 44 15.89 11.62 9.81
C SER C 44 15.61 12.20 8.44
N ILE C 45 15.72 11.37 7.40
CA ILE C 45 15.48 11.85 6.06
C ILE C 45 14.02 12.22 5.88
N LYS C 46 13.12 11.49 6.52
CA LYS C 46 11.71 11.85 6.45
C LYS C 46 11.49 13.25 7.02
N SER C 47 12.06 13.51 8.20
CA SER C 47 11.97 14.85 8.78
C SER C 47 12.65 15.86 7.86
N PHE C 48 13.78 15.47 7.28
CA PHE C 48 14.59 16.32 6.42
C PHE C 48 13.79 16.85 5.25
N VAL C 49 13.13 15.94 4.54
CA VAL C 49 12.31 16.38 3.41
C VAL C 49 11.07 17.11 3.90
N SER C 50 10.40 16.58 4.92
CA SER C 50 9.14 17.17 5.35
C SER C 50 9.32 18.60 5.80
N LYS C 51 10.53 18.96 6.20
CA LYS C 51 10.82 20.37 6.41
C LYS C 51 11.16 21.07 5.11
N ILE C 52 12.15 20.55 4.37
CA ILE C 52 12.70 21.32 3.27
C ILE C 52 11.95 21.10 1.96
N SER C 53 10.78 20.50 2.04
CA SER C 53 9.96 20.30 0.85
C SER C 53 9.48 21.63 0.29
N PRO C 54 9.57 21.84 -1.03
CA PRO C 54 8.92 23.02 -1.61
C PRO C 54 7.41 23.01 -1.49
N HIS C 55 6.80 21.82 -1.53
CA HIS C 55 5.34 21.67 -1.45
C HIS C 55 5.05 20.34 -0.77
N ASP C 56 3.81 19.89 -0.89
CA ASP C 56 3.36 18.65 -0.24
C ASP C 56 4.25 17.51 -0.68
N PRO C 57 4.95 16.84 0.23
CA PRO C 57 5.51 15.54 -0.14
C PRO C 57 4.46 14.45 0.07
N LYS C 58 3.81 14.02 -1.02
CA LYS C 58 2.70 13.08 -0.87
C LYS C 58 3.20 11.72 -0.46
N GLU C 59 4.24 11.23 -1.13
CA GLU C 59 4.94 10.03 -0.73
C GLU C 59 6.30 10.33 -0.13
N GLY C 60 6.69 11.60 -0.06
CA GLY C 60 7.93 11.94 0.62
C GLY C 60 9.12 11.24 -0.01
N PHE C 61 9.96 10.69 0.84
CA PHE C 61 11.22 10.12 0.40
C PHE C 61 10.99 9.02 -0.61
N LEU C 62 11.93 8.88 -1.54
CA LEU C 62 11.88 7.76 -2.48
C LEU C 62 13.09 6.85 -2.33
N TYR C 63 14.31 7.36 -2.46
CA TYR C 63 15.49 6.52 -2.39
C TYR C 63 16.71 7.42 -2.47
N TYR C 64 17.88 6.81 -2.28
CA TYR C 64 19.13 7.51 -2.48
C TYR C 64 20.07 6.64 -3.30
N LYS C 65 21.11 7.26 -3.85
CA LYS C 65 22.01 6.58 -4.75
C LYS C 65 23.47 6.87 -4.43
N THR C 66 24.31 5.89 -4.67
CA THR C 66 25.75 6.09 -4.70
C THR C 66 26.24 5.91 -6.12
N ASN C 67 27.52 6.21 -6.34
CA ASN C 67 28.09 5.97 -7.67
C ASN C 67 28.30 4.49 -7.92
N ARG C 68 28.56 3.71 -6.88
CA ARG C 68 28.91 2.31 -7.10
C ARG C 68 27.92 1.30 -6.55
N TYR C 69 26.94 1.70 -5.74
CA TYR C 69 25.76 0.86 -5.62
C TYR C 69 24.57 1.80 -5.54
N ALA C 70 23.43 1.27 -5.12
CA ALA C 70 22.28 2.12 -4.88
C ALA C 70 21.37 1.42 -3.88
N LEU C 71 20.39 2.17 -3.39
CA LEU C 71 19.41 1.64 -2.46
C LEU C 71 18.06 2.28 -2.73
N HIS C 72 16.99 1.59 -2.35
CA HIS C 72 15.64 2.12 -2.50
C HIS C 72 14.84 1.87 -1.24
N TYR C 73 13.79 2.65 -1.08
CA TYR C 73 12.94 2.69 0.09
C TYR C 73 11.48 2.57 -0.29
N LEU C 74 10.71 1.90 0.55
CA LEU C 74 9.26 1.81 0.39
C LEU C 74 8.58 2.12 1.71
N GLU C 75 7.53 2.94 1.64
CA GLU C 75 6.77 3.35 2.80
C GLU C 75 5.39 2.72 2.77
N THR C 76 5.04 2.04 3.84
CA THR C 76 3.72 1.47 4.02
C THR C 76 2.91 2.32 4.97
N PRO C 77 1.70 2.73 4.59
CA PRO C 77 0.98 3.70 5.40
C PRO C 77 0.76 3.25 6.83
N SER C 78 0.71 1.94 7.08
CA SER C 78 0.68 1.47 8.45
C SER C 78 1.95 1.80 9.21
N GLY C 79 3.00 2.18 8.49
CA GLY C 79 4.23 2.53 9.13
C GLY C 79 5.31 1.47 9.05
N LEU C 80 5.01 0.33 8.46
CA LEU C 80 6.09 -0.59 8.16
C LEU C 80 6.98 0.03 7.10
N LYS C 81 8.25 -0.36 7.12
CA LYS C 81 9.25 0.17 6.21
C LYS C 81 9.88 -0.97 5.43
N PHE C 82 10.22 -0.70 4.17
CA PHE C 82 10.87 -1.66 3.30
C PHE C 82 12.13 -1.03 2.74
N VAL C 83 13.24 -1.75 2.86
CA VAL C 83 14.53 -1.30 2.36
C VAL C 83 15.22 -2.48 1.71
N LEU C 84 15.78 -2.26 0.52
CA LEU C 84 16.69 -3.22 -0.08
C LEU C 84 17.82 -2.47 -0.77
N ASN C 85 18.90 -3.19 -0.99
CA ASN C 85 20.05 -2.68 -1.72
C ASN C 85 20.06 -3.27 -3.12
N THR C 86 20.33 -2.44 -4.11
CA THR C 86 20.44 -2.91 -5.48
C THR C 86 21.66 -2.29 -6.16
N ASP C 87 21.90 -2.63 -7.42
CA ASP C 87 22.93 -1.94 -8.17
C ASP C 87 22.42 -0.55 -8.54
N THR C 88 23.27 0.24 -9.19
CA THR C 88 22.91 1.61 -9.51
C THR C 88 21.87 1.67 -10.62
N THR C 89 22.05 0.90 -11.69
CA THR C 89 21.34 1.16 -12.93
C THR C 89 20.72 -0.11 -13.50
N ALA C 90 19.41 -0.19 -13.38
CA ALA C 90 18.50 -1.08 -14.11
C ALA C 90 17.11 -0.53 -13.86
N ILE C 91 16.08 -1.26 -14.29
CA ILE C 91 14.70 -0.77 -14.15
C ILE C 91 14.43 -0.34 -12.72
N ASN C 92 13.40 0.47 -12.52
CA ASN C 92 12.99 0.84 -11.17
C ASN C 92 12.51 -0.39 -10.41
N VAL C 93 12.48 -0.26 -9.09
CA VAL C 93 12.10 -1.34 -8.19
C VAL C 93 11.14 -0.89 -7.11
N LYS C 94 10.68 0.35 -7.17
CA LYS C 94 9.62 0.79 -6.26
C LYS C 94 8.40 -0.10 -6.40
N GLU C 95 8.02 -0.37 -7.65
CA GLU C 95 6.89 -1.24 -7.92
C GLU C 95 7.16 -2.67 -7.46
N LEU C 96 8.40 -3.14 -7.63
CA LEU C 96 8.74 -4.51 -7.26
C LEU C 96 8.59 -4.70 -5.76
N LEU C 97 9.02 -3.72 -4.97
CA LEU C 97 8.79 -3.75 -3.54
C LEU C 97 7.30 -3.63 -3.19
N GLN C 98 6.53 -2.79 -3.88
CA GLN C 98 5.10 -2.77 -3.63
C GLN C 98 4.51 -4.16 -3.81
N GLN C 99 4.90 -4.83 -4.89
CA GLN C 99 4.40 -6.16 -5.17
C GLN C 99 4.80 -7.14 -4.08
N LEU C 100 6.06 -7.09 -3.65
CA LEU C 100 6.54 -8.00 -2.63
C LEU C 100 5.75 -7.82 -1.34
N TYR C 101 5.46 -6.58 -0.97
CA TYR C 101 4.59 -6.32 0.17
C TYR C 101 3.23 -6.94 -0.05
N ALA C 102 2.53 -6.49 -1.08
CA ALA C 102 1.12 -6.84 -1.26
C ALA C 102 0.91 -8.33 -1.48
N LYS C 103 1.92 -9.06 -1.93
CA LYS C 103 1.80 -10.50 -2.10
C LYS C 103 2.55 -11.27 -1.02
N VAL C 104 3.87 -11.19 -1.00
CA VAL C 104 4.65 -12.12 -0.18
C VAL C 104 4.44 -11.86 1.30
N TRP C 105 4.51 -10.60 1.70
CA TRP C 105 4.34 -10.28 3.12
C TRP C 105 2.90 -10.49 3.57
N VAL C 106 1.94 -9.95 2.82
CA VAL C 106 0.54 -10.06 3.23
C VAL C 106 0.09 -11.52 3.18
N GLU C 107 0.75 -12.33 2.37
CA GLU C 107 0.42 -13.75 2.38
C GLU C 107 1.19 -14.51 3.45
N PHE C 108 2.51 -14.57 3.32
CA PHE C 108 3.31 -15.49 4.10
C PHE C 108 3.73 -14.91 5.44
N VAL C 109 3.13 -13.81 5.88
CA VAL C 109 3.40 -13.31 7.22
C VAL C 109 2.12 -13.14 8.02
N VAL C 110 1.31 -12.17 7.63
CA VAL C 110 0.15 -11.83 8.44
C VAL C 110 -0.86 -12.96 8.42
N ARG C 111 -1.01 -13.60 7.25
CA ARG C 111 -1.84 -14.78 7.14
C ARG C 111 -1.15 -16.02 7.70
N ASP C 112 -0.08 -15.86 8.45
CA ASP C 112 0.48 -16.94 9.24
C ASP C 112 0.00 -16.81 10.68
N PRO C 113 -0.81 -17.76 11.18
CA PRO C 113 -1.22 -17.69 12.58
C PRO C 113 -0.06 -17.75 13.57
N LEU C 114 0.97 -18.54 13.26
CA LEU C 114 2.09 -18.68 14.19
C LEU C 114 3.15 -17.62 14.01
N TRP C 115 2.81 -16.46 13.44
CA TRP C 115 3.62 -15.29 13.65
C TRP C 115 2.85 -14.28 14.48
N THR C 116 3.25 -14.15 15.70
CA THR C 116 2.65 -13.16 16.57
C THR C 116 2.99 -11.75 16.08
N PRO C 117 2.07 -10.80 16.24
CA PRO C 117 2.28 -9.47 15.68
C PRO C 117 3.53 -8.81 16.27
N GLY C 118 4.18 -8.00 15.44
CA GLY C 118 5.30 -7.22 15.93
C GLY C 118 6.43 -8.03 16.51
N THR C 119 6.90 -9.05 15.81
CA THR C 119 8.09 -9.79 16.20
C THR C 119 8.93 -10.12 14.97
N VAL C 120 9.93 -10.96 15.17
CA VAL C 120 10.75 -11.43 14.06
C VAL C 120 10.03 -12.59 13.36
N VAL C 121 9.91 -12.49 12.04
CA VAL C 121 9.41 -13.62 11.27
C VAL C 121 10.48 -14.69 11.22
N THR C 122 10.08 -15.94 11.41
CA THR C 122 11.01 -17.06 11.39
C THR C 122 10.39 -18.24 10.65
N SER C 123 9.49 -17.94 9.72
CA SER C 123 8.82 -18.95 8.92
C SER C 123 9.76 -19.43 7.82
N GLU C 124 9.96 -20.75 7.76
CA GLU C 124 10.70 -21.30 6.63
C GLU C 124 9.96 -21.09 5.32
N LEU C 125 8.63 -21.01 5.36
CA LEU C 125 7.94 -20.72 4.11
C LEU C 125 8.07 -19.26 3.73
N PHE C 126 8.00 -18.35 4.69
CA PHE C 126 8.23 -16.95 4.34
C PHE C 126 9.65 -16.74 3.89
N GLN C 127 10.61 -17.40 4.53
CA GLN C 127 11.99 -17.34 4.07
C GLN C 127 12.12 -17.85 2.64
N SER C 128 11.63 -19.06 2.38
CA SER C 128 11.84 -19.66 1.08
C SER C 128 11.05 -18.92 0.00
N LYS C 129 9.90 -18.38 0.36
CA LYS C 129 9.10 -17.64 -0.60
C LYS C 129 9.73 -16.28 -0.90
N LEU C 130 10.36 -15.67 0.09
CA LEU C 130 11.15 -14.48 -0.19
C LEU C 130 12.28 -14.82 -1.14
N ASP C 131 12.97 -15.94 -0.86
CA ASP C 131 14.07 -16.36 -1.72
C ASP C 131 13.60 -16.51 -3.16
N GLU C 132 12.44 -17.11 -3.35
CA GLU C 132 11.93 -17.32 -4.70
C GLU C 132 11.39 -16.05 -5.34
N PHE C 133 10.76 -15.17 -4.57
CA PHE C 133 10.28 -13.94 -5.17
C PHE C 133 11.42 -13.02 -5.56
N VAL C 134 12.53 -13.09 -4.83
CA VAL C 134 13.74 -12.38 -5.26
C VAL C 134 14.33 -13.05 -6.48
N ARG C 135 14.38 -14.38 -6.48
CA ARG C 135 14.85 -15.12 -7.63
C ARG C 135 13.95 -14.93 -8.84
N GLN C 136 12.78 -14.32 -8.65
CA GLN C 136 11.92 -13.98 -9.79
C GLN C 136 12.69 -13.15 -10.81
N SER C 137 13.12 -11.95 -10.41
CA SER C 137 13.92 -11.07 -11.26
C SER C 137 15.19 -10.71 -10.48
N PRO C 138 16.18 -11.61 -10.45
CA PRO C 138 17.42 -11.31 -9.72
C PRO C 138 18.17 -10.16 -10.37
N ILE C 139 17.49 -9.03 -10.45
CA ILE C 139 17.92 -7.90 -11.24
C ILE C 139 18.60 -6.90 -10.32
N PHE C 140 19.72 -6.36 -10.77
CA PHE C 140 20.55 -5.49 -9.94
C PHE C 140 20.74 -4.16 -10.65
N GLY C 141 20.16 -3.11 -10.07
CA GLY C 141 20.18 -1.79 -10.69
C GLY C 141 18.80 -1.16 -10.63
N ILE C 142 18.78 0.16 -10.48
CA ILE C 142 17.56 0.83 -10.04
C ILE C 142 17.16 2.04 -10.88
N ARG C 143 18.07 3.01 -11.04
CA ARG C 143 17.81 4.30 -11.68
C ARG C 143 16.43 4.85 -11.34
N ASN C 144 15.99 4.70 -10.09
CA ASN C 144 14.59 4.94 -9.74
C ASN C 144 14.20 6.40 -9.97
N ILE C 145 12.94 6.60 -10.35
CA ILE C 145 12.35 7.92 -10.42
C ILE C 145 12.10 8.46 -9.02
N MET D 1 13.26 22.51 -14.87
CA MET D 1 14.64 22.92 -14.65
C MET D 1 14.75 23.82 -13.43
N ILE D 2 13.61 24.38 -13.01
CA ILE D 2 13.63 25.43 -12.00
C ILE D 2 14.32 24.92 -10.74
N ILE D 3 15.28 25.68 -10.25
CA ILE D 3 16.04 25.31 -9.07
C ILE D 3 15.41 25.96 -7.85
N TYR D 4 15.06 25.15 -6.87
CA TYR D 4 14.46 25.69 -5.66
C TYR D 4 15.52 26.32 -4.76
N GLY D 5 16.72 25.75 -4.71
CA GLY D 5 17.77 26.28 -3.87
C GLY D 5 19.11 25.69 -4.19
N VAL D 6 20.16 26.39 -3.75
CA VAL D 6 21.54 26.02 -4.01
C VAL D 6 22.34 26.14 -2.72
N TYR D 7 23.28 25.21 -2.53
CA TYR D 7 23.96 25.07 -1.25
C TYR D 7 25.35 24.48 -1.44
N ILE D 8 26.21 24.72 -0.46
CA ILE D 8 27.54 24.12 -0.38
C ILE D 8 27.94 24.08 1.08
N VAL D 9 28.64 23.02 1.47
CA VAL D 9 29.05 22.85 2.86
C VAL D 9 30.50 22.42 2.91
N SER D 10 31.09 22.51 4.10
CA SER D 10 32.51 22.46 4.28
C SER D 10 32.96 21.11 4.84
N LYS D 11 34.27 20.97 5.05
CA LYS D 11 34.78 19.79 5.73
C LYS D 11 34.12 19.61 7.09
N SER D 12 33.84 20.73 7.77
CA SER D 12 33.03 20.68 8.98
C SER D 12 31.64 20.13 8.69
N GLY D 13 31.15 20.30 7.47
CA GLY D 13 29.76 20.06 7.18
C GLY D 13 28.86 21.24 7.46
N GLY D 14 29.40 22.34 7.98
CA GLY D 14 28.59 23.51 8.20
C GLY D 14 28.10 24.09 6.90
N LEU D 15 26.89 24.63 6.93
CA LEU D 15 26.32 25.28 5.76
C LEU D 15 27.12 26.54 5.45
N ILE D 16 27.94 26.48 4.41
CA ILE D 16 28.75 27.64 4.06
C ILE D 16 27.99 28.63 3.20
N PHE D 17 27.01 28.18 2.44
CA PHE D 17 26.32 29.06 1.51
C PHE D 17 24.96 28.49 1.13
N ASN D 18 23.92 29.32 1.23
CA ASN D 18 22.55 28.86 1.10
C ASN D 18 21.69 29.81 0.29
N LEU D 19 22.14 30.18 -0.90
CA LEU D 19 21.29 30.97 -1.78
C LEU D 19 20.03 30.19 -2.14
N ASP D 20 18.89 30.86 -2.07
CA ASP D 20 17.63 30.26 -2.44
C ASP D 20 17.10 30.90 -3.71
N ASN D 21 16.64 30.07 -4.64
CA ASN D 21 16.03 30.57 -5.86
C ASN D 21 14.51 30.57 -5.71
N ASN D 22 14.06 31.51 -4.88
CA ASN D 22 12.72 32.11 -4.88
C ASN D 22 11.60 31.13 -5.24
N VAL D 23 11.44 30.11 -4.39
CA VAL D 23 10.35 29.16 -4.58
C VAL D 23 9.34 29.28 -3.44
N PRO D 24 8.25 30.00 -3.66
CA PRO D 24 7.34 30.32 -2.55
C PRO D 24 6.57 29.12 -2.06
N ARG D 25 6.03 29.21 -0.86
CA ARG D 25 5.17 28.18 -0.30
C ARG D 25 3.72 28.53 -0.60
N ILE D 26 2.88 27.51 -0.66
CA ILE D 26 1.48 27.74 -0.98
C ILE D 26 0.78 28.44 0.18
N GLU D 27 -0.29 29.16 -0.16
CA GLU D 27 -1.05 29.93 0.79
C GLU D 27 -2.53 29.61 0.60
N HIS D 28 -3.30 29.76 1.68
CA HIS D 28 -4.74 29.56 1.59
C HIS D 28 -5.48 30.48 2.55
N GLU D 29 -6.66 30.93 2.11
CA GLU D 29 -7.58 31.71 2.93
C GLU D 29 -9.00 31.25 2.64
N LYS D 30 -9.80 31.15 3.68
CA LYS D 30 -11.20 30.79 3.47
C LYS D 30 -12.01 31.25 4.67
N THR D 31 -13.23 31.70 4.39
CA THR D 31 -14.05 32.46 5.34
C THR D 31 -14.57 31.49 6.39
N PHE D 32 -13.75 31.29 7.43
CA PHE D 32 -14.00 30.21 8.35
C PHE D 32 -15.27 30.41 9.14
N THR D 33 -16.02 29.34 9.27
CA THR D 33 -17.28 29.29 10.00
C THR D 33 -17.00 28.82 11.43
N TYR D 34 -18.03 28.38 12.15
CA TYR D 34 -17.94 27.81 13.48
C TYR D 34 -16.90 26.69 13.51
N PRO D 35 -16.44 26.24 14.70
CA PRO D 35 -15.15 25.55 14.81
C PRO D 35 -14.73 24.68 13.64
N LEU D 36 -13.49 24.87 13.22
CA LEU D 36 -13.08 24.43 11.91
C LEU D 36 -12.64 22.98 11.90
N ASP D 37 -12.98 22.30 10.82
CA ASP D 37 -12.58 20.91 10.65
C ASP D 37 -11.07 20.78 10.57
N LEU D 38 -10.37 21.84 10.20
CA LEU D 38 -8.94 21.87 10.40
C LEU D 38 -8.66 21.62 11.87
N VAL D 39 -7.85 20.62 12.15
CA VAL D 39 -7.58 20.19 13.51
C VAL D 39 -6.37 20.97 14.00
N LEU D 40 -6.63 22.12 14.61
CA LEU D 40 -5.57 23.01 15.07
C LEU D 40 -4.93 22.44 16.33
N ASP D 41 -3.59 22.36 16.31
CA ASP D 41 -2.82 21.82 17.42
C ASP D 41 -1.65 22.74 17.72
N TYR D 42 -1.49 23.10 19.00
CA TYR D 42 -0.33 23.88 19.42
C TYR D 42 0.82 22.94 19.72
N ASP D 43 1.95 23.15 19.04
CA ASP D 43 3.18 22.41 19.26
C ASP D 43 4.36 23.36 19.21
N SER D 44 4.69 23.98 20.35
CA SER D 44 6.00 24.56 20.59
C SER D 44 6.36 25.59 19.52
N LYS D 45 5.66 26.73 19.59
CA LYS D 45 5.85 27.92 18.75
C LYS D 45 5.22 27.71 17.38
N LYS D 46 4.64 26.55 17.12
CA LYS D 46 3.94 26.26 15.89
C LYS D 46 2.46 26.26 16.19
N VAL D 47 1.69 27.03 15.44
CA VAL D 47 0.24 26.97 15.52
C VAL D 47 -0.24 26.43 14.18
N SER D 48 -0.46 25.12 14.14
CA SER D 48 -0.62 24.38 12.91
C SER D 48 -1.95 23.63 12.92
N VAL D 49 -2.08 22.72 11.98
CA VAL D 49 -3.22 21.81 11.89
C VAL D 49 -2.68 20.40 11.81
N SER D 50 -3.37 19.45 12.46
CA SER D 50 -2.88 18.08 12.45
C SER D 50 -3.68 17.18 11.52
N PHE D 51 -4.83 17.63 11.04
CA PHE D 51 -5.67 16.73 10.28
C PHE D 51 -6.68 17.53 9.48
N ASN D 52 -7.37 16.83 8.58
CA ASN D 52 -8.37 17.43 7.70
C ASN D 52 -7.74 18.45 6.76
N ARG D 53 -6.69 18.02 6.06
CA ARG D 53 -6.03 18.91 5.13
C ARG D 53 -6.94 19.08 3.92
N LYS D 54 -7.82 20.07 4.02
CA LYS D 54 -8.81 20.32 2.99
C LYS D 54 -8.46 21.59 2.23
N ASP D 55 -9.03 21.70 1.03
CA ASP D 55 -9.01 22.94 0.27
C ASP D 55 -7.60 23.40 -0.03
N GLY D 56 -6.65 22.49 -0.04
CA GLY D 56 -5.26 22.91 -0.12
C GLY D 56 -4.76 23.66 1.09
N ILE D 57 -5.07 23.18 2.29
CA ILE D 57 -4.35 23.57 3.49
C ILE D 57 -3.69 22.33 4.05
N ASN D 58 -2.43 22.10 3.68
CA ASN D 58 -1.69 20.95 4.16
C ASN D 58 -1.67 20.92 5.68
N VAL D 59 -1.36 19.74 6.22
CA VAL D 59 -1.17 19.58 7.66
C VAL D 59 -0.09 20.53 8.16
N GLY D 60 1.04 20.58 7.46
CA GLY D 60 2.17 21.40 7.87
C GLY D 60 1.98 22.89 7.68
N HIS D 61 0.85 23.30 7.12
CA HIS D 61 0.56 24.72 6.91
C HIS D 61 0.43 25.43 8.25
N VAL D 62 1.45 26.11 8.65
CA VAL D 62 1.41 26.82 9.91
C VAL D 62 0.54 28.06 9.75
N LEU D 63 -0.22 28.37 10.79
CA LEU D 63 -0.96 29.62 10.82
C LEU D 63 0.02 30.78 10.65
N VAL D 64 -0.25 31.65 9.67
CA VAL D 64 0.67 32.71 9.29
C VAL D 64 0.10 34.08 9.59
N ALA D 65 -1.19 34.28 9.35
CA ALA D 65 -1.84 35.53 9.71
C ALA D 65 -3.29 35.26 10.02
N VAL D 66 -3.82 36.01 10.98
CA VAL D 66 -5.17 35.81 11.48
C VAL D 66 -5.99 37.04 11.14
N ASN D 67 -7.04 36.85 10.35
CA ASN D 67 -7.99 37.92 10.03
C ASN D 67 -7.28 39.15 9.51
N GLY D 68 -6.25 38.97 8.70
CA GLY D 68 -5.38 40.04 8.30
C GLY D 68 -4.36 40.42 9.33
N MET D 69 -4.70 40.39 10.60
CA MET D 69 -3.73 40.65 11.66
C MET D 69 -2.70 39.54 11.70
N PRO D 70 -1.40 39.85 11.73
CA PRO D 70 -0.39 38.78 11.79
C PRO D 70 -0.42 38.04 13.11
N VAL D 71 0.03 36.78 13.05
CA VAL D 71 0.06 35.90 14.21
C VAL D 71 1.46 35.35 14.36
N ASN D 72 1.98 35.35 15.59
CA ASN D 72 3.41 35.24 15.84
C ASN D 72 3.76 34.08 16.77
N GLY D 73 4.15 32.96 16.18
CA GLY D 73 4.61 31.82 16.95
C GLY D 73 3.49 31.10 17.64
N VAL D 74 2.98 31.67 18.72
CA VAL D 74 1.84 31.12 19.43
C VAL D 74 0.67 32.11 19.52
N THR D 75 0.94 33.37 19.88
CA THR D 75 -0.10 34.38 19.91
C THR D 75 -0.08 35.18 18.61
N LEU D 76 -0.79 36.30 18.62
CA LEU D 76 -0.99 37.15 17.46
C LEU D 76 -0.19 38.43 17.57
N ASP D 77 -0.41 39.31 16.59
CA ASP D 77 0.19 40.63 16.63
C ASP D 77 -0.38 41.46 17.77
N ASP D 78 -1.69 41.54 17.87
CA ASP D 78 -2.33 42.47 18.79
C ASP D 78 -2.23 42.02 20.23
N GLY D 79 -1.73 40.83 20.49
CA GLY D 79 -1.67 40.27 21.82
C GLY D 79 -2.65 39.14 22.04
N ARG D 80 -3.73 39.09 21.27
CA ARG D 80 -4.60 37.92 21.31
C ARG D 80 -3.76 36.67 21.02
N ASP D 81 -4.20 35.55 21.58
CA ASP D 81 -3.59 34.27 21.23
C ASP D 81 -4.52 33.46 20.35
N VAL D 82 -3.93 32.53 19.60
CA VAL D 82 -4.72 31.74 18.66
C VAL D 82 -5.86 31.05 19.39
N ARG D 83 -5.60 30.47 20.56
CA ARG D 83 -6.64 29.76 21.27
C ARG D 83 -7.79 30.67 21.63
N THR D 84 -7.50 31.81 22.26
CA THR D 84 -8.56 32.71 22.69
C THR D 84 -9.32 33.23 21.51
N THR D 85 -8.61 33.57 20.44
CA THR D 85 -9.27 34.01 19.22
C THR D 85 -10.20 32.94 18.69
N LEU D 86 -9.69 31.72 18.56
CA LEU D 86 -10.44 30.63 17.95
C LEU D 86 -11.70 30.34 18.73
N ASP D 87 -11.52 29.91 19.98
CA ASP D 87 -12.62 29.26 20.68
C ASP D 87 -13.71 30.25 21.04
N ALA D 88 -13.44 31.54 20.94
CA ALA D 88 -14.51 32.53 21.03
C ALA D 88 -15.36 32.44 19.77
N PRO D 89 -16.65 32.12 19.86
CA PRO D 89 -17.41 31.85 18.65
C PRO D 89 -17.77 33.10 17.86
N GLU D 90 -18.36 34.09 18.53
CA GLU D 90 -19.09 35.12 17.81
C GLU D 90 -18.20 35.96 16.91
N ASN D 91 -16.88 35.86 17.07
CA ASN D 91 -15.99 36.43 16.08
C ASN D 91 -16.28 35.86 14.70
N TYR D 92 -16.53 34.56 14.63
CA TYR D 92 -16.84 33.92 13.36
C TYR D 92 -18.10 34.53 12.76
N PRO D 93 -18.26 34.48 11.43
CA PRO D 93 -17.42 33.87 10.39
C PRO D 93 -16.23 34.74 10.02
N ILE D 94 -15.06 34.14 9.84
CA ILE D 94 -13.82 34.90 9.71
C ILE D 94 -12.88 34.26 8.71
N ASN D 95 -11.89 35.02 8.28
CA ASN D 95 -10.82 34.54 7.40
C ASN D 95 -9.59 34.24 8.23
N LEU D 96 -8.88 33.18 7.85
CA LEU D 96 -7.61 32.80 8.44
C LEU D 96 -6.59 32.55 7.35
N LYS D 97 -5.43 33.18 7.46
CA LYS D 97 -4.34 32.89 6.55
C LYS D 97 -3.62 31.64 7.04
N PHE D 98 -3.10 30.86 6.10
CA PHE D 98 -2.32 29.69 6.46
C PHE D 98 -1.28 29.46 5.38
N SER D 99 -0.09 29.04 5.80
CA SER D 99 0.92 28.63 4.84
C SER D 99 1.98 27.83 5.57
N ARG D 100 3.00 27.43 4.85
CA ARG D 100 3.99 26.58 5.47
C ARG D 100 5.13 27.42 6.03
N PRO D 101 5.79 26.94 7.08
CA PRO D 101 6.84 27.75 7.71
C PRO D 101 8.07 27.75 6.83
N LYS D 102 8.32 28.89 6.18
CA LYS D 102 9.60 29.06 5.52
C LYS D 102 10.64 29.01 6.63
N MET D 103 11.37 27.90 6.73
CA MET D 103 12.25 27.73 7.86
C MET D 103 13.25 28.87 7.92
N THR D 104 13.14 29.69 8.97
CA THR D 104 14.04 30.82 9.11
C THR D 104 15.48 30.33 9.07
N THR D 105 16.35 31.21 8.56
CA THR D 105 17.71 30.85 8.18
C THR D 105 18.34 29.89 9.17
N ASN D 106 18.31 30.24 10.45
CA ASN D 106 18.88 29.40 11.51
C ASN D 106 18.37 27.97 11.42
N GLU D 107 17.07 27.80 11.17
CA GLU D 107 16.53 26.45 11.02
C GLU D 107 17.16 25.74 9.83
N LYS D 108 17.38 26.47 8.74
CA LYS D 108 18.06 25.88 7.60
C LYS D 108 19.48 25.46 7.98
N ILE D 109 20.14 26.26 8.81
CA ILE D 109 21.47 25.89 9.29
C ILE D 109 21.40 24.56 10.01
N PHE D 110 20.42 24.44 10.89
CA PHE D 110 20.22 23.19 11.63
C PHE D 110 19.94 22.03 10.68
N LEU D 111 19.17 22.29 9.62
CA LEU D 111 18.81 21.24 8.69
C LEU D 111 20.05 20.72 7.98
N ALA D 112 20.88 21.63 7.48
CA ALA D 112 22.12 21.22 6.82
C ALA D 112 23.01 20.48 7.81
N SER D 113 23.05 20.97 9.04
CA SER D 113 23.87 20.33 10.07
C SER D 113 23.46 18.88 10.23
N MET D 114 22.17 18.64 10.46
CA MET D 114 21.69 17.28 10.67
C MET D 114 21.82 16.42 9.41
N PHE D 115 21.77 17.04 8.23
CA PHE D 115 21.91 16.22 7.04
C PHE D 115 23.34 15.74 6.85
N TYR D 116 24.34 16.55 7.20
CA TYR D 116 25.71 16.16 6.91
C TYR D 116 26.06 14.73 7.31
N PRO D 117 25.70 14.24 8.50
CA PRO D 117 26.03 12.85 8.81
C PRO D 117 25.45 11.85 7.81
N LEU D 118 24.20 12.05 7.38
CA LEU D 118 23.63 11.15 6.39
C LEU D 118 24.52 11.05 5.17
N PHE D 119 25.11 12.18 4.77
CA PHE D 119 26.09 12.15 3.69
C PHE D 119 27.28 11.29 4.11
N ALA D 120 27.84 11.58 5.28
CA ALA D 120 29.05 10.90 5.72
C ALA D 120 28.78 9.52 6.28
N ILE D 121 27.52 9.21 6.60
CA ILE D 121 27.16 7.91 7.16
C ILE D 121 26.12 7.26 6.24
N ALA D 122 26.23 7.52 4.94
CA ALA D 122 25.33 6.86 4.01
C ALA D 122 25.66 5.38 3.94
N SER D 123 25.30 4.64 4.99
CA SER D 123 25.65 3.24 5.16
C SER D 123 27.09 2.97 4.72
N GLN D 124 28.01 3.61 5.44
CA GLN D 124 29.42 3.31 5.22
C GLN D 124 29.69 1.84 5.44
N LEU D 125 28.85 1.18 6.23
CA LEU D 125 28.77 -0.28 6.24
C LEU D 125 27.78 -0.72 5.14
N SER D 126 28.20 -0.49 3.91
CA SER D 126 27.44 -0.85 2.73
C SER D 126 27.52 -2.35 2.43
N PRO D 127 26.61 -2.86 1.61
CA PRO D 127 26.85 -4.15 0.98
C PRO D 127 28.11 -4.15 0.14
N GLU D 128 28.11 -3.30 -0.90
CA GLU D 128 29.19 -3.30 -1.87
C GLU D 128 30.49 -2.91 -1.18
N PRO D 129 31.59 -3.60 -1.47
CA PRO D 129 32.82 -3.36 -0.71
C PRO D 129 33.49 -2.08 -1.13
N LYS D 130 34.38 -1.59 -0.26
CA LYS D 130 35.19 -0.40 -0.47
C LYS D 130 34.37 0.69 -1.15
N SER D 131 33.13 0.84 -0.68
CA SER D 131 32.11 1.53 -1.44
C SER D 131 32.38 3.03 -1.50
N SER D 132 31.41 3.74 -2.04
CA SER D 132 31.40 5.19 -2.01
C SER D 132 30.03 5.64 -1.52
N GLY D 133 29.98 6.85 -0.98
CA GLY D 133 28.79 7.32 -0.33
C GLY D 133 27.73 7.80 -1.30
N ILE D 134 26.63 8.25 -0.72
CA ILE D 134 25.61 9.04 -1.41
C ILE D 134 26.12 10.03 -2.44
N GLU D 135 25.41 10.11 -3.55
CA GLU D 135 25.53 11.21 -4.50
C GLU D 135 24.18 11.75 -4.95
N ILE D 136 23.18 10.90 -5.14
CA ILE D 136 21.88 11.32 -5.66
C ILE D 136 20.80 10.83 -4.72
N LEU D 137 19.97 11.77 -4.25
CA LEU D 137 18.85 11.47 -3.36
C LEU D 137 17.59 12.08 -3.98
N GLU D 138 16.82 11.26 -4.68
CA GLU D 138 15.53 11.72 -5.16
C GLU D 138 14.53 11.78 -4.02
N ALA D 139 13.48 12.59 -4.19
CA ALA D 139 12.50 12.78 -3.14
C ALA D 139 11.15 13.08 -3.80
N ASP D 140 10.15 13.39 -2.96
CA ASP D 140 8.79 13.52 -3.45
C ASP D 140 8.69 14.63 -4.49
N THR D 141 8.90 15.88 -4.08
CA THR D 141 8.82 17.01 -4.99
C THR D 141 10.11 17.83 -5.04
N PHE D 142 11.24 17.23 -4.67
CA PHE D 142 12.54 17.78 -5.01
C PHE D 142 13.51 16.61 -5.18
N THR D 143 14.67 16.90 -5.74
CA THR D 143 15.72 15.91 -5.86
C THR D 143 17.05 16.54 -5.51
N LEU D 144 17.82 15.83 -4.71
CA LEU D 144 19.10 16.32 -4.23
C LEU D 144 20.20 15.64 -5.04
N HIS D 145 21.08 16.46 -5.62
CA HIS D 145 22.27 15.99 -6.30
C HIS D 145 23.46 16.58 -5.57
N CYS D 146 24.39 15.75 -5.17
CA CYS D 146 25.60 16.25 -4.56
C CYS D 146 26.81 15.91 -5.41
N PHE D 147 27.79 16.81 -5.39
CA PHE D 147 29.07 16.57 -6.02
C PHE D 147 30.13 16.68 -4.94
N GLN D 148 30.66 15.54 -4.51
CA GLN D 148 31.89 15.56 -3.74
C GLN D 148 32.99 16.17 -4.58
N THR D 149 33.82 17.00 -3.96
CA THR D 149 35.00 17.49 -4.66
C THR D 149 36.03 16.40 -4.90
N LEU D 150 35.71 15.17 -4.54
CA LEU D 150 36.53 13.97 -4.63
C LEU D 150 37.62 14.02 -3.58
N THR D 151 37.83 15.21 -2.97
CA THR D 151 38.61 15.40 -1.76
C THR D 151 38.12 16.67 -1.07
N GLY D 152 37.25 16.51 -0.08
CA GLY D 152 36.92 17.66 0.72
C GLY D 152 35.47 18.11 0.63
N ILE D 153 35.28 19.21 -0.10
CA ILE D 153 34.05 19.99 -0.03
C ILE D 153 32.90 19.22 -0.64
N LYS D 154 31.68 19.53 -0.21
CA LYS D 154 30.47 18.92 -0.75
C LYS D 154 29.65 19.98 -1.48
N PHE D 155 29.03 19.56 -2.59
CA PHE D 155 28.27 20.48 -3.45
C PHE D 155 26.87 19.92 -3.67
N ILE D 156 25.88 20.45 -2.95
CA ILE D 156 24.52 19.94 -3.02
C ILE D 156 23.61 21.05 -3.52
N ILE D 157 22.73 20.71 -4.46
CA ILE D 157 21.73 21.66 -4.93
C ILE D 157 20.37 21.00 -5.00
N ILE D 158 19.35 21.83 -5.05
CA ILE D 158 17.96 21.40 -4.99
C ILE D 158 17.26 21.83 -6.26
N SER D 159 16.87 20.85 -7.06
CA SER D 159 16.38 21.07 -8.41
C SER D 159 14.98 20.51 -8.54
N GLU D 160 14.34 20.81 -9.67
CA GLU D 160 13.10 20.14 -10.01
C GLU D 160 13.34 18.65 -10.08
N THR D 161 12.38 17.87 -9.57
CA THR D 161 12.61 16.44 -9.38
C THR D 161 12.86 15.73 -10.71
N GLY D 162 11.97 15.91 -11.67
CA GLY D 162 12.09 15.25 -12.95
C GLY D 162 13.06 15.95 -13.88
N LEU D 163 14.35 15.61 -13.77
CA LEU D 163 15.34 16.29 -14.58
C LEU D 163 16.63 15.48 -14.60
N ASN D 164 17.36 15.63 -15.70
CA ASN D 164 18.72 15.11 -15.79
C ASN D 164 19.64 16.23 -16.24
N GLY D 165 20.91 15.89 -16.46
CA GLY D 165 21.88 16.88 -16.88
C GLY D 165 22.12 17.97 -15.86
N ILE D 166 22.34 17.61 -14.61
CA ILE D 166 22.56 18.60 -13.56
C ILE D 166 23.96 18.43 -12.96
N ASP D 167 24.54 17.24 -13.08
CA ASP D 167 25.85 17.03 -12.48
C ASP D 167 26.92 17.86 -13.18
N LEU D 168 26.79 18.06 -14.49
CA LEU D 168 27.65 19.02 -15.16
C LEU D 168 27.43 20.43 -14.62
N LEU D 169 26.17 20.77 -14.32
CA LEU D 169 25.90 22.06 -13.70
C LEU D 169 26.59 22.18 -12.35
N LEU D 170 26.64 21.07 -11.61
CA LEU D 170 27.43 21.04 -10.38
C LEU D 170 28.90 21.28 -10.67
N ARG D 171 29.42 20.67 -11.73
CA ARG D 171 30.81 20.91 -12.09
C ARG D 171 31.04 22.39 -12.36
N LYS D 172 30.08 23.05 -13.00
CA LYS D 172 30.25 24.47 -13.28
C LYS D 172 30.15 25.31 -12.00
N VAL D 173 29.30 24.91 -11.06
CA VAL D 173 29.28 25.62 -9.79
C VAL D 173 30.59 25.38 -9.04
N TYR D 174 31.20 24.22 -9.26
CA TYR D 174 32.56 23.98 -8.78
C TYR D 174 33.54 24.96 -9.41
N GLU D 175 33.36 25.23 -10.70
CA GLU D 175 34.22 26.22 -11.36
C GLU D 175 34.04 27.59 -10.74
N LEU D 176 32.79 27.97 -10.44
CA LEU D 176 32.55 29.22 -9.75
C LEU D 176 33.24 29.23 -8.38
N TYR D 177 33.22 28.08 -7.71
CA TYR D 177 33.91 27.95 -6.44
C TYR D 177 35.38 28.27 -6.58
N SER D 178 36.02 27.70 -7.60
CA SER D 178 37.43 27.99 -7.83
C SER D 178 37.64 29.46 -8.09
N ASP D 179 36.80 30.04 -8.96
CA ASP D 179 36.86 31.47 -9.24
C ASP D 179 36.88 32.28 -7.96
N TYR D 180 35.98 31.95 -7.03
CA TYR D 180 35.90 32.75 -5.82
C TYR D 180 37.05 32.48 -4.86
N VAL D 181 37.40 31.20 -4.64
CA VAL D 181 38.51 30.95 -3.72
C VAL D 181 39.81 31.53 -4.23
N LEU D 182 39.86 31.92 -5.52
CA LEU D 182 40.96 32.78 -5.96
C LEU D 182 40.97 34.12 -5.23
N LYS D 183 39.82 34.60 -4.78
CA LYS D 183 39.74 35.90 -4.13
C LYS D 183 40.68 36.02 -2.95
N ASN D 184 40.48 35.18 -1.97
CA ASN D 184 41.37 35.14 -0.84
C ASN D 184 41.38 33.72 -0.32
N PRO D 185 42.45 32.96 -0.56
CA PRO D 185 42.53 31.61 0.01
C PRO D 185 42.51 31.63 1.52
N PHE D 186 42.91 32.76 2.13
CA PHE D 186 42.65 32.94 3.55
C PHE D 186 41.15 32.98 3.83
N TYR D 187 40.38 33.53 2.89
CA TYR D 187 38.93 33.48 3.03
C TYR D 187 38.50 32.05 2.81
N SER D 188 38.65 31.22 3.83
CA SER D 188 38.60 29.78 3.72
C SER D 188 37.28 29.24 4.25
N LEU D 189 37.22 27.92 4.36
CA LEU D 189 36.01 27.26 4.81
C LEU D 189 35.54 27.81 6.15
N GLU D 190 36.48 28.16 7.03
CA GLU D 190 36.15 28.55 8.39
C GLU D 190 35.11 29.67 8.39
N MET D 191 35.35 30.71 7.63
CA MET D 191 34.29 31.67 7.42
C MET D 191 33.43 31.23 6.23
N PRO D 192 32.15 31.59 6.24
CA PRO D 192 31.27 31.27 5.11
C PRO D 192 31.41 32.31 4.02
N ILE D 193 31.07 31.92 2.79
CA ILE D 193 31.31 32.74 1.60
C ILE D 193 30.05 33.56 1.34
N ARG D 194 30.12 34.86 1.61
CA ARG D 194 28.98 35.77 1.42
C ARG D 194 29.41 37.01 0.66
N CYS D 195 30.10 36.80 -0.46
CA CYS D 195 30.74 37.90 -1.16
C CYS D 195 29.98 38.19 -2.47
N GLU D 196 29.27 39.32 -2.49
CA GLU D 196 28.13 39.52 -3.40
C GLU D 196 28.53 39.45 -4.87
N LEU D 197 29.79 39.76 -5.18
CA LEU D 197 30.35 39.58 -6.51
C LEU D 197 30.26 38.15 -7.05
N PHE D 198 30.91 37.19 -6.39
CA PHE D 198 30.80 35.80 -6.80
C PHE D 198 29.35 35.35 -6.75
N ASP D 199 28.57 35.95 -5.85
CA ASP D 199 27.22 35.49 -5.62
C ASP D 199 26.31 35.90 -6.78
N ASN D 200 26.51 37.11 -7.31
CA ASN D 200 25.75 37.48 -8.49
C ASN D 200 26.27 36.75 -9.71
N LYS D 201 27.54 36.35 -9.71
CA LYS D 201 27.99 35.46 -10.78
C LYS D 201 27.23 34.13 -10.72
N LEU D 202 27.01 33.61 -9.51
CA LEU D 202 26.17 32.43 -9.36
C LEU D 202 24.74 32.70 -9.82
N GLN D 203 24.19 33.84 -9.43
CA GLN D 203 22.82 34.11 -9.85
C GLN D 203 22.74 34.30 -11.36
N GLU D 204 23.86 34.59 -12.02
CA GLU D 204 23.85 34.59 -13.47
C GLU D 204 23.90 33.16 -14.01
N LEU D 205 24.62 32.27 -13.35
CA LEU D 205 24.50 30.86 -13.71
C LEU D 205 23.04 30.40 -13.60
N LEU D 206 22.39 30.85 -12.53
CA LEU D 206 20.96 30.64 -12.36
C LEU D 206 20.18 31.26 -13.51
N ALA D 207 20.53 32.47 -13.91
CA ALA D 207 19.81 33.16 -14.98
C ALA D 207 19.89 32.40 -16.28
N GLN D 208 21.08 31.88 -16.59
CA GLN D 208 21.25 31.07 -17.79
C GLN D 208 20.40 29.81 -17.72
N VAL D 209 20.41 29.14 -16.57
CA VAL D 209 19.70 27.86 -16.53
C VAL D 209 18.19 28.05 -16.36
N GLU D 210 17.72 29.23 -15.96
CA GLU D 210 16.29 29.50 -16.00
C GLU D 210 15.81 29.52 -17.44
N LYS D 211 16.53 30.21 -18.31
CA LYS D 211 16.31 30.09 -19.73
C LYS D 211 16.64 28.68 -20.18
N THR D 212 16.44 28.43 -21.47
CA THR D 212 16.53 27.07 -21.98
C THR D 212 17.92 26.50 -21.78
N GLY D 213 18.96 27.27 -22.08
CA GLY D 213 20.26 26.69 -22.24
C GLY D 213 20.90 26.14 -20.98
N ILE D 214 20.91 24.81 -20.87
CA ILE D 214 21.81 24.12 -19.97
C ILE D 214 22.80 23.24 -20.72
N SER D 215 22.43 22.73 -21.89
CA SER D 215 23.41 22.67 -22.95
C SER D 215 23.83 24.11 -23.27
N ASN D 216 24.85 24.27 -24.11
CA ASN D 216 25.53 25.56 -24.22
C ASN D 216 26.09 25.95 -22.85
N ILE D 217 27.16 25.25 -22.48
CA ILE D 217 27.73 25.21 -21.14
C ILE D 217 27.92 26.62 -20.58
N ASP D 218 27.82 27.62 -21.45
CA ASP D 218 27.86 29.02 -21.08
C ASP D 218 27.14 29.28 -19.77
N LYS D 219 27.81 29.99 -18.88
CA LYS D 219 27.42 30.11 -17.48
C LYS D 219 26.99 31.53 -17.13
N MET E 1 95.84 57.53 -29.78
CA MET E 1 94.70 56.66 -29.55
C MET E 1 93.49 57.49 -29.14
N SER E 2 92.44 56.79 -28.72
CA SER E 2 91.27 57.42 -28.14
C SER E 2 91.20 57.08 -26.66
N THR E 3 90.77 58.04 -25.86
CA THR E 3 90.48 57.77 -24.47
C THR E 3 89.06 57.22 -24.33
N TYR E 4 88.84 56.47 -23.26
CA TYR E 4 87.60 55.76 -23.04
C TYR E 4 87.05 56.12 -21.66
N TYR E 5 85.80 56.59 -21.62
CA TYR E 5 85.12 56.91 -20.38
C TYR E 5 83.61 56.77 -20.53
N PHE E 6 83.02 55.89 -19.73
CA PHE E 6 81.58 55.71 -19.66
C PHE E 6 81.10 56.16 -18.29
N VAL E 7 79.86 56.64 -18.24
CA VAL E 7 79.25 57.05 -16.99
C VAL E 7 77.79 56.63 -16.97
N ILE E 8 77.30 56.29 -15.79
CA ILE E 8 75.91 55.92 -15.58
C ILE E 8 75.34 56.83 -14.52
N VAL E 9 74.22 57.47 -14.84
CA VAL E 9 73.61 58.48 -13.98
C VAL E 9 72.18 58.10 -13.68
N GLY E 10 71.84 58.02 -12.41
CA GLY E 10 70.48 57.75 -12.02
C GLY E 10 69.57 58.93 -12.29
N GLN E 11 68.27 58.67 -12.22
CA GLN E 11 67.30 59.75 -12.37
C GLN E 11 67.58 60.87 -11.39
N ASN E 12 67.83 60.53 -10.13
CA ASN E 12 68.14 61.50 -9.10
C ASN E 12 69.56 62.01 -9.20
N ASP E 13 70.12 61.95 -10.41
CA ASP E 13 71.44 62.47 -10.76
C ASP E 13 72.54 61.69 -10.08
N ASN E 14 72.23 60.52 -9.58
CA ASN E 14 73.23 59.71 -8.90
C ASN E 14 74.17 59.08 -9.92
N PRO E 15 75.48 59.24 -9.77
CA PRO E 15 76.42 58.59 -10.69
C PRO E 15 76.53 57.11 -10.33
N ILE E 16 75.80 56.28 -11.07
CA ILE E 16 75.66 54.88 -10.72
C ILE E 16 76.96 54.11 -10.95
N TYR E 17 77.63 54.37 -12.05
CA TYR E 17 78.81 53.60 -12.40
C TYR E 17 79.56 54.34 -13.50
N GLU E 18 80.86 54.04 -13.61
CA GLU E 18 81.72 54.61 -14.63
C GLU E 18 82.76 53.57 -15.04
N LYS E 19 83.04 53.47 -16.33
CA LYS E 19 83.91 52.42 -16.84
C LYS E 19 84.97 52.99 -17.77
N GLU E 20 86.18 52.42 -17.68
CA GLU E 20 87.39 52.90 -18.35
C GLU E 20 88.07 51.78 -19.11
N PHE E 21 88.73 52.14 -20.22
CA PHE E 21 89.48 51.18 -21.02
C PHE E 21 90.80 51.73 -21.50
N SER E 22 91.16 52.96 -21.13
CA SER E 22 92.33 53.60 -21.71
C SER E 22 93.62 52.93 -21.25
N THR E 23 94.66 53.06 -22.07
CA THR E 23 95.96 52.52 -21.72
C THR E 23 96.42 53.11 -20.39
N VAL E 24 96.75 52.23 -19.45
CA VAL E 24 96.95 52.62 -18.06
C VAL E 24 98.25 53.39 -17.91
N ASN E 25 98.16 54.57 -17.29
CA ASN E 25 99.27 55.48 -17.07
C ASN E 25 98.74 56.66 -16.26
N LYS E 26 99.58 57.24 -15.39
CA LYS E 26 99.26 58.42 -14.58
C LYS E 26 97.84 58.35 -14.02
N GLU E 27 97.64 57.32 -13.18
CA GLU E 27 96.32 57.01 -12.64
C GLU E 27 95.70 58.20 -11.93
N LEU E 28 96.51 59.05 -11.30
CA LEU E 28 95.99 60.26 -10.70
C LEU E 28 95.35 61.15 -11.76
N ARG E 29 96.00 61.30 -12.91
CA ARG E 29 95.41 62.10 -13.99
C ARG E 29 94.20 61.42 -14.62
N LYS E 30 94.13 60.09 -14.56
CA LYS E 30 92.92 59.41 -15.02
C LYS E 30 91.75 59.64 -14.05
N GLU E 31 92.03 59.69 -12.76
CA GLU E 31 91.01 60.11 -11.79
C GLU E 31 90.61 61.57 -12.01
N ASP E 32 91.57 62.41 -12.37
CA ASP E 32 91.25 63.78 -12.73
C ASP E 32 90.31 63.80 -13.92
N HIS E 33 90.58 62.95 -14.90
CA HIS E 33 89.63 62.76 -16.00
C HIS E 33 88.26 62.40 -15.47
N ARG E 34 88.23 61.47 -14.52
CA ARG E 34 86.97 60.96 -13.98
C ARG E 34 86.12 62.09 -13.41
N HIS E 35 86.71 62.86 -12.49
CA HIS E 35 85.92 63.91 -11.82
C HIS E 35 85.69 65.11 -12.73
N LEU E 36 86.72 65.50 -13.49
CA LEU E 36 86.56 66.45 -14.59
C LEU E 36 85.30 66.15 -15.39
N THR E 37 85.20 64.93 -15.92
CA THR E 37 84.09 64.58 -16.77
C THR E 37 82.80 64.30 -16.00
N GLN E 38 82.94 63.84 -14.76
CA GLN E 38 81.75 63.51 -13.92
C GLN E 38 81.10 64.84 -13.57
N PHE E 39 81.94 65.86 -13.38
CA PHE E 39 81.42 67.21 -13.08
C PHE E 39 81.16 67.94 -14.40
N ILE E 40 81.66 67.40 -15.51
CA ILE E 40 81.33 67.98 -16.85
C ILE E 40 79.96 67.40 -17.19
N ALA E 41 79.68 66.16 -16.75
CA ALA E 41 78.41 65.49 -16.92
C ALA E 41 77.30 66.25 -16.22
N HIS E 42 77.75 67.16 -15.34
CA HIS E 42 76.84 68.09 -14.65
C HIS E 42 76.28 69.14 -15.63
N ALA E 43 77.06 70.07 -16.16
CA ALA E 43 76.42 70.99 -17.12
C ALA E 43 75.93 70.19 -18.32
N ALA E 44 76.72 69.23 -18.78
CA ALA E 44 76.25 68.36 -19.89
C ALA E 44 74.81 67.95 -19.59
N LEU E 45 74.49 67.60 -18.34
CA LEU E 45 73.15 67.16 -17.98
C LEU E 45 72.20 68.33 -17.95
N ASP E 46 72.61 69.41 -17.30
CA ASP E 46 71.80 70.61 -17.27
C ASP E 46 71.50 71.10 -18.68
N LEU E 47 72.36 70.76 -19.62
CA LEU E 47 72.11 71.05 -21.03
C LEU E 47 71.23 69.99 -21.69
N VAL E 48 71.60 68.73 -21.53
CA VAL E 48 70.99 67.67 -22.31
C VAL E 48 69.57 67.42 -21.84
N ASP E 49 69.19 67.90 -20.66
CA ASP E 49 67.80 67.75 -20.27
C ASP E 49 66.90 68.55 -21.20
N GLU E 50 67.21 69.83 -21.45
CA GLU E 50 66.38 70.54 -22.41
C GLU E 50 66.63 70.03 -23.82
N HIS E 51 67.83 69.52 -24.08
CA HIS E 51 68.07 68.96 -25.40
C HIS E 51 67.18 67.75 -25.65
N LYS E 52 66.96 66.92 -24.62
CA LYS E 52 66.05 65.80 -24.74
C LYS E 52 64.60 66.26 -24.71
N TRP E 53 64.31 67.38 -24.05
CA TRP E 53 62.99 67.95 -24.17
C TRP E 53 62.75 68.48 -25.57
N LYS E 54 63.81 68.71 -26.34
CA LYS E 54 63.65 69.11 -27.74
C LYS E 54 63.41 67.89 -28.61
N THR E 55 64.39 66.98 -28.66
CA THR E 55 64.33 65.81 -29.52
C THR E 55 64.34 64.55 -28.69
N ALA E 56 63.39 63.67 -29.01
CA ALA E 56 63.29 62.34 -28.40
C ALA E 56 64.01 61.33 -29.28
N ASN E 57 65.13 61.75 -29.86
CA ASN E 57 65.91 60.92 -30.75
C ASN E 57 66.45 59.69 -30.02
N MET E 58 66.87 58.70 -30.81
CA MET E 58 67.42 57.47 -30.26
C MET E 58 68.50 57.83 -29.27
N GLN E 59 69.39 58.71 -29.70
CA GLN E 59 70.66 58.98 -29.06
C GLN E 59 71.10 60.37 -29.47
N LEU E 60 71.52 61.16 -28.49
CA LEU E 60 71.97 62.51 -28.73
C LEU E 60 73.49 62.46 -28.88
N LYS E 61 73.96 62.35 -30.12
CA LYS E 61 75.37 62.07 -30.37
C LYS E 61 76.28 63.13 -29.77
N SER E 62 75.88 64.39 -29.84
CA SER E 62 76.73 65.47 -29.36
C SER E 62 75.89 66.41 -28.53
N ILE E 63 76.38 66.71 -27.32
CA ILE E 63 75.74 67.69 -26.45
C ILE E 63 76.68 68.87 -26.19
N ASP E 64 77.93 68.59 -25.88
CA ASP E 64 78.94 69.63 -25.83
C ASP E 64 80.22 69.07 -26.38
N ARG E 65 81.05 69.95 -26.93
CA ARG E 65 82.37 69.60 -27.41
C ARG E 65 83.34 70.61 -26.82
N PHE E 66 84.00 70.23 -25.73
CA PHE E 66 84.93 71.11 -25.01
C PHE E 66 86.18 71.37 -25.75
N ASN E 67 86.24 70.96 -27.02
CA ASN E 67 87.39 71.16 -27.89
C ASN E 67 88.53 70.22 -27.52
N GLN E 68 88.41 69.55 -26.37
CA GLN E 68 89.18 68.35 -26.08
C GLN E 68 88.38 67.28 -25.35
N TRP E 69 87.23 67.63 -24.77
CA TRP E 69 86.34 66.68 -24.11
C TRP E 69 85.02 66.66 -24.85
N PHE E 70 84.54 65.47 -25.20
CA PHE E 70 83.43 65.32 -26.13
C PHE E 70 82.26 64.65 -25.42
N VAL E 71 81.06 65.21 -25.60
CA VAL E 71 79.89 64.82 -24.84
C VAL E 71 78.92 64.10 -25.78
N SER E 72 78.76 62.80 -25.56
CA SER E 72 77.84 61.98 -26.34
C SER E 72 76.78 61.39 -25.43
N ALA E 73 75.52 61.62 -25.75
CA ALA E 73 74.41 61.33 -24.85
C ALA E 73 73.48 60.28 -25.44
N PHE E 74 73.23 59.22 -24.67
CA PHE E 74 72.19 58.24 -24.95
C PHE E 74 71.31 58.16 -23.71
N ILE E 75 70.26 58.96 -23.70
CA ILE E 75 69.34 58.99 -22.57
C ILE E 75 68.25 57.94 -22.76
N THR E 76 67.82 57.35 -21.65
CA THR E 76 66.93 56.20 -21.64
C THR E 76 65.49 56.63 -21.39
N ALA E 77 64.59 55.66 -21.51
CA ALA E 77 63.19 55.92 -21.19
C ALA E 77 63.02 56.30 -19.74
N SER E 78 63.75 55.63 -18.85
CA SER E 78 63.78 56.01 -17.45
C SER E 78 64.70 57.18 -17.20
N GLN E 79 65.02 57.94 -18.23
CA GLN E 79 65.86 59.14 -18.14
C GLN E 79 67.23 58.85 -17.57
N ILE E 80 67.75 57.63 -17.73
CA ILE E 80 69.06 57.34 -17.19
C ILE E 80 70.10 58.02 -18.07
N ARG E 81 70.76 59.04 -17.54
CA ARG E 81 71.75 59.80 -18.29
C ARG E 81 72.98 58.94 -18.54
N PHE E 82 73.35 58.80 -19.80
CA PHE E 82 74.55 58.08 -20.19
C PHE E 82 75.41 58.99 -21.05
N ILE E 83 76.71 59.03 -20.75
CA ILE E 83 77.65 59.84 -21.50
C ILE E 83 78.94 59.08 -21.70
N ILE E 84 79.45 59.13 -22.92
CA ILE E 84 80.82 58.76 -23.22
C ILE E 84 81.60 60.04 -23.46
N VAL E 85 82.74 60.17 -22.80
CA VAL E 85 83.60 61.33 -22.96
C VAL E 85 84.96 60.86 -23.42
N HIS E 86 85.46 61.47 -24.50
CA HIS E 86 86.68 60.99 -25.14
C HIS E 86 87.40 62.16 -25.77
N ASP E 87 88.72 62.03 -25.87
CA ASP E 87 89.53 63.04 -26.53
C ASP E 87 89.51 62.89 -28.05
N ASN E 88 88.92 61.81 -28.55
CA ASN E 88 88.86 61.52 -29.97
C ASN E 88 87.47 61.01 -30.33
N LYS E 89 87.05 61.24 -31.57
CA LYS E 89 85.73 60.83 -32.03
C LYS E 89 85.77 59.43 -32.64
N ASN E 90 84.73 58.64 -32.37
CA ASN E 90 84.47 57.40 -33.11
C ASN E 90 82.96 57.17 -33.08
N ASP E 91 82.24 57.74 -34.05
CA ASP E 91 80.78 57.75 -34.00
C ASP E 91 80.19 56.35 -34.14
N GLU E 92 80.69 55.57 -35.11
CA GLU E 92 80.10 54.27 -35.38
C GLU E 92 80.24 53.35 -34.17
N GLY E 93 81.39 53.41 -33.50
CA GLY E 93 81.54 52.64 -32.28
C GLY E 93 80.56 53.09 -31.22
N ILE E 94 80.45 54.40 -31.02
CA ILE E 94 79.71 54.91 -29.88
C ILE E 94 78.21 54.71 -30.03
N LYS E 95 77.68 54.85 -31.25
CA LYS E 95 76.24 54.77 -31.40
C LYS E 95 75.71 53.40 -30.97
N ASN E 96 76.10 52.36 -31.70
CA ASN E 96 75.65 51.03 -31.28
C ASN E 96 76.36 50.57 -30.02
N PHE E 97 77.41 51.26 -29.57
CA PHE E 97 77.99 50.93 -28.28
C PHE E 97 77.07 51.35 -27.15
N PHE E 98 76.56 52.58 -27.21
CA PHE E 98 75.50 52.98 -26.30
C PHE E 98 74.27 52.12 -26.48
N ASN E 99 74.03 51.65 -27.70
CA ASN E 99 72.96 50.69 -27.90
C ASN E 99 73.17 49.45 -27.05
N GLU E 100 74.33 48.81 -27.18
CA GLU E 100 74.58 47.56 -26.47
C GLU E 100 74.74 47.77 -24.97
N MET E 101 75.31 48.91 -24.56
CA MET E 101 75.20 49.35 -23.18
C MET E 101 73.76 49.32 -22.70
N TYR E 102 72.88 49.96 -23.46
CA TYR E 102 71.47 49.99 -23.08
C TYR E 102 70.90 48.59 -22.99
N ASP E 103 71.34 47.72 -23.89
CA ASP E 103 70.80 46.37 -23.93
C ASP E 103 71.18 45.58 -22.69
N THR E 104 72.49 45.48 -22.42
CA THR E 104 72.91 44.76 -21.24
C THR E 104 72.42 45.46 -19.98
N TYR E 105 72.22 46.77 -20.05
CA TYR E 105 71.60 47.48 -18.94
C TYR E 105 70.19 47.01 -18.71
N ILE E 106 69.42 46.81 -19.78
CA ILE E 106 68.07 46.27 -19.61
C ILE E 106 68.15 44.92 -18.93
N LYS E 107 69.07 44.10 -19.43
CA LYS E 107 69.25 42.75 -18.89
C LYS E 107 69.51 42.79 -17.39
N ASN E 108 70.42 43.65 -16.95
CA ASN E 108 70.73 43.71 -15.53
C ASN E 108 69.85 44.69 -14.77
N SER E 109 68.90 45.31 -15.45
CA SER E 109 67.95 46.18 -14.77
C SER E 109 66.68 45.43 -14.43
N MET E 110 66.40 44.34 -15.16
CA MET E 110 65.20 43.58 -14.85
C MET E 110 65.21 42.98 -13.46
N ASN E 111 66.37 42.56 -12.98
CA ASN E 111 66.44 41.80 -11.74
C ASN E 111 65.78 42.61 -10.63
N ALA E 112 64.79 42.02 -9.95
CA ALA E 112 63.99 42.77 -9.00
C ALA E 112 64.84 43.39 -7.90
N PHE E 113 66.00 42.79 -7.60
CA PHE E 113 66.83 43.27 -6.51
C PHE E 113 67.38 44.67 -6.79
N TYR E 114 67.60 44.99 -8.05
CA TYR E 114 67.95 46.36 -8.37
C TYR E 114 66.75 47.28 -8.14
N ARG E 115 67.03 48.45 -7.59
CA ARG E 115 66.02 49.48 -7.43
C ARG E 115 66.52 50.74 -8.11
N ILE E 116 65.58 51.59 -8.50
CA ILE E 116 65.89 52.76 -9.30
C ILE E 116 67.05 53.52 -8.69
N ASN E 117 67.99 53.93 -9.54
CA ASN E 117 69.12 54.77 -9.15
C ASN E 117 69.93 54.08 -8.04
N THR E 118 70.59 52.99 -8.44
CA THR E 118 71.39 52.21 -7.51
C THR E 118 72.62 51.65 -8.21
N PRO E 119 73.80 51.77 -7.61
CA PRO E 119 75.01 51.21 -8.24
C PRO E 119 74.88 49.71 -8.35
N ILE E 120 75.45 49.15 -9.42
CA ILE E 120 75.31 47.73 -9.71
C ILE E 120 76.72 47.15 -9.84
N LYS E 121 77.06 46.22 -8.96
CA LYS E 121 78.43 45.73 -8.83
C LYS E 121 78.68 44.45 -9.61
N SER E 122 77.70 43.97 -10.37
CA SER E 122 77.78 42.68 -11.03
C SER E 122 78.97 42.61 -11.98
N PRO E 123 80.04 41.88 -11.60
CA PRO E 123 81.21 41.79 -12.49
C PRO E 123 80.87 41.14 -13.82
N MET E 124 79.78 40.39 -13.88
CA MET E 124 79.25 39.94 -15.16
C MET E 124 78.96 41.13 -16.05
N PHE E 125 78.33 42.16 -15.49
CA PHE E 125 78.12 43.38 -16.27
C PHE E 125 79.43 44.01 -16.64
N GLU E 126 80.42 43.92 -15.75
CA GLU E 126 81.74 44.46 -16.05
C GLU E 126 82.33 43.81 -17.28
N LYS E 127 82.31 42.48 -17.32
CA LYS E 127 82.88 41.81 -18.48
C LYS E 127 82.02 41.99 -19.72
N LYS E 128 80.69 42.10 -19.57
CA LYS E 128 79.86 42.45 -20.73
C LYS E 128 80.27 43.79 -21.30
N SER E 129 80.48 44.77 -20.42
CA SER E 129 80.95 46.09 -20.84
C SER E 129 82.32 46.00 -21.50
N GLU E 130 83.22 45.19 -20.91
CA GLU E 130 84.56 45.06 -21.46
C GLU E 130 84.53 44.46 -22.86
N ILE E 131 83.74 43.40 -23.04
CA ILE E 131 83.58 42.81 -24.37
C ILE E 131 83.04 43.83 -25.34
N PHE E 132 82.04 44.61 -24.91
CA PHE E 132 81.53 45.64 -25.80
C PHE E 132 82.62 46.65 -26.17
N GLY E 133 83.42 47.06 -25.19
CA GLY E 133 84.47 48.02 -25.46
C GLY E 133 85.51 47.48 -26.41
N ARG E 134 85.86 46.22 -26.26
CA ARG E 134 86.77 45.59 -27.19
C ARG E 134 86.13 45.43 -28.56
N LYS E 135 84.80 45.37 -28.59
CA LYS E 135 84.12 45.28 -29.88
C LYS E 135 83.97 46.64 -30.53
N TYR E 136 83.37 47.59 -29.84
CA TYR E 136 82.97 48.83 -30.48
C TYR E 136 83.94 49.98 -30.28
N LEU E 137 84.80 49.91 -29.26
CA LEU E 137 85.81 50.94 -29.06
C LEU E 137 87.24 50.43 -29.20
N LEU E 138 87.62 49.44 -28.39
CA LEU E 138 89.05 49.15 -28.33
C LEU E 138 89.43 48.21 -29.47
N SER E 139 90.73 48.17 -29.76
CA SER E 139 91.25 47.26 -30.77
C SER E 139 92.36 46.37 -30.21
N SER F 31 48.43 30.44 -16.25
CA SER F 31 47.00 30.64 -16.16
C SER F 31 46.57 32.08 -15.91
N GLN F 32 45.27 32.30 -16.04
CA GLN F 32 44.64 33.48 -15.45
C GLN F 32 44.59 33.30 -13.93
N SER F 33 44.13 32.12 -13.51
CA SER F 33 43.80 31.90 -12.12
C SER F 33 45.04 31.75 -11.26
N ILE F 34 46.17 31.35 -11.84
CA ILE F 34 47.39 31.33 -11.03
C ILE F 34 47.79 32.75 -10.66
N VAL F 35 47.69 33.67 -11.60
CA VAL F 35 48.00 35.06 -11.31
C VAL F 35 47.01 35.62 -10.30
N ALA F 36 45.73 35.27 -10.45
CA ALA F 36 44.75 35.69 -9.45
C ALA F 36 45.13 35.18 -8.07
N LEU F 37 45.60 33.94 -7.98
CA LEU F 37 45.97 33.37 -6.67
C LEU F 37 47.21 34.05 -6.11
N LEU F 38 48.23 34.23 -6.93
CA LEU F 38 49.44 34.88 -6.46
C LEU F 38 49.14 36.28 -6.01
N PHE F 39 48.18 36.93 -6.65
CA PHE F 39 47.85 38.28 -6.25
C PHE F 39 46.99 38.29 -4.99
N SER F 40 46.15 37.25 -4.79
CA SER F 40 45.46 37.15 -3.52
C SER F 40 46.46 36.99 -2.38
N GLU F 41 47.52 36.22 -2.60
CA GLU F 41 48.56 36.12 -1.59
C GLU F 41 49.31 37.44 -1.43
N ILE F 42 49.48 38.22 -2.50
CA ILE F 42 49.96 39.60 -2.37
C ILE F 42 49.12 40.33 -1.34
N VAL F 43 47.82 40.43 -1.61
CA VAL F 43 46.93 41.23 -0.79
C VAL F 43 46.93 40.74 0.64
N GLN F 44 46.95 39.41 0.81
CA GLN F 44 46.93 38.83 2.14
C GLN F 44 48.21 39.10 2.90
N TYR F 45 49.36 39.06 2.23
CA TYR F 45 50.60 39.34 2.93
C TYR F 45 50.59 40.77 3.44
N SER F 46 50.13 41.69 2.60
CA SER F 46 49.89 43.05 3.08
C SER F 46 48.93 43.04 4.26
N GLN F 47 47.75 42.44 4.08
CA GLN F 47 46.72 42.49 5.10
C GLN F 47 47.21 41.89 6.41
N SER F 48 48.26 41.06 6.33
CA SER F 48 48.91 40.58 7.54
C SER F 48 49.80 41.65 8.14
N ARG F 49 50.95 41.91 7.52
CA ARG F 49 51.91 42.78 8.17
C ARG F 49 51.64 44.25 7.91
N VAL F 50 50.40 44.60 7.59
CA VAL F 50 49.94 45.98 7.51
C VAL F 50 48.70 46.10 8.39
N PHE F 51 48.61 47.19 9.12
CA PHE F 51 47.54 47.33 10.10
C PHE F 51 46.30 48.00 9.57
N THR F 52 46.40 49.06 8.78
CA THR F 52 45.21 49.76 8.32
C THR F 52 45.20 49.88 6.81
N VAL F 53 44.01 50.15 6.28
CA VAL F 53 43.80 50.06 4.83
C VAL F 53 44.65 51.04 4.04
N PRO F 54 44.72 52.34 4.35
CA PRO F 54 45.40 53.25 3.43
C PRO F 54 46.88 52.94 3.28
N GLU F 55 47.53 52.49 4.35
CA GLU F 55 48.93 52.08 4.22
C GLU F 55 49.03 50.77 3.46
N LEU F 56 47.99 49.94 3.50
CA LEU F 56 47.98 48.78 2.62
C LEU F 56 47.95 49.20 1.16
N GLN F 57 47.11 50.19 0.84
CA GLN F 57 47.11 50.74 -0.51
C GLN F 57 48.46 51.34 -0.85
N THR F 58 49.10 51.97 0.14
CA THR F 58 50.44 52.47 -0.06
C THR F 58 51.39 51.32 -0.40
N ARG F 59 51.20 50.17 0.24
CA ARG F 59 52.13 49.08 -0.01
C ARG F 59 51.91 48.54 -1.41
N LEU F 60 50.66 48.47 -1.82
CA LEU F 60 50.32 48.12 -3.20
C LEU F 60 50.97 49.08 -4.17
N HIS F 61 50.88 50.37 -3.87
CA HIS F 61 51.49 51.39 -4.70
C HIS F 61 53.00 51.18 -4.81
N ASP F 62 53.63 50.78 -3.70
CA ASP F 62 55.04 50.45 -3.74
C ASP F 62 55.32 49.31 -4.70
N LEU F 63 54.51 48.25 -4.61
CA LEU F 63 54.67 47.15 -5.54
C LEU F 63 54.54 47.63 -6.98
N GLY F 64 53.61 48.54 -7.22
CA GLY F 64 53.41 49.07 -8.56
C GLY F 64 54.62 49.83 -9.06
N GLN F 65 55.19 50.68 -8.20
CA GLN F 65 56.44 51.35 -8.53
C GLN F 65 57.50 50.34 -8.90
N ASP F 66 57.57 49.23 -8.16
CA ASP F 66 58.55 48.21 -8.46
C ASP F 66 58.37 47.65 -9.86
N VAL F 67 57.12 47.40 -10.24
CA VAL F 67 56.84 46.89 -11.58
C VAL F 67 57.28 47.89 -12.65
N GLY F 68 56.80 49.12 -12.52
CA GLY F 68 57.06 50.11 -13.56
C GLY F 68 58.54 50.36 -13.74
N THR F 69 59.28 50.37 -12.62
CA THR F 69 60.67 50.79 -12.60
C THR F 69 61.49 50.05 -13.64
N ARG F 70 61.13 48.82 -13.94
CA ARG F 70 61.85 48.07 -14.95
C ARG F 70 61.05 47.80 -16.21
N ILE F 71 59.72 47.75 -16.15
CA ILE F 71 59.00 47.48 -17.39
C ILE F 71 59.20 48.63 -18.38
N ILE F 72 59.24 49.87 -17.89
CA ILE F 72 59.33 50.99 -18.83
C ILE F 72 60.62 50.93 -19.63
N ASP F 73 61.71 50.60 -18.96
CA ASP F 73 62.98 50.52 -19.67
C ASP F 73 62.99 49.35 -20.62
N LEU F 74 62.42 48.20 -20.21
CA LEU F 74 62.20 47.13 -21.19
C LEU F 74 61.60 47.65 -22.47
N TYR F 75 60.42 48.24 -22.36
CA TYR F 75 59.60 48.42 -23.53
C TYR F 75 59.92 49.69 -24.28
N PHE F 76 60.90 50.46 -23.81
CA PHE F 76 61.46 51.51 -24.66
C PHE F 76 61.77 51.00 -26.05
N VAL F 77 62.42 49.83 -26.13
CA VAL F 77 62.91 49.32 -27.41
C VAL F 77 61.89 48.44 -28.13
N ARG F 78 61.55 47.31 -27.51
CA ARG F 78 60.90 46.23 -28.25
C ARG F 78 59.57 46.67 -28.83
N GLU F 79 58.75 47.34 -28.03
CA GLU F 79 57.38 47.60 -28.43
C GLU F 79 57.04 49.08 -28.55
N ARG F 80 58.01 49.97 -28.35
CA ARG F 80 57.75 51.41 -28.45
C ARG F 80 58.53 52.05 -29.59
N SER F 81 58.65 51.35 -30.72
CA SER F 81 59.39 51.80 -31.88
C SER F 81 60.87 52.03 -31.60
N SER F 82 61.38 51.53 -30.48
CA SER F 82 62.79 51.59 -30.15
C SER F 82 63.28 53.03 -29.99
N LYS F 83 62.41 53.99 -30.26
CA LYS F 83 62.74 55.40 -30.22
C LYS F 83 62.02 56.06 -29.06
N ARG F 84 62.74 56.94 -28.38
CA ARG F 84 62.19 57.66 -27.25
C ARG F 84 61.08 58.60 -27.71
N GLU F 85 60.12 58.82 -26.80
CA GLU F 85 59.10 59.86 -26.99
C GLU F 85 58.98 60.64 -25.70
N THR F 86 59.02 61.97 -25.81
CA THR F 86 59.06 62.84 -24.65
C THR F 86 57.76 63.57 -24.40
N LYS F 87 57.08 64.02 -25.45
CA LYS F 87 55.95 64.92 -25.31
C LYS F 87 54.83 64.25 -24.51
N LEU F 88 54.09 65.07 -23.77
CA LEU F 88 53.19 64.54 -22.75
C LEU F 88 52.12 63.63 -23.30
N THR F 89 51.11 64.17 -23.98
CA THR F 89 49.92 63.39 -24.25
C THR F 89 50.22 62.20 -25.15
N GLN F 90 51.12 62.39 -26.11
CA GLN F 90 51.53 61.26 -26.94
C GLN F 90 52.12 60.15 -26.09
N MET F 91 53.03 60.49 -25.19
CA MET F 91 53.64 59.46 -24.36
C MET F 91 52.61 58.85 -23.43
N LEU F 92 51.73 59.68 -22.86
CA LEU F 92 50.66 59.17 -22.03
C LEU F 92 49.90 58.07 -22.76
N LEU F 93 49.29 58.40 -23.89
CA LEU F 93 48.44 57.45 -24.57
C LEU F 93 49.23 56.25 -25.07
N PHE F 94 50.39 56.50 -25.68
CA PHE F 94 51.14 55.41 -26.30
C PHE F 94 51.77 54.49 -25.26
N VAL F 95 52.23 55.05 -24.15
CA VAL F 95 52.75 54.21 -23.08
C VAL F 95 51.61 53.45 -22.41
N LYS F 96 50.48 54.11 -22.20
CA LYS F 96 49.26 53.42 -21.79
C LYS F 96 49.07 52.16 -22.62
N THR F 97 48.97 52.34 -23.93
CA THR F 97 48.67 51.23 -24.82
C THR F 97 49.76 50.17 -24.80
N THR F 98 51.02 50.57 -24.91
CA THR F 98 52.09 49.58 -24.99
C THR F 98 52.21 48.79 -23.70
N VAL F 99 52.14 49.47 -22.56
CA VAL F 99 52.13 48.80 -21.27
C VAL F 99 50.95 47.85 -21.17
N TRP F 100 49.78 48.26 -21.66
CA TRP F 100 48.65 47.36 -21.52
C TRP F 100 48.75 46.17 -22.45
N LYS F 101 49.33 46.36 -23.63
CA LYS F 101 49.50 45.23 -24.53
C LYS F 101 50.46 44.21 -23.97
N ASN F 102 51.56 44.66 -23.37
CA ASN F 102 52.48 43.69 -22.82
C ASN F 102 52.16 43.29 -21.38
N LEU F 103 51.12 43.86 -20.78
CA LEU F 103 50.65 43.39 -19.48
C LEU F 103 49.47 42.44 -19.60
N PHE F 104 48.38 42.91 -20.18
CA PHE F 104 47.21 42.10 -20.42
C PHE F 104 46.82 42.02 -21.89
N GLY F 105 47.49 42.76 -22.75
CA GLY F 105 47.02 42.83 -24.11
C GLY F 105 45.68 43.51 -24.26
N LYS F 106 45.42 44.54 -23.48
CA LYS F 106 44.15 45.25 -23.56
C LYS F 106 44.38 46.68 -23.12
N GLU F 107 44.38 47.60 -24.08
CA GLU F 107 44.60 49.01 -23.80
C GLU F 107 43.43 49.60 -23.02
N ALA F 108 43.71 50.66 -22.26
CA ALA F 108 42.67 51.31 -21.49
C ALA F 108 41.60 51.86 -22.42
N GLU F 109 40.36 51.76 -21.98
CA GLU F 109 39.24 51.97 -22.88
C GLU F 109 39.07 53.43 -23.29
N LYS F 110 39.51 54.38 -22.47
CA LYS F 110 39.32 55.78 -22.78
C LYS F 110 40.36 56.61 -22.05
N LEU F 111 40.47 57.87 -22.46
CA LEU F 111 41.34 58.84 -21.80
C LEU F 111 40.64 60.18 -21.70
N GLU F 112 40.60 60.75 -20.50
CA GLU F 112 40.09 62.10 -20.29
C GLU F 112 41.20 63.00 -19.75
N HIS F 113 41.37 64.14 -20.36
CA HIS F 113 42.21 65.21 -19.82
C HIS F 113 41.33 66.43 -19.61
N ALA F 114 41.33 66.95 -18.40
CA ALA F 114 40.30 67.87 -17.95
C ALA F 114 40.80 69.31 -17.97
N ASN F 115 40.04 70.17 -18.66
CA ASN F 115 40.38 71.59 -18.75
C ASN F 115 40.31 72.27 -17.39
N ASP F 116 39.26 71.98 -16.61
CA ASP F 116 39.01 72.71 -15.37
C ASP F 116 40.21 72.66 -14.44
N ASP F 117 40.99 71.58 -14.50
CA ASP F 117 42.31 71.54 -13.89
C ASP F 117 43.26 70.90 -14.90
N GLU F 118 44.07 71.71 -15.55
CA GLU F 118 44.99 71.20 -16.56
C GLU F 118 45.92 70.15 -15.98
N ARG F 119 46.17 70.19 -14.66
CA ARG F 119 46.89 69.10 -14.01
C ARG F 119 46.04 67.83 -13.94
N THR F 120 44.72 67.99 -13.92
CA THR F 120 43.83 66.85 -13.73
C THR F 120 43.58 66.16 -15.04
N TYR F 121 44.17 64.98 -15.21
CA TYR F 121 43.82 64.08 -16.29
C TYR F 121 43.29 62.79 -15.67
N TYR F 122 42.38 62.13 -16.38
CA TYR F 122 41.88 60.83 -15.95
C TYR F 122 42.18 59.80 -17.01
N ILE F 123 42.77 58.68 -16.60
CA ILE F 123 42.88 57.50 -17.44
C ILE F 123 42.03 56.40 -16.83
N ILE F 124 41.17 55.81 -17.64
CA ILE F 124 40.10 54.96 -17.14
C ILE F 124 40.04 53.68 -17.95
N GLU F 125 40.06 52.54 -17.26
CA GLU F 125 39.96 51.22 -17.86
C GLU F 125 38.88 50.43 -17.15
N LYS F 126 37.91 49.93 -17.92
CA LYS F 126 36.81 49.19 -17.33
C LYS F 126 37.28 47.86 -16.75
N GLU F 127 38.41 47.37 -17.22
CA GLU F 127 38.93 46.10 -16.71
C GLU F 127 39.79 46.36 -15.48
N PRO F 128 39.41 45.90 -14.34
CA PRO F 128 40.33 45.98 -13.21
C PRO F 128 41.30 44.82 -13.26
N LEU F 129 42.59 45.08 -13.07
CA LEU F 129 43.55 44.01 -12.88
C LEU F 129 43.14 43.12 -11.72
N VAL F 130 42.44 43.68 -10.74
CA VAL F 130 42.11 42.95 -9.54
C VAL F 130 41.19 41.78 -9.85
N ASN F 131 40.19 41.99 -10.69
CA ASN F 131 39.13 40.98 -10.74
C ASN F 131 39.56 39.66 -11.42
N THR F 132 40.84 39.44 -11.76
CA THR F 132 41.28 38.10 -12.10
C THR F 132 40.84 37.12 -11.01
N PHE F 133 41.00 37.53 -9.76
CA PHE F 133 40.21 37.00 -8.66
C PHE F 133 39.14 38.06 -8.38
N ILE F 134 37.89 37.65 -8.40
CA ILE F 134 36.83 38.61 -8.18
C ILE F 134 36.89 39.11 -6.74
N SER F 135 36.46 40.35 -6.52
CA SER F 135 37.12 41.26 -5.58
C SER F 135 36.81 40.97 -4.11
N VAL F 136 37.13 41.97 -3.28
CA VAL F 136 37.38 41.91 -1.84
C VAL F 136 36.05 42.12 -1.10
N PRO F 137 36.00 42.06 0.23
CA PRO F 137 34.84 42.59 0.94
C PRO F 137 34.54 44.03 0.56
N LYS F 138 33.25 44.34 0.45
CA LYS F 138 32.84 45.68 0.10
C LYS F 138 32.44 46.51 1.32
N ASP F 139 33.02 46.19 2.48
CA ASP F 139 32.76 46.98 3.68
C ASP F 139 34.02 47.68 4.20
N LYS F 140 35.14 46.97 4.28
CA LYS F 140 36.31 47.51 4.94
C LYS F 140 37.21 48.34 4.02
N GLY F 141 37.49 47.85 2.81
CA GLY F 141 38.47 48.51 1.98
C GLY F 141 37.89 49.15 0.75
N SER F 142 37.69 50.46 0.79
CA SER F 142 37.13 51.16 -0.37
C SER F 142 38.04 51.03 -1.58
N LEU F 143 39.35 50.98 -1.34
CA LEU F 143 40.33 50.98 -2.42
C LEU F 143 40.95 49.59 -2.53
N ASN F 144 41.40 49.27 -3.74
CA ASN F 144 41.85 47.92 -4.04
C ASN F 144 43.08 47.95 -4.94
N CYS F 145 43.39 46.81 -5.57
CA CYS F 145 44.48 46.75 -6.54
C CYS F 145 44.53 47.93 -7.48
N ALA F 146 43.36 48.50 -7.77
CA ALA F 146 43.27 49.70 -8.58
C ALA F 146 44.42 50.65 -8.24
N ASN F 147 44.71 50.77 -6.95
CA ASN F 147 45.85 51.58 -6.54
C ASN F 147 47.17 50.93 -6.94
N PHE F 148 47.26 49.60 -6.94
CA PHE F 148 48.54 48.97 -7.32
C PHE F 148 48.85 49.19 -8.80
N THR F 149 47.82 49.09 -9.64
CA THR F 149 48.00 49.46 -11.04
C THR F 149 48.36 50.93 -11.15
N ALA F 150 47.69 51.78 -10.38
CA ALA F 150 48.06 53.19 -10.33
C ALA F 150 49.51 53.37 -9.93
N GLY F 151 50.03 52.47 -9.09
CA GLY F 151 51.43 52.53 -8.72
C GLY F 151 52.34 52.22 -9.89
N ILE F 152 52.00 51.21 -10.68
CA ILE F 152 52.79 50.96 -11.88
C ILE F 152 52.75 52.17 -12.80
N VAL F 153 51.57 52.79 -12.90
CA VAL F 153 51.40 53.98 -13.72
C VAL F 153 52.33 55.08 -13.23
N GLU F 154 52.33 55.31 -11.94
CA GLU F 154 53.16 56.36 -11.37
C GLU F 154 54.62 56.09 -11.66
N ALA F 155 55.04 54.83 -11.54
CA ALA F 155 56.42 54.48 -11.84
C ALA F 155 56.78 54.87 -13.25
N VAL F 156 55.97 54.43 -14.22
CA VAL F 156 56.35 54.70 -15.60
C VAL F 156 56.31 56.20 -15.90
N LEU F 157 55.31 56.91 -15.39
CA LEU F 157 55.25 58.34 -15.65
C LEU F 157 56.48 59.03 -15.09
N THR F 158 56.75 58.82 -13.80
CA THR F 158 57.84 59.52 -13.17
C THR F 158 59.19 59.07 -13.70
N ASN F 159 59.25 57.91 -14.34
CA ASN F 159 60.53 57.51 -14.89
C ASN F 159 60.72 58.00 -16.31
N CYS F 160 59.63 58.17 -17.05
CA CYS F 160 59.70 58.88 -18.31
C CYS F 160 60.15 60.31 -18.16
N GLY F 161 59.93 60.91 -17.01
CA GLY F 161 60.08 62.33 -16.84
C GLY F 161 58.83 63.02 -16.43
N PHE F 162 57.98 62.37 -15.66
CA PHE F 162 56.65 62.91 -15.35
C PHE F 162 56.24 62.48 -13.96
N PRO F 163 56.85 63.08 -12.94
CA PRO F 163 56.41 62.81 -11.57
C PRO F 163 54.94 63.16 -11.44
N CYS F 164 54.17 62.23 -10.87
CA CYS F 164 52.75 62.44 -10.77
C CYS F 164 52.21 61.61 -9.63
N LYS F 165 51.07 62.05 -9.09
CA LYS F 165 50.36 61.33 -8.06
C LYS F 165 49.04 60.84 -8.66
N VAL F 166 48.68 59.58 -8.40
CA VAL F 166 47.55 58.96 -9.07
C VAL F 166 46.58 58.40 -8.04
N THR F 167 45.30 58.68 -8.23
CA THR F 167 44.26 58.19 -7.35
C THR F 167 43.36 57.24 -8.13
N ALA F 168 42.99 56.13 -7.50
CA ALA F 168 42.09 55.15 -8.09
C ALA F 168 40.71 55.34 -7.49
N HIS F 169 39.71 55.51 -8.34
CA HIS F 169 38.35 55.74 -7.87
C HIS F 169 37.41 54.71 -8.47
N TRP F 170 36.43 54.32 -7.66
CA TRP F 170 35.39 53.39 -8.11
C TRP F 170 34.24 54.18 -8.74
N HIS F 171 34.64 55.02 -9.70
CA HIS F 171 33.73 55.84 -10.46
C HIS F 171 33.83 55.44 -11.92
N LYS F 172 32.70 55.06 -12.51
CA LYS F 172 32.66 54.54 -13.87
C LYS F 172 33.63 53.36 -14.01
N GLY F 173 33.49 52.41 -13.10
CA GLY F 173 34.43 51.31 -13.05
C GLY F 173 35.78 51.82 -12.57
N THR F 174 36.77 50.94 -12.73
CA THR F 174 38.12 51.29 -12.34
C THR F 174 38.60 52.50 -13.12
N THR F 175 38.70 53.63 -12.45
CA THR F 175 39.18 54.85 -13.08
C THR F 175 40.38 55.37 -12.31
N TYR F 176 41.13 56.25 -12.96
CA TYR F 176 42.32 56.84 -12.39
C TYR F 176 42.31 58.34 -12.63
N MET F 177 43.17 59.03 -11.89
CA MET F 177 43.37 60.45 -12.04
C MET F 177 44.84 60.73 -11.79
N VAL F 178 45.44 61.59 -12.60
CA VAL F 178 46.86 61.86 -12.53
C VAL F 178 47.10 63.33 -12.25
N LYS F 179 47.97 63.60 -11.28
CA LYS F 179 48.48 64.92 -10.89
C LYS F 179 49.96 65.02 -11.23
N PHE F 180 50.24 65.60 -12.39
CA PHE F 180 51.60 65.66 -12.90
C PHE F 180 52.48 66.54 -12.02
N GLU F 181 53.72 66.71 -12.45
CA GLU F 181 54.67 67.54 -11.72
C GLU F 181 54.63 68.98 -12.20
N ASP F 182 54.73 69.90 -11.25
CA ASP F 182 54.60 71.32 -11.55
C ASP F 182 55.68 71.80 -12.52
N PHE F 183 56.94 71.47 -12.23
CA PHE F 183 57.99 71.83 -13.18
C PHE F 183 57.71 71.20 -14.52
N VAL F 184 57.23 69.96 -14.52
CA VAL F 184 56.83 69.30 -15.75
C VAL F 184 55.67 70.04 -16.40
N ILE F 185 54.66 70.44 -15.62
CA ILE F 185 53.48 71.03 -16.21
C ILE F 185 53.82 72.37 -16.86
N ALA F 186 54.66 73.17 -16.19
CA ALA F 186 55.17 74.38 -16.82
C ALA F 186 56.02 74.05 -18.03
N ARG F 187 56.81 72.98 -17.96
CA ARG F 187 57.75 72.68 -19.03
C ARG F 187 57.01 72.36 -20.31
N ASP F 188 56.00 71.51 -20.25
CA ASP F 188 55.28 71.18 -21.47
C ASP F 188 54.37 72.33 -21.88
N LYS F 189 53.78 73.03 -20.90
CA LYS F 189 52.99 74.20 -21.21
C LYS F 189 53.81 75.19 -22.02
N GLN F 190 55.12 75.24 -21.74
CA GLN F 190 56.00 76.07 -22.55
C GLN F 190 56.29 75.44 -23.89
N MET F 191 56.65 74.15 -23.92
CA MET F 191 56.88 73.56 -25.24
C MET F 191 55.60 73.10 -25.89
N GLU F 192 54.45 73.69 -25.55
CA GLU F 192 53.26 73.50 -26.35
C GLU F 192 53.49 74.01 -27.78
N GLU F 193 54.40 74.97 -27.93
CA GLU F 193 54.86 75.40 -29.24
C GLU F 193 56.30 74.95 -29.45
N LYS F 194 56.72 74.94 -30.72
CA LYS F 194 58.13 74.74 -31.03
C LYS F 194 58.66 75.98 -31.74
N ALA G 10 43.45 29.90 -21.82
CA ALA G 10 44.26 30.80 -22.65
C ALA G 10 45.34 31.48 -21.82
N LYS G 11 45.07 31.55 -20.52
CA LYS G 11 45.89 32.19 -19.49
C LYS G 11 45.80 33.71 -19.55
N LYS G 12 45.36 34.27 -20.69
CA LYS G 12 45.15 35.71 -20.85
C LYS G 12 46.12 36.60 -20.09
N VAL G 13 47.42 36.29 -20.05
CA VAL G 13 48.36 37.13 -19.29
C VAL G 13 49.77 36.84 -19.75
N ASN G 14 50.65 37.80 -19.53
CA ASN G 14 52.02 37.80 -20.01
C ASN G 14 52.96 37.28 -18.93
N SER G 15 53.86 36.38 -19.33
CA SER G 15 54.73 35.70 -18.37
C SER G 15 55.57 36.68 -17.55
N GLU G 16 56.01 37.76 -18.17
CA GLU G 16 56.84 38.72 -17.44
C GLU G 16 56.07 39.39 -16.32
N PHE G 17 54.76 39.59 -16.47
CA PHE G 17 54.01 40.29 -15.44
C PHE G 17 53.91 39.44 -14.18
N LEU G 18 53.69 38.14 -14.34
CA LEU G 18 53.75 37.26 -13.20
C LEU G 18 55.14 37.24 -12.60
N THR G 19 56.17 37.27 -13.44
CA THR G 19 57.53 37.31 -12.90
C THR G 19 57.77 38.57 -12.08
N LEU G 20 57.26 39.71 -12.56
CA LEU G 20 57.42 40.96 -11.81
C LEU G 20 56.66 40.93 -10.49
N THR G 21 55.47 40.34 -10.47
CA THR G 21 54.79 40.24 -9.18
C THR G 21 55.57 39.37 -8.21
N TYR G 22 56.14 38.27 -8.70
CA TYR G 22 56.93 37.41 -7.80
C TYR G 22 58.18 38.14 -7.32
N GLY G 23 58.84 38.89 -8.21
CA GLY G 23 59.98 39.67 -7.76
C GLY G 23 59.58 40.73 -6.74
N ALA G 24 58.40 41.33 -6.93
CA ALA G 24 57.91 42.28 -5.95
C ALA G 24 57.79 41.63 -4.58
N LEU G 25 57.18 40.45 -4.54
CA LEU G 25 57.13 39.70 -3.29
C LEU G 25 58.52 39.51 -2.69
N VAL G 26 59.44 38.96 -3.48
CA VAL G 26 60.72 38.56 -2.91
C VAL G 26 61.46 39.77 -2.37
N THR G 27 61.49 40.84 -3.15
CA THR G 27 62.19 42.04 -2.71
C THR G 27 61.51 42.61 -1.47
N GLN G 28 60.19 42.61 -1.44
CA GLN G 28 59.48 43.16 -0.29
C GLN G 28 59.74 42.34 0.95
N MET G 29 59.90 41.03 0.80
CA MET G 29 60.24 40.21 1.96
C MET G 29 61.64 40.52 2.44
N LEU G 30 62.59 40.61 1.50
CA LEU G 30 63.96 40.94 1.89
C LEU G 30 63.98 42.25 2.67
N ARG G 31 63.12 43.19 2.30
CA ARG G 31 63.04 44.44 3.03
C ARG G 31 62.38 44.24 4.40
N ASP G 32 61.11 43.82 4.39
CA ASP G 32 60.33 43.82 5.63
C ASP G 32 60.99 42.96 6.69
N PHE G 33 61.49 41.80 6.29
CA PHE G 33 62.14 40.88 7.22
C PHE G 33 63.59 40.71 6.80
N GLU G 34 64.49 40.79 7.78
CA GLU G 34 65.92 40.90 7.48
C GLU G 34 66.51 39.57 7.01
N ASN G 35 65.98 38.46 7.51
CA ASN G 35 66.60 37.17 7.34
C ASN G 35 65.96 36.38 6.21
N ALA G 36 66.81 35.65 5.48
CA ALA G 36 66.33 34.80 4.40
C ALA G 36 65.49 33.64 4.91
N GLU G 37 65.85 33.09 6.07
CA GLU G 37 65.11 31.95 6.58
C GLU G 37 63.67 32.32 6.87
N ASP G 38 63.44 33.49 7.48
CA ASP G 38 62.08 33.93 7.74
C ASP G 38 61.31 34.21 6.47
N VAL G 39 61.91 34.96 5.55
CA VAL G 39 61.18 35.29 4.34
C VAL G 39 60.87 34.02 3.56
N ASN G 40 61.77 33.05 3.62
CA ASN G 40 61.53 31.80 2.93
C ASN G 40 60.42 31.00 3.59
N LYS G 41 60.43 30.90 4.90
CA LYS G 41 59.35 30.17 5.55
C LYS G 41 58.03 30.89 5.36
N GLN G 42 58.07 32.22 5.34
CA GLN G 42 56.86 33.00 5.09
C GLN G 42 56.31 32.72 3.70
N LEU G 43 57.17 32.73 2.69
CA LEU G 43 56.69 32.46 1.35
C LEU G 43 56.24 31.02 1.23
N GLU G 44 56.88 30.11 1.94
CA GLU G 44 56.43 28.73 1.91
C GLU G 44 55.05 28.60 2.50
N ARG G 45 54.75 29.40 3.53
CA ARG G 45 53.40 29.43 4.06
C ARG G 45 52.41 29.98 3.04
N ILE G 46 52.77 31.06 2.36
CA ILE G 46 51.83 31.59 1.39
C ILE G 46 51.65 30.60 0.24
N GLY G 47 52.69 29.83 -0.09
CA GLY G 47 52.55 28.82 -1.13
C GLY G 47 51.73 27.62 -0.66
N TYR G 48 51.90 27.23 0.59
CA TYR G 48 51.00 26.27 1.19
C TYR G 48 49.57 26.72 1.02
N ASN G 49 49.32 28.01 1.17
CA ASN G 49 47.94 28.45 1.10
C ASN G 49 47.51 28.63 -0.36
N MET G 50 48.48 28.86 -1.24
CA MET G 50 48.25 28.72 -2.67
C MET G 50 47.68 27.35 -2.99
N GLY G 51 48.36 26.31 -2.53
CA GLY G 51 48.02 24.96 -2.96
C GLY G 51 46.59 24.59 -2.63
N MET G 52 46.08 25.10 -1.51
CA MET G 52 44.71 24.83 -1.12
C MET G 52 43.69 25.31 -2.16
N ARG G 53 44.11 26.17 -3.08
CA ARG G 53 43.24 26.56 -4.17
C ARG G 53 43.73 26.08 -5.52
N LEU G 54 45.05 25.94 -5.66
CA LEU G 54 45.60 25.39 -6.89
C LEU G 54 45.11 23.98 -7.13
N ILE G 55 45.07 23.15 -6.09
CA ILE G 55 44.70 21.77 -6.31
C ILE G 55 43.22 21.65 -6.65
N GLU G 56 42.36 22.44 -6.00
CA GLU G 56 40.95 22.39 -6.35
C GLU G 56 40.71 22.94 -7.76
N ASP G 57 41.51 23.91 -8.19
CA ASP G 57 41.37 24.38 -9.57
C ASP G 57 41.77 23.30 -10.55
N PHE G 58 42.93 22.68 -10.34
CA PHE G 58 43.39 21.62 -11.22
C PHE G 58 42.43 20.45 -11.21
N LEU G 59 41.64 20.32 -10.15
CA LEU G 59 40.56 19.35 -10.18
C LEU G 59 39.35 19.85 -10.96
N ALA G 60 39.05 21.15 -10.88
CA ALA G 60 37.93 21.69 -11.64
C ALA G 60 38.21 21.63 -13.14
N ARG G 61 39.46 21.84 -13.55
CA ARG G 61 39.81 21.63 -14.94
C ARG G 61 39.69 20.17 -15.33
N THR G 62 40.06 19.26 -14.44
CA THR G 62 39.97 17.83 -14.71
C THR G 62 39.81 17.06 -13.41
N SER G 63 38.73 16.27 -13.32
CA SER G 63 38.57 15.37 -12.18
C SER G 63 39.49 14.17 -12.39
N ALA G 64 40.74 14.35 -12.03
CA ALA G 64 41.69 13.25 -12.15
C ALA G 64 41.34 12.15 -11.15
N PRO G 65 41.81 10.93 -11.37
CA PRO G 65 41.64 9.87 -10.37
C PRO G 65 42.40 10.21 -9.10
N ARG G 66 41.91 9.69 -7.97
CA ARG G 66 42.49 10.09 -6.69
C ARG G 66 43.93 9.62 -6.57
N CYS G 67 44.09 8.31 -6.42
CA CYS G 67 45.41 7.71 -6.39
C CYS G 67 45.29 6.20 -6.41
N LEU G 68 45.96 5.58 -7.37
CA LEU G 68 46.25 4.16 -7.27
C LEU G 68 47.74 3.92 -7.08
N GLU G 69 48.55 4.87 -7.54
CA GLU G 69 49.99 4.78 -7.47
C GLU G 69 50.55 6.19 -7.40
N MET G 70 51.83 6.26 -7.06
CA MET G 70 52.47 7.56 -6.93
C MET G 70 52.60 8.25 -8.28
N ARG G 71 53.14 7.54 -9.28
CA ARG G 71 53.42 8.20 -10.54
C ARG G 71 52.15 8.70 -11.21
N GLU G 72 51.00 8.16 -10.80
CA GLU G 72 49.74 8.74 -11.27
C GLU G 72 49.56 10.14 -10.71
N THR G 73 49.79 10.32 -9.41
CA THR G 73 49.78 11.68 -8.88
C THR G 73 50.88 12.52 -9.53
N ALA G 74 52.02 11.90 -9.82
CA ALA G 74 53.17 12.62 -10.35
C ALA G 74 52.86 13.20 -11.72
N ASP G 75 52.26 12.41 -12.61
CA ASP G 75 51.94 12.98 -13.89
C ASP G 75 50.69 13.86 -13.81
N ARG G 76 49.78 13.64 -12.85
CA ARG G 76 48.73 14.63 -12.62
C ARG G 76 49.33 16.00 -12.32
N ILE G 77 50.25 16.05 -11.36
CA ILE G 77 50.82 17.34 -10.97
C ILE G 77 51.67 17.91 -12.09
N GLN G 78 52.37 17.07 -12.86
CA GLN G 78 53.11 17.62 -13.99
C GLN G 78 52.17 18.20 -15.03
N GLN G 79 51.01 17.55 -15.22
CA GLN G 79 49.98 18.13 -16.07
C GLN G 79 49.58 19.50 -15.57
N ALA G 80 49.32 19.61 -14.27
CA ALA G 80 48.93 20.88 -13.69
C ALA G 80 50.01 21.94 -13.88
N PHE G 81 51.27 21.56 -13.66
CA PHE G 81 52.38 22.47 -13.84
C PHE G 81 52.47 22.96 -15.27
N ARG G 82 52.27 22.05 -16.22
CA ARG G 82 52.20 22.48 -17.60
C ARG G 82 50.93 23.27 -17.88
N ILE G 83 49.94 23.22 -16.99
CA ILE G 83 48.72 23.98 -17.23
C ILE G 83 48.94 25.45 -16.94
N TYR G 84 49.15 25.80 -15.68
CA TYR G 84 49.19 27.19 -15.27
C TYR G 84 50.50 27.86 -15.65
N LEU G 85 51.60 27.12 -15.61
CA LEU G 85 52.90 27.64 -16.00
C LEU G 85 53.21 27.37 -17.47
N ASN G 86 52.30 26.74 -18.20
CA ASN G 86 52.44 26.51 -19.63
C ASN G 86 53.71 25.78 -20.00
N ILE G 87 54.31 25.08 -19.05
CA ILE G 87 55.62 24.46 -19.27
C ILE G 87 55.56 22.99 -18.88
N GLN G 88 55.90 22.14 -19.83
CA GLN G 88 55.84 20.71 -19.61
C GLN G 88 56.95 20.28 -18.68
N PRO G 89 56.65 19.75 -17.50
CA PRO G 89 57.68 19.21 -16.64
C PRO G 89 58.02 17.79 -17.07
N THR G 90 58.96 17.20 -16.36
CA THR G 90 59.44 15.86 -16.69
C THR G 90 59.78 15.14 -15.40
N ILE G 91 58.96 14.16 -15.05
CA ILE G 91 59.17 13.40 -13.84
C ILE G 91 60.38 12.50 -14.03
N SER G 92 61.11 12.23 -12.95
CA SER G 92 62.26 11.35 -13.02
C SER G 92 62.61 10.90 -11.61
N ASN G 93 63.70 10.14 -11.52
CA ASN G 93 64.36 9.81 -10.25
C ASN G 93 63.38 9.23 -9.23
N TRP G 94 62.88 8.03 -9.51
CA TRP G 94 62.02 7.37 -8.55
C TRP G 94 62.79 6.71 -7.42
N SER G 95 62.07 6.48 -6.34
CA SER G 95 62.53 5.61 -5.28
C SER G 95 62.65 4.18 -5.79
N PRO G 96 63.51 3.38 -5.19
CA PRO G 96 63.37 1.93 -5.35
C PRO G 96 61.98 1.49 -4.95
N ALA G 97 61.41 2.18 -3.97
CA ALA G 97 60.06 1.92 -3.51
C ALA G 97 59.01 2.69 -4.29
N SER G 98 59.40 3.41 -5.33
CA SER G 98 58.48 4.14 -6.19
C SER G 98 57.67 5.18 -5.44
N ASP G 99 57.97 5.38 -4.16
CA ASP G 99 57.19 6.31 -3.38
C ASP G 99 57.49 7.76 -3.68
N GLU G 100 58.76 8.07 -3.94
CA GLU G 100 59.17 9.45 -4.11
C GLU G 100 59.85 9.63 -5.45
N PHE G 101 59.60 10.77 -6.09
CA PHE G 101 60.15 11.09 -7.40
C PHE G 101 60.70 12.50 -7.38
N SER G 102 61.29 12.89 -8.50
CA SER G 102 61.84 14.21 -8.70
C SER G 102 61.12 14.89 -9.87
N LEU G 103 61.04 16.22 -9.81
CA LEU G 103 60.30 17.01 -10.78
C LEU G 103 61.20 18.05 -11.39
N VAL G 104 61.05 18.27 -12.69
CA VAL G 104 62.00 19.04 -13.48
C VAL G 104 61.26 20.20 -14.14
N PHE G 105 61.75 21.42 -13.89
CA PHE G 105 61.32 22.61 -14.60
C PHE G 105 62.54 23.22 -15.28
N ASP G 106 62.46 23.37 -16.60
CA ASP G 106 63.59 23.95 -17.32
C ASP G 106 63.77 25.41 -16.97
N SER G 107 62.66 26.14 -16.85
CA SER G 107 62.73 27.58 -16.64
C SER G 107 61.38 28.03 -16.12
N ASN G 108 61.35 28.49 -14.87
CA ASN G 108 60.12 28.94 -14.28
C ASN G 108 59.94 30.42 -14.57
N PRO G 109 58.81 30.83 -15.14
CA PRO G 109 58.56 32.28 -15.27
C PRO G 109 58.77 33.01 -13.96
N LEU G 110 58.39 32.37 -12.87
CA LEU G 110 58.71 32.90 -11.55
C LEU G 110 60.22 32.91 -11.32
N THR G 111 60.86 31.75 -11.50
CA THR G 111 62.29 31.67 -11.21
C THR G 111 63.09 32.51 -12.18
N GLU G 112 62.74 32.47 -13.46
CA GLU G 112 63.52 33.14 -14.46
C GLU G 112 63.11 34.61 -14.56
N PHE G 113 63.87 35.36 -15.36
CA PHE G 113 63.92 36.81 -15.38
C PHE G 113 64.39 37.39 -14.05
N VAL G 114 65.04 36.58 -13.21
CA VAL G 114 65.59 37.03 -11.95
C VAL G 114 66.83 36.20 -11.67
N GLU G 115 67.94 36.86 -11.37
CA GLU G 115 69.07 36.20 -10.74
C GLU G 115 69.21 36.75 -9.34
N LEU G 116 70.19 36.25 -8.59
CA LEU G 116 70.23 36.49 -7.15
C LEU G 116 71.51 37.20 -6.73
N PRO G 117 71.41 38.25 -5.93
CA PRO G 117 72.58 38.86 -5.33
C PRO G 117 73.29 37.87 -4.42
N PRO G 118 74.62 37.87 -4.43
CA PRO G 118 75.37 36.78 -3.78
C PRO G 118 75.16 36.68 -2.28
N ASP G 119 74.67 37.74 -1.64
CA ASP G 119 74.43 37.67 -0.22
C ASP G 119 73.36 36.65 0.14
N LEU G 120 72.43 36.36 -0.79
CA LEU G 120 71.26 35.56 -0.48
C LEU G 120 71.42 34.09 -0.84
N THR G 121 72.62 33.53 -0.66
CA THR G 121 72.82 32.13 -1.02
C THR G 121 71.97 31.20 -0.17
N ASN G 122 71.87 31.48 1.13
CA ASN G 122 71.05 30.64 1.99
C ASN G 122 69.56 30.78 1.68
N LEU G 123 69.16 31.79 0.92
CA LEU G 123 67.79 31.85 0.45
C LEU G 123 67.53 30.72 -0.54
N ARG G 124 66.37 30.09 -0.42
CA ARG G 124 65.82 29.21 -1.45
C ARG G 124 64.69 29.98 -2.11
N TYR G 125 64.92 30.41 -3.36
CA TYR G 125 64.10 31.45 -3.97
C TYR G 125 62.72 30.96 -4.34
N SER G 126 62.65 30.00 -5.27
CA SER G 126 61.38 29.59 -5.86
C SER G 126 60.59 28.65 -4.96
N ALA G 127 60.92 28.61 -3.66
CA ALA G 127 60.28 27.70 -2.72
C ALA G 127 58.77 27.89 -2.63
N ILE G 128 58.24 28.96 -3.23
CA ILE G 128 56.80 29.12 -3.29
C ILE G 128 56.17 27.92 -3.96
N LEU G 129 56.86 27.31 -4.91
CA LEU G 129 56.30 26.13 -5.57
C LEU G 129 56.25 24.94 -4.63
N SER G 130 57.29 24.74 -3.83
CA SER G 130 57.23 23.65 -2.86
C SER G 130 56.07 23.87 -1.91
N GLY G 131 55.89 25.09 -1.45
CA GLY G 131 54.72 25.39 -0.64
C GLY G 131 53.43 25.09 -1.37
N CYS G 132 53.38 25.43 -2.67
CA CYS G 132 52.20 25.16 -3.48
C CYS G 132 51.89 23.69 -3.48
N ILE G 133 52.91 22.87 -3.71
CA ILE G 133 52.73 21.43 -3.72
C ILE G 133 52.23 20.95 -2.37
N ARG G 134 52.83 21.46 -1.29
CA ARG G 134 52.44 21.02 0.03
C ARG G 134 50.96 21.27 0.29
N GLY G 135 50.55 22.53 0.20
CA GLY G 135 49.16 22.87 0.48
C GLY G 135 48.20 22.20 -0.48
N ALA G 136 48.62 22.05 -1.73
CA ALA G 136 47.82 21.34 -2.72
C ALA G 136 47.61 19.89 -2.30
N LEU G 137 48.64 19.26 -1.76
CA LEU G 137 48.48 17.87 -1.34
C LEU G 137 47.74 17.77 -0.01
N GLU G 138 47.72 18.83 0.78
CA GLU G 138 47.07 18.70 2.07
C GLU G 138 45.58 19.00 1.99
N MET G 139 45.17 19.89 1.10
CA MET G 139 43.73 20.03 0.90
C MET G 139 43.16 18.79 0.22
N VAL G 140 44.00 18.02 -0.46
CA VAL G 140 43.55 16.80 -1.12
C VAL G 140 43.81 15.68 -0.14
N GLN G 141 44.04 16.04 1.12
CA GLN G 141 44.27 15.09 2.22
C GLN G 141 45.31 14.04 1.82
N LEU G 142 46.49 14.50 1.45
CA LEU G 142 47.56 13.61 1.00
C LEU G 142 48.89 14.13 1.52
N GLU G 143 49.60 13.28 2.24
CA GLU G 143 50.75 13.73 3.01
C GLU G 143 52.03 13.50 2.22
N VAL G 144 52.70 14.58 1.86
CA VAL G 144 53.91 14.53 1.05
C VAL G 144 54.92 15.57 1.54
N GLN G 145 56.20 15.30 1.27
CA GLN G 145 57.27 16.23 1.54
C GLN G 145 57.94 16.60 0.23
N CYS G 146 58.10 17.90 -0.01
CA CYS G 146 58.65 18.41 -1.25
C CYS G 146 59.61 19.54 -0.97
N TRP G 147 60.82 19.41 -1.50
CA TRP G 147 61.83 20.45 -1.44
C TRP G 147 62.63 20.39 -2.72
N PHE G 148 63.14 21.54 -3.14
CA PHE G 148 63.83 21.63 -4.42
C PHE G 148 65.24 21.12 -4.18
N VAL G 149 65.49 19.88 -4.58
CA VAL G 149 66.84 19.33 -4.43
C VAL G 149 67.83 20.08 -5.29
N GLN G 150 67.41 20.55 -6.46
CA GLN G 150 68.22 21.45 -7.28
C GLN G 150 67.36 22.60 -7.78
N ASP G 151 67.92 23.80 -7.78
CA ASP G 151 67.22 25.01 -8.22
C ASP G 151 68.01 25.67 -9.34
N GLN G 152 67.28 26.19 -10.33
CA GLN G 152 67.92 26.78 -11.49
C GLN G 152 68.92 27.86 -11.09
N LEU G 153 68.62 28.60 -10.01
CA LEU G 153 69.45 29.73 -9.64
C LEU G 153 70.76 29.30 -9.00
N LYS G 154 70.76 28.21 -8.24
CA LYS G 154 71.94 27.82 -7.46
C LYS G 154 73.07 27.30 -8.31
N GLY G 155 72.98 27.35 -9.64
CA GLY G 155 73.95 26.71 -10.50
C GLY G 155 73.51 25.36 -11.00
N ASP G 156 72.37 24.86 -10.52
CA ASP G 156 71.79 23.64 -11.06
C ASP G 156 71.30 23.88 -12.49
N ASN G 157 71.39 22.83 -13.30
CA ASN G 157 70.95 22.95 -14.69
C ASN G 157 69.51 23.41 -14.77
N VAL G 158 68.62 22.73 -14.06
CA VAL G 158 67.20 23.09 -14.02
C VAL G 158 66.66 22.75 -12.64
N THR G 159 65.60 23.45 -12.26
CA THR G 159 65.04 23.28 -10.92
C THR G 159 64.60 21.83 -10.72
N GLU G 160 65.16 21.19 -9.70
CA GLU G 160 64.80 19.82 -9.36
C GLU G 160 64.23 19.78 -7.95
N LEU G 161 63.12 19.07 -7.81
CA LEU G 161 62.40 18.93 -6.57
C LEU G 161 62.56 17.52 -6.04
N ARG G 162 62.12 17.31 -4.81
CA ARG G 162 61.82 15.98 -4.29
C ARG G 162 60.35 15.95 -3.89
N VAL G 163 59.74 14.77 -3.95
CA VAL G 163 58.32 14.62 -3.64
C VAL G 163 58.19 13.36 -2.79
N LYS G 164 58.24 13.52 -1.46
CA LYS G 164 58.32 12.41 -0.51
C LYS G 164 56.94 12.16 0.09
N PHE G 165 56.23 11.17 -0.44
CA PHE G 165 54.83 10.93 -0.06
C PHE G 165 54.84 9.97 1.13
N VAL G 166 54.98 10.54 2.33
CA VAL G 166 55.29 9.72 3.49
C VAL G 166 54.13 8.79 3.83
N ARG G 167 52.90 9.27 3.66
CA ARG G 167 51.75 8.46 4.05
C ARG G 167 50.48 9.06 3.45
N ARG G 168 49.34 8.50 3.85
CA ARG G 168 48.05 8.79 3.27
C ARG G 168 47.11 9.41 4.30
N LEU G 169 46.20 10.26 3.82
CA LEU G 169 45.14 10.83 4.64
C LEU G 169 43.77 10.78 3.98
N GLU G 170 43.68 10.46 2.69
CA GLU G 170 42.41 10.32 1.98
C GLU G 170 42.19 8.86 1.62
N GLU G 171 41.03 8.32 2.04
CA GLU G 171 40.76 6.90 1.94
C GLU G 171 40.11 6.57 0.60
N VAL G 172 39.77 5.29 0.42
CA VAL G 172 39.18 4.83 -0.84
C VAL G 172 37.73 5.28 -0.98
N ILE G 173 37.00 5.35 0.13
CA ILE G 173 35.64 5.91 0.12
C ILE G 173 35.75 7.41 0.39
N PRO G 174 34.98 8.26 -0.31
CA PRO G 174 35.12 9.70 -0.10
C PRO G 174 34.60 10.19 1.25
N ALA G 175 34.27 9.28 2.17
CA ALA G 175 34.00 9.69 3.54
C ALA G 175 35.27 10.24 4.21
N GLY G 176 36.36 9.48 4.15
CA GLY G 176 37.66 9.91 4.65
C GLY G 176 37.73 10.23 6.13
N GLU G 177 38.94 10.51 6.61
CA GLU G 177 39.17 10.86 8.01
C GLU G 177 39.32 12.38 8.12
N ASP G 178 38.51 12.99 8.99
CA ASP G 178 38.49 14.44 9.13
C ASP G 178 37.94 14.88 10.48
N MET H 1 -57.88 -24.77 3.64
CA MET H 1 -56.54 -25.00 3.14
C MET H 1 -55.59 -24.97 4.34
N ALA H 2 -55.79 -25.88 5.28
CA ALA H 2 -55.07 -25.86 6.54
C ALA H 2 -53.71 -26.51 6.31
N PHE H 3 -52.66 -25.72 6.46
CA PHE H 3 -51.32 -26.25 6.42
C PHE H 3 -50.87 -26.50 7.84
N CYS H 4 -51.13 -27.70 8.34
CA CYS H 4 -50.52 -28.10 9.59
C CYS H 4 -49.04 -28.22 9.31
N ILE H 5 -48.31 -27.15 9.55
CA ILE H 5 -46.87 -27.20 9.46
C ILE H 5 -46.36 -28.16 10.52
N ALA H 6 -45.34 -28.93 10.17
CA ALA H 6 -44.70 -29.80 11.13
C ALA H 6 -43.30 -30.10 10.62
N VAL H 7 -42.32 -29.48 11.25
CA VAL H 7 -40.97 -29.99 11.15
C VAL H 7 -40.81 -31.08 12.18
N ILE H 8 -40.04 -32.10 11.85
CA ILE H 8 -39.78 -33.20 12.76
C ILE H 8 -38.27 -33.29 12.93
N GLY H 9 -37.83 -33.70 14.10
CA GLY H 9 -36.41 -33.80 14.35
C GLY H 9 -35.88 -35.07 13.73
N LYS H 10 -35.08 -35.81 14.48
CA LYS H 10 -34.83 -37.19 14.12
C LYS H 10 -36.09 -38.01 14.28
N ASP H 11 -36.74 -37.89 15.43
CA ASP H 11 -37.99 -38.55 15.74
C ASP H 11 -39.09 -37.59 16.14
N ASN H 12 -38.80 -36.67 17.05
CA ASN H 12 -39.81 -35.78 17.60
C ASN H 12 -39.93 -34.52 16.77
N ALA H 13 -40.94 -33.73 17.10
CA ALA H 13 -41.33 -32.59 16.28
C ALA H 13 -40.88 -31.30 16.94
N PRO H 14 -39.90 -30.57 16.37
CA PRO H 14 -39.49 -29.29 16.96
C PRO H 14 -40.56 -28.22 16.88
N LEU H 15 -41.04 -27.91 15.67
CA LEU H 15 -42.14 -26.97 15.52
C LEU H 15 -43.22 -27.58 14.67
N TYR H 16 -44.45 -27.52 15.17
CA TYR H 16 -45.63 -27.84 14.39
C TYR H 16 -46.76 -26.92 14.84
N LEU H 17 -46.80 -25.75 14.23
CA LEU H 17 -47.84 -24.76 14.45
C LEU H 17 -49.10 -25.21 13.73
N THR H 18 -50.22 -24.59 14.07
CA THR H 18 -51.51 -24.91 13.46
C THR H 18 -52.10 -23.65 12.86
N THR H 19 -51.63 -23.29 11.66
CA THR H 19 -52.03 -22.04 11.04
C THR H 19 -52.29 -22.24 9.55
N SER H 20 -52.93 -21.26 8.95
CA SER H 20 -53.34 -21.31 7.54
C SER H 20 -53.25 -19.89 6.98
N ASP H 21 -53.96 -19.66 5.87
CA ASP H 21 -54.05 -18.30 5.33
C ASP H 21 -54.90 -17.39 6.20
N MET H 22 -56.09 -17.83 6.59
CA MET H 22 -57.05 -16.91 7.22
C MET H 22 -56.81 -16.74 8.71
N GLU H 23 -57.05 -17.79 9.51
CA GLU H 23 -56.77 -17.73 10.94
C GLU H 23 -56.51 -19.15 11.45
N GLN H 24 -56.45 -19.30 12.77
CA GLN H 24 -55.90 -20.50 13.38
C GLN H 24 -56.68 -21.74 12.97
N GLU H 25 -56.05 -22.88 13.16
CA GLU H 25 -56.68 -24.16 12.85
C GLU H 25 -57.53 -24.59 14.03
N LEU H 26 -58.85 -24.45 13.89
CA LEU H 26 -59.75 -24.85 14.97
C LEU H 26 -59.74 -26.36 15.17
N GLU H 27 -59.70 -27.12 14.08
CA GLU H 27 -59.99 -28.55 14.13
C GLU H 27 -59.05 -29.25 15.11
N LEU H 28 -59.62 -30.11 15.95
CA LEU H 28 -58.90 -30.62 17.12
C LEU H 28 -58.22 -31.97 16.81
N GLN H 29 -57.41 -31.98 15.75
CA GLN H 29 -56.68 -33.18 15.36
C GLN H 29 -55.19 -33.03 15.64
N TYR H 30 -54.79 -31.92 16.25
CA TYR H 30 -53.39 -31.49 16.26
C TYR H 30 -52.47 -32.58 16.77
N HIS H 31 -52.60 -32.91 18.06
CA HIS H 31 -51.76 -33.95 18.64
C HIS H 31 -51.95 -35.27 17.89
N VAL H 32 -53.18 -35.53 17.42
CA VAL H 32 -53.42 -36.72 16.63
C VAL H 32 -53.08 -36.48 15.15
N ASN H 33 -52.87 -35.24 14.73
CA ASN H 33 -52.20 -35.01 13.44
C ASN H 33 -50.75 -35.44 13.50
N ALA H 34 -50.06 -35.04 14.57
CA ALA H 34 -48.75 -35.60 14.82
C ALA H 34 -48.83 -37.11 14.90
N ALA H 35 -49.93 -37.63 15.42
CA ALA H 35 -50.13 -39.08 15.37
C ALA H 35 -50.35 -39.56 13.94
N LEU H 36 -50.91 -38.73 13.06
CA LEU H 36 -50.94 -39.10 11.64
C LEU H 36 -49.53 -39.28 11.13
N ASP H 37 -48.64 -38.40 11.56
CA ASP H 37 -47.23 -38.51 11.21
C ASP H 37 -46.60 -39.75 11.83
N VAL H 38 -47.01 -40.09 13.04
CA VAL H 38 -46.32 -41.27 13.61
C VAL H 38 -46.88 -42.53 12.93
N VAL H 39 -47.83 -42.35 11.99
CA VAL H 39 -48.27 -43.50 11.13
C VAL H 39 -47.69 -43.21 9.75
N GLU H 40 -47.28 -41.95 9.50
CA GLU H 40 -46.55 -41.65 8.24
C GLU H 40 -45.17 -42.26 8.47
N GLU H 41 -44.81 -42.48 9.74
CA GLU H 41 -43.56 -43.20 10.08
C GLU H 41 -44.00 -44.47 10.81
N LYS H 42 -43.16 -45.50 10.89
CA LYS H 42 -43.50 -46.78 11.58
C LYS H 42 -44.61 -47.49 10.79
N CYS H 43 -44.94 -47.01 9.59
CA CYS H 43 -46.00 -47.61 8.74
C CYS H 43 -45.84 -47.11 7.30
N LEU H 44 -46.23 -45.87 7.04
CA LEU H 44 -46.16 -45.28 5.68
C LEU H 44 -44.71 -44.83 5.49
N ILE H 45 -43.85 -45.18 6.44
CA ILE H 45 -42.42 -44.93 6.32
C ILE H 45 -41.80 -45.86 5.29
N GLY H 46 -42.21 -47.13 5.31
CA GLY H 46 -41.58 -48.13 4.48
C GLY H 46 -40.10 -48.13 4.73
N LYS H 47 -39.34 -48.38 3.67
CA LYS H 47 -37.91 -48.07 3.65
C LYS H 47 -37.67 -46.71 3.02
N GLY H 48 -38.68 -45.86 2.98
CA GLY H 48 -38.60 -44.72 2.12
C GLY H 48 -38.67 -43.36 2.77
N ALA H 49 -39.43 -43.24 3.86
CA ALA H 49 -39.66 -41.91 4.44
C ALA H 49 -38.36 -41.18 4.70
N PRO H 50 -37.29 -41.81 5.19
CA PRO H 50 -35.98 -41.16 5.11
C PRO H 50 -35.28 -41.44 3.79
N GLU H 51 -34.73 -40.41 3.14
CA GLU H 51 -33.92 -40.61 1.95
C GLU H 51 -32.72 -39.67 1.98
N SER H 52 -31.84 -39.84 0.99
CA SER H 52 -30.74 -38.91 0.79
C SER H 52 -31.01 -37.92 -0.34
N LYS H 53 -32.26 -37.59 -0.59
CA LYS H 53 -32.62 -36.61 -1.61
C LYS H 53 -33.50 -35.53 -1.03
N GLU H 54 -33.40 -34.34 -1.62
CA GLU H 54 -34.39 -33.30 -1.38
C GLU H 54 -35.74 -33.85 -1.80
N LEU H 55 -36.60 -34.11 -0.82
CA LEU H 55 -37.66 -35.08 -1.02
C LEU H 55 -38.96 -34.47 -1.50
N TYR H 56 -39.24 -34.71 -2.76
CA TYR H 56 -40.58 -34.58 -3.33
C TYR H 56 -41.44 -35.73 -2.83
N LEU H 57 -42.41 -35.42 -1.97
CA LEU H 57 -43.47 -36.38 -1.68
C LEU H 57 -44.81 -35.78 -2.09
N GLY H 58 -45.11 -35.90 -3.37
CA GLY H 58 -46.45 -35.63 -3.80
C GLY H 58 -47.35 -36.67 -3.19
N LEU H 59 -48.04 -36.29 -2.13
CA LEU H 59 -49.02 -37.14 -1.47
C LEU H 59 -48.45 -38.50 -1.10
N LEU H 60 -47.44 -38.46 -0.23
CA LEU H 60 -47.04 -39.67 0.46
C LEU H 60 -48.18 -40.21 1.30
N TYR H 61 -49.06 -39.33 1.77
CA TYR H 61 -50.20 -39.73 2.58
C TYR H 61 -51.39 -38.87 2.21
N SER H 62 -52.55 -39.48 2.06
CA SER H 62 -53.75 -38.78 1.66
C SER H 62 -54.95 -39.28 2.47
N THR H 63 -55.93 -38.40 2.61
CA THR H 63 -57.22 -38.73 3.21
C THR H 63 -58.15 -37.54 2.98
N GLU H 64 -59.40 -37.66 3.42
CA GLU H 64 -60.40 -36.65 3.11
C GLU H 64 -60.01 -35.30 3.69
N ASN H 65 -60.07 -34.27 2.86
CA ASN H 65 -59.81 -32.89 3.27
C ASN H 65 -58.46 -32.75 3.97
N HIS H 66 -57.55 -33.70 3.73
CA HIS H 66 -56.31 -33.76 4.48
C HIS H 66 -55.30 -34.50 3.63
N LYS H 67 -54.34 -33.80 3.05
CA LYS H 67 -53.40 -34.41 2.13
C LYS H 67 -51.98 -34.03 2.51
N ILE H 68 -51.17 -35.04 2.81
CA ILE H 68 -49.81 -34.83 3.30
C ILE H 68 -48.85 -34.82 2.13
N TYR H 69 -47.99 -33.80 2.10
CA TYR H 69 -46.94 -33.69 1.10
C TYR H 69 -45.62 -33.56 1.85
N GLY H 70 -44.68 -34.45 1.56
CA GLY H 70 -43.53 -34.58 2.42
C GLY H 70 -42.20 -34.14 1.86
N PHE H 71 -41.22 -33.98 2.75
CA PHE H 71 -39.86 -33.61 2.36
C PHE H 71 -38.91 -34.05 3.45
N VAL H 72 -37.71 -34.47 3.05
CA VAL H 72 -36.68 -34.94 3.97
C VAL H 72 -35.31 -34.49 3.46
N THR H 73 -34.44 -34.11 4.37
CA THR H 73 -33.10 -33.64 4.08
C THR H 73 -32.08 -34.69 4.53
N ASN H 74 -30.84 -34.51 4.09
CA ASN H 74 -29.78 -35.43 4.50
C ASN H 74 -29.61 -35.45 6.00
N THR H 75 -29.97 -34.38 6.70
CA THR H 75 -29.91 -34.33 8.15
C THR H 75 -31.12 -35.01 8.82
N ARG H 76 -31.89 -35.78 8.04
CA ARG H 76 -32.96 -36.63 8.55
C ARG H 76 -34.15 -35.83 9.08
N VAL H 77 -34.23 -34.56 8.72
CA VAL H 77 -35.34 -33.72 9.16
C VAL H 77 -36.53 -34.01 8.28
N LYS H 78 -37.70 -34.14 8.90
CA LYS H 78 -38.93 -34.38 8.18
C LYS H 78 -39.66 -33.05 8.02
N PHE H 79 -39.91 -32.67 6.77
CA PHE H 79 -40.62 -31.45 6.43
C PHE H 79 -41.95 -31.85 5.83
N ILE H 80 -43.04 -31.48 6.48
CA ILE H 80 -44.36 -31.88 5.99
C ILE H 80 -45.34 -30.76 6.17
N VAL H 81 -45.98 -30.36 5.08
CA VAL H 81 -47.22 -29.59 5.14
C VAL H 81 -48.31 -30.55 4.75
N VAL H 82 -49.53 -30.21 5.14
CA VAL H 82 -50.68 -30.98 4.74
C VAL H 82 -51.53 -30.10 3.83
N ILE H 83 -51.96 -30.67 2.71
CA ILE H 83 -52.96 -30.06 1.86
C ILE H 83 -54.31 -30.41 2.50
N ASP H 84 -54.81 -29.50 3.32
CA ASP H 84 -56.16 -29.63 3.83
C ASP H 84 -57.12 -28.90 2.89
N SER H 85 -57.21 -29.45 1.68
CA SER H 85 -58.25 -29.09 0.75
C SER H 85 -58.55 -30.31 -0.08
N SER H 86 -59.76 -30.86 0.08
CA SER H 86 -60.22 -31.94 -0.77
C SER H 86 -59.76 -31.70 -2.19
N ASN H 87 -59.97 -30.48 -2.68
CA ASN H 87 -59.25 -29.98 -3.83
C ASN H 87 -59.44 -28.48 -3.89
N VAL H 88 -58.36 -27.77 -4.22
CA VAL H 88 -58.41 -26.38 -4.64
C VAL H 88 -57.49 -26.24 -5.85
N ALA H 89 -57.76 -25.22 -6.67
CA ALA H 89 -56.99 -25.06 -7.89
C ALA H 89 -55.61 -24.52 -7.54
N LEU H 90 -54.80 -25.38 -6.93
CA LEU H 90 -53.39 -25.14 -6.77
C LEU H 90 -52.68 -26.43 -7.14
N ARG H 91 -51.67 -26.32 -7.98
CA ARG H 91 -51.04 -27.52 -8.52
C ARG H 91 -49.63 -27.64 -7.94
N GLU H 92 -49.15 -28.88 -7.88
CA GLU H 92 -47.99 -29.22 -7.07
C GLU H 92 -46.79 -28.31 -7.29
N ASN H 93 -46.76 -27.56 -8.38
CA ASN H 93 -45.60 -26.72 -8.65
C ASN H 93 -45.38 -25.71 -7.54
N GLU H 94 -46.43 -25.01 -7.15
CA GLU H 94 -46.31 -24.06 -6.06
C GLU H 94 -46.09 -24.78 -4.75
N VAL H 95 -46.47 -26.05 -4.68
CA VAL H 95 -46.13 -26.84 -3.50
C VAL H 95 -44.63 -27.10 -3.43
N ARG H 96 -44.01 -27.40 -4.57
CA ARG H 96 -42.57 -27.52 -4.61
C ARG H 96 -41.92 -26.22 -4.20
N ALA H 97 -42.42 -25.11 -4.74
CA ALA H 97 -41.88 -23.81 -4.35
C ALA H 97 -42.06 -23.59 -2.87
N ILE H 98 -43.16 -24.07 -2.31
CA ILE H 98 -43.41 -23.88 -0.89
C ILE H 98 -42.44 -24.70 -0.06
N PHE H 99 -42.11 -25.90 -0.50
CA PHE H 99 -41.12 -26.63 0.26
C PHE H 99 -39.73 -26.03 0.07
N ARG H 100 -39.48 -25.39 -1.06
CA ARG H 100 -38.27 -24.58 -1.17
C ARG H 100 -38.25 -23.49 -0.12
N ASN H 101 -39.36 -22.76 -0.03
CA ASN H 101 -39.45 -21.65 0.91
C ASN H 101 -39.32 -22.14 2.34
N LEU H 102 -39.98 -23.25 2.65
CA LEU H 102 -39.97 -23.79 4.00
C LEU H 102 -38.60 -24.31 4.35
N HIS H 103 -37.98 -25.04 3.44
CA HIS H 103 -36.58 -25.38 3.57
C HIS H 103 -35.76 -24.16 3.97
N LEU H 104 -35.86 -23.09 3.18
CA LEU H 104 -35.01 -21.93 3.42
C LEU H 104 -35.33 -21.26 4.75
N LEU H 105 -36.62 -21.09 5.07
CA LEU H 105 -36.97 -20.44 6.33
C LEU H 105 -36.54 -21.27 7.52
N TYR H 106 -36.75 -22.58 7.47
CA TYR H 106 -36.30 -23.44 8.55
C TYR H 106 -34.80 -23.36 8.73
N THR H 107 -34.07 -23.44 7.62
CA THR H 107 -32.63 -23.44 7.75
C THR H 107 -32.08 -22.07 8.12
N ASP H 108 -32.86 -21.01 7.89
CA ASP H 108 -32.44 -19.70 8.37
C ASP H 108 -32.81 -19.46 9.82
N ALA H 109 -33.84 -20.16 10.32
CA ALA H 109 -33.98 -20.25 11.77
C ALA H 109 -32.84 -21.05 12.36
N ILE H 110 -32.44 -22.11 11.67
CA ILE H 110 -31.22 -22.85 11.98
C ILE H 110 -30.02 -21.92 12.02
N CYS H 111 -30.03 -20.87 11.20
CA CYS H 111 -28.90 -19.94 11.17
C CYS H 111 -28.62 -19.29 12.51
N ASN H 112 -29.59 -19.27 13.42
CA ASN H 112 -29.34 -18.79 14.78
C ASN H 112 -28.23 -19.62 15.44
N PRO H 113 -27.26 -18.98 16.08
CA PRO H 113 -26.35 -19.75 16.94
C PRO H 113 -26.95 -20.06 18.29
N PHE H 114 -27.79 -19.16 18.82
CA PHE H 114 -28.33 -19.37 20.16
C PHE H 114 -29.25 -20.58 20.21
N TYR H 115 -30.14 -20.72 19.23
CA TYR H 115 -31.12 -21.81 19.28
C TYR H 115 -30.44 -23.14 19.03
N ILE H 116 -30.45 -23.99 20.05
CA ILE H 116 -29.90 -25.34 19.97
C ILE H 116 -30.80 -26.15 19.02
N PRO H 117 -30.23 -26.88 18.07
CA PRO H 117 -31.07 -27.63 17.13
C PRO H 117 -31.79 -28.79 17.82
N GLY H 118 -32.99 -29.06 17.35
CA GLY H 118 -33.82 -30.08 17.93
C GLY H 118 -34.74 -29.60 19.01
N GLU H 119 -34.87 -28.30 19.20
CA GLU H 119 -35.74 -27.76 20.23
C GLU H 119 -36.86 -27.00 19.59
N SER H 120 -37.87 -26.71 20.38
CA SER H 120 -39.03 -26.00 19.89
C SER H 120 -38.58 -24.69 19.26
N LEU H 121 -39.12 -24.39 18.08
CA LEU H 121 -38.71 -23.19 17.36
C LEU H 121 -39.17 -21.98 18.17
N THR H 122 -38.20 -21.32 18.79
CA THR H 122 -38.46 -20.14 19.59
C THR H 122 -38.70 -18.92 18.72
N SER H 123 -38.02 -18.85 17.58
CA SER H 123 -38.00 -17.65 16.76
C SER H 123 -39.41 -17.21 16.36
N LYS H 124 -39.88 -16.12 16.95
CA LYS H 124 -41.02 -15.42 16.39
C LYS H 124 -40.73 -14.92 14.99
N LYS H 125 -39.45 -14.80 14.62
CA LYS H 125 -39.10 -14.48 13.25
C LYS H 125 -39.37 -15.66 12.32
N PHE H 126 -38.89 -16.84 12.70
CA PHE H 126 -39.21 -18.01 11.90
C PHE H 126 -40.69 -18.29 11.97
N ASP H 127 -41.31 -17.94 13.09
CA ASP H 127 -42.76 -17.87 13.11
C ASP H 127 -43.25 -17.05 11.95
N ARG H 128 -43.01 -15.73 11.95
CA ARG H 128 -43.60 -14.91 10.91
C ARG H 128 -43.21 -15.39 9.53
N ALA H 129 -42.09 -16.09 9.42
CA ALA H 129 -41.74 -16.72 8.16
C ALA H 129 -42.77 -17.77 7.78
N VAL H 130 -43.06 -18.69 8.70
CA VAL H 130 -44.09 -19.70 8.46
C VAL H 130 -45.44 -19.04 8.26
N GLN H 131 -45.70 -17.98 9.02
CA GLN H 131 -46.98 -17.30 8.97
C GLN H 131 -47.20 -16.66 7.62
N LYS H 132 -46.16 -16.05 7.05
CA LYS H 132 -46.31 -15.49 5.72
C LYS H 132 -46.50 -16.62 4.72
N LEU H 133 -45.79 -17.74 4.91
CA LEU H 133 -45.99 -18.88 4.04
C LEU H 133 -47.45 -19.29 4.03
N MET H 134 -48.03 -19.45 5.21
CA MET H 134 -49.42 -19.89 5.30
C MET H 134 -50.36 -18.87 4.70
N SER H 135 -50.19 -17.60 5.06
CA SER H 135 -51.09 -16.55 4.57
C SER H 135 -50.98 -16.39 3.07
N GLY H 136 -49.84 -16.78 2.49
CA GLY H 136 -49.67 -16.67 1.06
C GLY H 136 -50.22 -17.86 0.31
N THR H 137 -49.72 -19.05 0.62
CA THR H 137 -49.99 -20.24 -0.19
C THR H 137 -51.15 -21.09 0.31
N ALA H 138 -51.85 -20.67 1.36
CA ALA H 138 -53.10 -21.32 1.71
C ALA H 138 -54.27 -20.56 1.10
N ASP I 1 80.36 126.53 1.12
CA ASP I 1 79.53 127.70 1.55
C ASP I 1 79.02 128.43 0.30
N ASN I 2 78.36 129.57 0.49
CA ASN I 2 77.83 130.37 -0.66
C ASN I 2 78.99 130.80 -1.57
N LEU I 3 80.10 131.25 -0.98
CA LEU I 3 81.27 131.73 -1.78
C LEU I 3 81.88 130.56 -2.53
N ARG I 4 81.96 129.38 -1.90
CA ARG I 4 82.47 128.17 -2.60
C ARG I 4 81.59 127.89 -3.82
N HIS I 5 80.27 128.01 -3.66
CA HIS I 5 79.33 127.74 -4.79
C HIS I 5 79.43 128.83 -5.85
N PHE I 6 79.76 130.07 -5.45
CA PHE I 6 79.96 131.15 -6.45
C PHE I 6 81.14 130.77 -7.35
N VAL I 7 82.21 130.23 -6.75
CA VAL I 7 83.37 129.74 -7.58
C VAL I 7 82.85 128.55 -8.40
N GLN I 8 82.09 127.65 -7.79
CA GLN I 8 81.50 126.50 -8.54
C GLN I 8 80.75 127.05 -9.76
N ASP I 9 79.89 128.05 -9.57
CA ASP I 9 79.10 128.63 -10.68
C ASP I 9 80.05 129.13 -11.76
N TYR I 10 81.08 129.89 -11.38
CA TYR I 10 82.05 130.46 -12.36
C TYR I 10 82.77 129.33 -13.10
N ALA I 11 83.14 128.26 -12.39
CA ALA I 11 83.86 127.13 -13.00
C ALA I 11 83.00 126.49 -14.10
N VAL I 12 81.70 126.28 -13.81
CA VAL I 12 80.79 125.63 -14.82
C VAL I 12 80.47 126.63 -15.93
N ARG I 13 80.55 127.93 -15.63
CA ARG I 13 80.34 128.96 -16.68
C ARG I 13 81.57 128.98 -17.59
N ALA I 14 82.75 128.67 -17.04
CA ALA I 14 83.99 128.60 -17.86
C ALA I 14 84.02 127.25 -18.59
N LEU I 15 83.20 126.29 -18.16
CA LEU I 15 83.13 124.96 -18.83
C LEU I 15 82.23 125.07 -20.06
N ILE I 16 81.32 126.04 -20.08
CA ILE I 16 80.45 126.25 -21.28
C ILE I 16 81.32 126.45 -22.54
N PRO I 17 82.26 127.42 -22.64
CA PRO I 17 83.14 127.52 -23.82
C PRO I 17 83.91 126.24 -24.12
N TYR I 18 84.29 125.48 -23.09
CA TYR I 18 85.10 124.25 -23.30
C TYR I 18 84.27 123.22 -24.07
N ILE I 19 83.02 123.00 -23.63
CA ILE I 19 82.14 121.99 -24.31
C ILE I 19 81.64 122.56 -25.63
N GLU I 20 81.67 123.89 -25.78
CA GLU I 20 81.27 124.52 -27.08
C GLU I 20 82.44 124.38 -28.05
N HIS I 21 83.67 124.37 -27.54
CA HIS I 21 84.85 124.14 -28.42
C HIS I 21 84.83 122.67 -28.83
N LEU I 22 84.39 121.78 -27.93
CA LEU I 22 84.26 120.35 -28.28
C LEU I 22 83.14 120.19 -29.30
N VAL I 23 82.09 121.00 -29.19
CA VAL I 23 80.96 120.96 -30.17
C VAL I 23 81.48 121.46 -31.53
N ALA I 24 82.39 122.44 -31.51
CA ALA I 24 82.99 122.94 -32.78
C ALA I 24 83.90 121.86 -33.38
N ILE I 25 84.60 121.11 -32.54
CA ILE I 25 85.46 119.98 -33.04
C ILE I 25 84.53 118.91 -33.61
N LEU I 26 83.40 118.64 -32.94
CA LEU I 26 82.42 117.66 -33.46
C LEU I 26 81.93 118.13 -34.83
N ALA I 27 81.60 119.41 -34.96
CA ALA I 27 81.14 119.97 -36.26
C ALA I 27 82.24 119.81 -37.32
N GLU I 28 83.49 120.13 -36.97
CA GLU I 28 84.63 119.98 -37.91
C GLU I 28 84.74 118.51 -38.34
N GLY I 29 84.52 117.57 -37.41
CA GLY I 29 84.62 116.13 -37.72
C GLY I 29 83.53 115.68 -38.67
N VAL I 30 82.28 116.14 -38.47
CA VAL I 30 81.15 115.68 -39.32
C VAL I 30 81.20 116.39 -40.69
N THR I 31 81.97 117.47 -40.81
CA THR I 31 82.13 118.15 -42.11
C THR I 31 83.52 117.84 -42.69
N ALA I 70 87.88 109.06 -44.43
CA ALA I 70 89.10 108.22 -44.41
C ALA I 70 89.01 107.21 -43.26
N GLU I 71 89.97 106.29 -43.18
CA GLU I 71 89.96 105.25 -42.11
C GLU I 71 90.27 105.90 -40.75
N LEU I 72 91.02 107.01 -40.75
CA LEU I 72 91.37 107.70 -39.49
C LEU I 72 90.34 108.79 -39.22
N GLN I 73 89.73 109.34 -40.28
CA GLN I 73 88.65 110.35 -40.09
C GLN I 73 87.49 109.65 -39.39
N THR I 74 87.09 108.47 -39.87
CA THR I 74 85.98 107.71 -39.24
C THR I 74 86.36 107.36 -37.79
N ARG I 75 87.61 106.92 -37.57
CA ARG I 75 88.08 106.57 -36.20
C ARG I 75 87.92 107.81 -35.30
N LYS I 76 88.47 108.96 -35.73
CA LYS I 76 88.40 110.20 -34.92
C LYS I 76 86.93 110.59 -34.70
N LEU I 77 86.11 110.52 -35.75
CA LEU I 77 84.66 110.83 -35.63
C LEU I 77 84.08 110.01 -34.48
N GLY I 78 84.30 108.69 -34.49
CA GLY I 78 83.84 107.83 -33.40
C GLY I 78 84.31 108.35 -32.05
N ASP I 79 85.64 108.49 -31.88
CA ASP I 79 86.21 109.01 -30.62
C ASP I 79 85.53 110.34 -30.27
N LEU I 80 84.79 110.93 -31.22
CA LEU I 80 84.09 112.21 -30.98
C LEU I 80 82.74 111.93 -30.29
N TYR I 81 81.70 111.61 -31.07
CA TYR I 81 80.36 111.41 -30.47
C TYR I 81 80.44 110.33 -29.38
N PHE I 82 81.65 109.94 -28.98
CA PHE I 82 81.80 108.98 -27.86
C PHE I 82 81.34 109.68 -26.58
N MET I 83 81.08 111.00 -26.68
CA MET I 83 80.63 111.79 -25.50
C MET I 83 79.63 112.86 -25.94
N PHE I 84 78.94 112.63 -27.06
CA PHE I 84 77.93 113.60 -27.56
C PHE I 84 76.55 112.92 -27.61
N GLY I 85 76.51 111.59 -27.56
CA GLY I 85 75.22 110.86 -27.52
C GLY I 85 74.64 110.61 -28.89
N HIS I 86 75.45 110.72 -29.94
CA HIS I 86 74.98 110.45 -31.32
C HIS I 86 74.93 108.93 -31.55
N TYR I 87 73.81 108.28 -31.21
CA TYR I 87 73.69 106.80 -31.32
C TYR I 87 73.60 106.40 -32.81
N ASN I 88 72.92 107.21 -33.62
CA ASN I 88 72.78 106.91 -35.06
C ASN I 88 74.16 107.03 -35.71
N LEU I 89 74.94 108.03 -35.31
CA LEU I 89 76.30 108.23 -35.89
C LEU I 89 77.26 107.20 -35.31
N ALA I 90 76.98 106.65 -34.13
CA ALA I 90 77.83 105.58 -33.57
C ALA I 90 77.66 104.32 -34.42
N PHE I 91 76.44 104.03 -34.84
CA PHE I 91 76.17 102.86 -35.72
C PHE I 91 76.75 103.16 -37.11
N GLN I 92 76.75 104.43 -37.51
CA GLN I 92 77.33 104.81 -38.82
C GLN I 92 78.85 104.81 -38.73
N SER I 93 79.41 104.99 -37.53
CA SER I 93 80.88 104.93 -37.36
C SER I 93 81.34 103.50 -37.61
N TYR I 94 80.71 102.52 -36.94
CA TYR I 94 81.06 101.10 -37.18
C TYR I 94 80.78 100.74 -38.65
N HIS I 95 79.70 101.27 -39.21
CA HIS I 95 79.36 100.99 -40.63
C HIS I 95 80.50 101.45 -41.54
N GLN I 96 80.94 102.72 -41.38
CA GLN I 96 82.00 103.26 -42.27
C GLN I 96 83.34 102.59 -41.93
N ALA I 97 83.56 102.20 -40.68
CA ALA I 97 84.82 101.52 -40.28
C ALA I 97 84.87 100.11 -40.89
N LYS I 98 83.71 99.51 -41.17
CA LYS I 98 83.70 98.19 -41.85
C LYS I 98 84.10 98.40 -43.32
N ARG I 99 83.81 99.58 -43.87
CA ARG I 99 84.16 99.90 -45.28
C ARG I 99 85.52 100.62 -45.32
N ASP I 100 86.15 100.80 -44.16
CA ASP I 100 87.47 101.50 -44.10
C ASP I 100 88.54 100.50 -43.69
N PHE I 101 88.18 99.52 -42.87
CA PHE I 101 89.15 98.47 -42.45
C PHE I 101 88.79 97.16 -43.14
N ASN I 102 88.03 97.23 -44.25
CA ASN I 102 87.68 96.01 -45.03
C ASN I 102 88.96 95.23 -45.35
N ALA I 103 89.99 95.90 -45.86
CA ALA I 103 91.28 95.25 -46.14
C ALA I 103 92.29 95.63 -45.06
N ASP I 104 92.18 96.86 -44.54
CA ASP I 104 93.13 97.35 -43.50
C ASP I 104 93.06 96.43 -42.28
N SER I 105 94.22 95.98 -41.79
CA SER I 105 94.27 95.06 -40.63
C SER I 105 94.18 95.85 -39.31
N ALA I 106 93.77 97.12 -39.38
CA ALA I 106 93.61 97.94 -38.16
C ALA I 106 92.16 97.90 -37.70
N TRP I 107 91.62 96.69 -37.46
CA TRP I 107 90.22 96.54 -37.00
C TRP I 107 90.12 96.86 -35.50
N GLN I 108 91.19 97.38 -34.90
CA GLN I 108 91.15 97.77 -33.46
C GLN I 108 90.33 99.06 -33.33
N TYR I 109 90.34 99.89 -34.37
CA TYR I 109 89.51 101.12 -34.36
C TYR I 109 88.10 100.72 -34.78
N TYR I 110 87.97 99.67 -35.58
CA TYR I 110 86.63 99.14 -35.93
C TYR I 110 86.02 98.57 -34.65
N ALA I 111 86.85 97.90 -33.83
CA ALA I 111 86.36 97.37 -32.53
C ALA I 111 85.89 98.55 -31.67
N GLY I 112 86.68 99.62 -31.60
CA GLY I 112 86.29 100.81 -30.81
C GLY I 112 84.99 101.41 -31.28
N ALA I 113 84.80 101.53 -32.60
CA ALA I 113 83.56 102.09 -33.17
C ALA I 113 82.39 101.17 -32.85
N LEU I 114 82.62 99.85 -32.86
CA LEU I 114 81.55 98.87 -32.56
C LEU I 114 81.24 98.88 -31.06
N GLU I 115 82.25 99.14 -30.22
CA GLU I 115 82.00 99.26 -28.77
C GLU I 115 80.96 100.36 -28.58
N MET I 116 81.21 101.53 -29.19
CA MET I 116 80.25 102.65 -29.11
C MET I 116 78.89 102.21 -29.67
N ALA I 117 78.87 101.59 -30.85
CA ALA I 117 77.60 101.18 -31.49
C ALA I 117 76.78 100.30 -30.54
N ALA I 118 77.37 99.23 -30.02
CA ALA I 118 76.62 98.30 -29.13
C ALA I 118 76.16 99.02 -27.87
N LEU I 119 77.04 99.84 -27.28
CA LEU I 119 76.69 100.57 -26.04
C LEU I 119 75.50 101.50 -26.34
N SER I 120 75.59 102.29 -27.41
CA SER I 120 74.52 103.26 -27.74
C SER I 120 73.21 102.54 -28.09
N ALA I 121 73.30 101.34 -28.68
CA ALA I 121 72.09 100.55 -29.01
C ALA I 121 71.37 100.17 -27.73
N PHE I 122 72.07 99.53 -26.79
CA PHE I 122 71.41 99.06 -25.54
C PHE I 122 71.06 100.26 -24.64
N MET I 123 71.83 101.36 -24.72
CA MET I 123 71.52 102.57 -23.94
C MET I 123 70.18 103.14 -24.41
N LEU I 124 69.95 103.15 -25.73
CA LEU I 124 68.68 103.69 -26.29
C LEU I 124 67.56 102.67 -26.06
N GLY I 125 67.91 101.38 -25.99
CA GLY I 125 66.90 100.32 -25.75
C GLY I 125 66.74 99.44 -26.97
N THR I 126 67.35 99.82 -28.09
CA THR I 126 67.27 99.00 -29.33
C THR I 126 67.97 97.66 -29.09
N ALA I 127 69.08 97.65 -28.35
CA ALA I 127 69.83 96.41 -28.04
C ALA I 127 69.95 95.56 -29.31
N GLN I 128 70.50 96.12 -30.39
CA GLN I 128 70.54 95.39 -31.69
C GLN I 128 71.39 94.12 -31.56
N ARG I 129 70.78 92.96 -31.82
CA ARG I 129 71.53 91.68 -31.80
C ARG I 129 72.53 91.69 -32.96
N LYS I 130 72.22 92.42 -34.03
CA LYS I 130 73.15 92.55 -35.18
C LYS I 130 74.47 93.14 -34.67
N THR I 131 74.42 94.33 -34.05
CA THR I 131 75.64 94.99 -33.54
C THR I 131 76.32 94.11 -32.49
N TYR I 132 75.54 93.35 -31.71
CA TYR I 132 76.10 92.45 -30.67
C TYR I 132 77.01 91.42 -31.36
N ASP I 133 76.51 90.78 -32.40
CA ASP I 133 77.29 89.73 -33.12
C ASP I 133 78.48 90.38 -33.84
N TYR I 134 78.26 91.52 -34.50
CA TYR I 134 79.38 92.24 -35.16
C TYR I 134 80.46 92.49 -34.10
N MET I 135 80.04 92.92 -32.90
CA MET I 135 81.01 93.25 -31.82
C MET I 135 81.92 92.04 -31.57
N GLU I 136 81.34 90.83 -31.50
CA GLU I 136 82.15 89.60 -31.30
C GLU I 136 83.03 89.38 -32.53
N ASP I 137 82.56 89.79 -33.71
CA ASP I 137 83.36 89.66 -34.96
C ASP I 137 84.57 90.60 -34.88
N ALA I 138 84.50 91.62 -34.02
CA ALA I 138 85.64 92.56 -33.85
C ALA I 138 86.30 92.33 -32.49
N ILE I 139 86.00 91.19 -31.85
CA ILE I 139 86.65 90.86 -30.54
C ILE I 139 87.31 89.48 -30.66
N VAL I 140 86.54 88.40 -30.41
CA VAL I 140 87.11 87.03 -30.44
C VAL I 140 87.59 86.70 -31.86
N CYS I 141 86.81 87.08 -32.88
CA CYS I 141 87.19 86.76 -34.28
C CYS I 141 88.35 87.67 -34.72
N TYR I 142 88.50 88.84 -34.10
CA TYR I 142 89.66 89.72 -34.42
C TYR I 142 90.90 89.20 -33.71
N LEU I 143 90.74 88.42 -32.64
CA LEU I 143 91.90 87.82 -31.94
C LEU I 143 92.53 86.77 -32.86
N THR I 144 91.73 86.16 -33.74
CA THR I 144 92.29 85.19 -34.72
C THR I 144 93.04 85.96 -35.82
N VAL I 145 92.59 87.16 -36.15
CA VAL I 145 93.23 87.97 -37.23
C VAL I 145 94.53 88.57 -36.71
N CYS I 146 94.45 89.58 -35.83
CA CYS I 146 95.67 90.25 -35.31
C CYS I 146 95.85 89.93 -33.82
N LYS I 147 96.97 90.32 -33.23
CA LYS I 147 97.24 90.04 -31.79
C LYS I 147 96.91 91.30 -30.98
N LEU I 148 95.76 91.93 -31.25
CA LEU I 148 95.33 93.11 -30.45
C LEU I 148 94.36 92.63 -29.38
N GLN I 149 94.86 91.79 -28.45
CA GLN I 149 94.01 91.21 -27.38
C GLN I 149 93.54 92.33 -26.44
N GLN I 150 94.28 93.43 -26.35
CA GLN I 150 93.88 94.57 -25.50
C GLN I 150 92.50 95.07 -25.97
N PHE I 151 92.36 95.37 -27.26
CA PHE I 151 91.09 95.89 -27.80
C PHE I 151 90.03 94.78 -27.79
N ALA I 152 90.46 93.54 -28.00
CA ALA I 152 89.52 92.40 -27.97
C ALA I 152 88.89 92.27 -26.57
N THR I 153 89.72 92.33 -25.52
CA THR I 153 89.21 92.21 -24.14
C THR I 153 88.34 93.42 -23.79
N ARG I 154 88.71 94.60 -24.29
CA ARG I 154 87.86 95.81 -24.07
C ARG I 154 86.48 95.54 -24.66
N ALA I 155 86.41 95.09 -25.91
CA ALA I 155 85.13 94.78 -26.56
C ALA I 155 84.36 93.74 -25.73
N THR I 156 84.99 92.60 -25.43
CA THR I 156 84.28 91.50 -24.69
C THR I 156 83.74 92.03 -23.36
N LEU I 157 84.50 92.89 -22.67
CA LEU I 157 84.07 93.41 -21.35
C LEU I 157 82.69 94.06 -21.47
N LEU I 158 82.56 95.09 -22.31
CA LEU I 158 81.26 95.81 -22.37
C LEU I 158 80.23 94.96 -23.13
N SER I 159 80.68 94.08 -24.03
CA SER I 159 79.74 93.17 -24.74
C SER I 159 79.09 92.23 -23.71
N MET I 160 79.83 91.84 -22.68
CA MET I 160 79.26 90.99 -21.61
C MET I 160 78.12 91.76 -20.95
N GLU I 161 78.38 92.99 -20.49
CA GLU I 161 77.32 93.75 -19.75
C GLU I 161 76.12 94.00 -20.65
N CYS I 162 76.34 94.32 -21.93
CA CYS I 162 75.20 94.66 -22.83
C CYS I 162 74.42 93.38 -23.18
N LEU I 163 75.11 92.23 -23.26
CA LEU I 163 74.43 90.95 -23.55
C LEU I 163 73.81 90.40 -22.26
N LYS I 164 74.26 90.90 -21.10
CA LYS I 164 73.67 90.48 -19.80
C LYS I 164 72.34 91.23 -19.64
N THR I 165 72.31 92.51 -20.02
CA THR I 165 71.04 93.28 -19.97
C THR I 165 70.09 92.69 -21.01
N ALA I 166 70.62 92.29 -22.18
CA ALA I 166 69.77 91.61 -23.19
C ALA I 166 69.20 90.32 -22.57
N ARG I 167 69.52 89.16 -23.15
CA ARG I 167 69.05 87.87 -22.59
C ARG I 167 70.13 86.80 -22.84
N LEU I 168 71.13 87.12 -23.65
CA LEU I 168 72.19 86.14 -24.00
C LEU I 168 73.32 86.22 -22.96
N TYR I 169 73.08 85.70 -21.75
CA TYR I 169 74.11 85.71 -20.70
C TYR I 169 75.06 84.53 -20.94
N SER I 170 74.57 83.49 -21.63
CA SER I 170 75.44 82.34 -21.98
C SER I 170 76.44 82.79 -23.05
N GLU I 171 76.07 83.78 -23.87
CA GLU I 171 77.00 84.32 -24.89
C GLU I 171 78.21 84.94 -24.20
N VAL I 172 77.98 85.83 -23.23
CA VAL I 172 79.11 86.44 -22.45
C VAL I 172 79.94 85.30 -21.86
N ALA I 173 79.28 84.32 -21.23
CA ALA I 173 80.01 83.20 -20.58
C ALA I 173 80.90 82.47 -21.60
N LYS I 174 80.38 82.18 -22.80
CA LYS I 174 81.16 81.37 -23.78
C LYS I 174 82.40 82.14 -24.25
N GLN I 175 82.31 83.46 -24.41
CA GLN I 175 83.47 84.25 -24.87
C GLN I 175 84.38 84.56 -23.67
N LEU I 176 83.86 84.46 -22.45
CA LEU I 176 84.71 84.62 -21.25
C LEU I 176 85.51 83.33 -21.05
N ILE I 177 84.97 82.21 -21.52
CA ILE I 177 85.72 80.92 -21.48
C ILE I 177 86.75 80.98 -22.61
N ARG I 178 86.37 81.61 -23.73
CA ARG I 178 87.32 81.77 -24.87
C ARG I 178 88.33 82.88 -24.54
N MET I 179 88.19 83.54 -23.39
CA MET I 179 89.19 84.54 -22.97
C MET I 179 89.97 83.94 -21.79
N THR I 180 89.38 82.94 -21.11
CA THR I 180 90.05 82.29 -19.96
C THR I 180 91.31 81.57 -20.44
N ASN I 181 91.19 80.79 -21.52
CA ASN I 181 92.35 79.99 -22.04
C ASN I 181 93.55 80.91 -22.24
N GLU I 182 93.35 82.14 -22.73
CA GLU I 182 94.47 83.11 -22.86
C GLU I 182 94.66 83.80 -21.50
N GLU I 183 94.09 85.00 -21.33
CA GLU I 183 94.20 85.76 -20.06
C GLU I 183 95.57 85.53 -19.42
N SER I 184 95.59 85.17 -18.13
CA SER I 184 96.87 84.91 -17.41
C SER I 184 96.61 83.91 -16.29
N ASP I 185 96.61 84.38 -15.05
CA ASP I 185 96.31 83.49 -13.89
C ASP I 185 95.18 84.15 -13.10
N LEU I 186 95.44 85.31 -12.47
CA LEU I 186 94.37 86.06 -11.78
C LEU I 186 93.30 86.43 -12.80
N ARG I 187 93.73 86.92 -13.98
CA ARG I 187 92.77 87.34 -15.03
C ARG I 187 91.95 86.14 -15.52
N SER I 188 92.62 85.02 -15.83
CA SER I 188 91.93 83.80 -16.31
C SER I 188 90.86 83.36 -15.29
N ALA I 189 91.22 83.35 -14.00
CA ALA I 189 90.27 82.95 -12.94
C ALA I 189 89.10 83.94 -12.88
N LEU I 190 89.38 85.23 -13.04
CA LEU I 190 88.32 86.27 -13.02
C LEU I 190 87.33 86.00 -14.16
N LEU I 191 87.83 85.68 -15.35
CA LEU I 191 86.95 85.43 -16.52
C LEU I 191 86.18 84.13 -16.32
N LEU I 192 86.80 83.15 -15.64
CA LEU I 192 86.09 81.88 -15.33
C LEU I 192 84.95 82.15 -14.35
N GLU I 193 85.18 83.01 -13.35
CA GLU I 193 84.13 83.37 -12.38
C GLU I 193 83.01 84.13 -13.10
N GLN I 194 83.37 85.03 -14.01
CA GLN I 194 82.34 85.76 -14.80
C GLN I 194 81.54 84.74 -15.61
N ALA I 195 82.22 83.84 -16.32
CA ALA I 195 81.53 82.79 -17.12
C ALA I 195 80.62 81.97 -16.21
N ALA I 196 81.08 81.64 -15.00
CA ALA I 196 80.29 80.81 -14.07
C ALA I 196 78.90 81.40 -13.85
N TYR I 197 78.82 82.60 -13.27
CA TYR I 197 77.50 83.17 -12.94
C TYR I 197 76.71 83.44 -14.24
N CYS I 198 77.37 83.92 -15.29
CA CYS I 198 76.65 84.29 -16.55
C CYS I 198 75.85 83.10 -17.08
N PHE I 199 76.48 81.93 -17.26
CA PHE I 199 75.80 80.75 -17.82
C PHE I 199 74.68 80.27 -16.89
N LEU I 200 74.89 80.40 -15.58
CA LEU I 200 73.89 79.91 -14.59
C LEU I 200 72.70 80.88 -14.54
N VAL I 201 72.93 82.18 -14.76
CA VAL I 201 71.84 83.20 -14.64
C VAL I 201 70.76 82.93 -15.69
N THR I 202 71.13 82.78 -16.97
CA THR I 202 70.11 82.62 -18.05
C THR I 202 69.18 81.45 -17.73
N GLN I 203 69.73 80.24 -17.54
CA GLN I 203 68.89 79.04 -17.32
C GLN I 203 69.71 78.01 -16.53
N PRO I 204 69.12 76.96 -15.92
CA PRO I 204 69.90 75.90 -15.25
C PRO I 204 71.23 75.49 -15.90
N PRO I 205 71.39 75.30 -17.23
CA PRO I 205 72.69 75.07 -17.88
C PRO I 205 73.88 75.57 -17.06
N MET I 206 74.82 74.68 -16.70
CA MET I 206 75.98 75.03 -15.83
C MET I 206 75.47 75.37 -14.43
N HIS I 207 74.98 74.36 -13.70
CA HIS I 207 74.51 74.57 -12.31
C HIS I 207 75.48 73.88 -11.34
N ARG I 208 76.38 73.05 -11.85
CA ARG I 208 77.42 72.44 -10.98
C ARG I 208 78.75 72.35 -11.74
N LYS I 209 78.72 72.52 -13.06
CA LYS I 209 80.01 72.57 -13.80
C LYS I 209 80.56 73.98 -13.59
N TYR I 210 79.67 74.97 -13.43
CA TYR I 210 80.13 76.34 -13.10
C TYR I 210 80.85 76.26 -11.75
N ALA I 211 80.31 75.48 -10.82
CA ALA I 211 80.92 75.30 -9.49
C ALA I 211 82.24 74.52 -9.65
N PHE I 212 82.24 73.50 -10.49
CA PHE I 212 83.46 72.68 -10.71
C PHE I 212 84.57 73.57 -11.27
N HIS I 213 84.23 74.48 -12.20
CA HIS I 213 85.31 75.29 -12.84
C HIS I 213 85.73 76.46 -11.94
N ILE I 214 84.89 76.88 -10.97
CA ILE I 214 85.36 77.92 -10.02
C ILE I 214 86.15 77.25 -8.89
N VAL I 215 86.23 75.93 -8.89
CA VAL I 215 87.11 75.24 -7.89
C VAL I 215 88.52 75.36 -8.50
N LEU I 216 88.61 75.17 -9.83
CA LEU I 216 89.91 75.34 -10.52
C LEU I 216 90.26 76.84 -10.51
N ALA I 217 89.26 77.70 -10.72
CA ALA I 217 89.50 79.15 -10.67
C ALA I 217 89.83 79.55 -9.22
N GLY I 218 89.34 78.80 -8.24
CA GLY I 218 89.65 79.08 -6.83
C GLY I 218 91.13 78.95 -6.56
N ASN I 219 91.75 77.84 -6.99
CA ASN I 219 93.21 77.67 -6.80
C ASN I 219 93.97 78.61 -7.76
N ARG I 220 93.38 78.92 -8.91
CA ARG I 220 94.01 79.90 -9.83
C ARG I 220 94.10 81.25 -9.11
N TYR I 221 93.03 81.67 -8.45
CA TYR I 221 93.04 82.93 -7.66
C TYR I 221 94.07 82.81 -6.53
N SER I 222 94.08 81.67 -5.85
CA SER I 222 95.04 81.45 -4.72
C SER I 222 96.47 81.60 -5.21
N ARG I 223 96.81 81.02 -6.37
CA ARG I 223 98.17 81.18 -6.95
C ARG I 223 98.39 82.67 -7.25
N ALA I 224 97.39 83.31 -7.88
CA ALA I 224 97.47 84.76 -8.18
C ALA I 224 96.08 85.36 -8.02
N GLY I 225 95.03 84.53 -8.11
CA GLY I 225 93.65 84.99 -7.96
C GLY I 225 93.41 85.62 -6.60
N GLN I 226 92.66 86.73 -6.55
CA GLN I 226 92.41 87.45 -5.28
C GLN I 226 91.95 86.48 -4.19
N ARG I 227 92.55 86.57 -2.99
CA ARG I 227 92.20 85.67 -1.87
C ARG I 227 90.70 85.80 -1.55
N LYS I 228 90.18 87.02 -1.55
CA LYS I 228 88.72 87.22 -1.33
C LYS I 228 87.96 86.48 -2.42
N HIS I 229 88.28 86.76 -3.69
CA HIS I 229 87.62 86.08 -4.83
C HIS I 229 87.74 84.56 -4.67
N ALA I 230 88.92 84.07 -4.29
CA ALA I 230 89.15 82.61 -4.14
C ALA I 230 88.13 82.03 -3.15
N TYR I 231 88.11 82.55 -1.92
CA TYR I 231 87.21 81.99 -0.88
C TYR I 231 85.75 82.10 -1.32
N ARG I 232 85.32 83.27 -1.82
CA ARG I 232 83.87 83.43 -2.13
C ARG I 232 83.45 82.54 -3.31
N CYS I 233 84.32 82.35 -4.31
CA CYS I 233 83.97 81.43 -5.43
C CYS I 233 84.02 79.98 -4.92
N TYR I 234 84.91 79.67 -3.98
CA TYR I 234 84.94 78.32 -3.38
C TYR I 234 83.63 78.11 -2.61
N ARG I 235 83.23 79.10 -1.81
CA ARG I 235 81.97 79.02 -1.03
C ARG I 235 80.80 78.83 -2.00
N GLN I 236 80.78 79.59 -3.10
CA GLN I 236 79.72 79.43 -4.13
C GLN I 236 79.70 77.98 -4.62
N ALA I 237 80.87 77.46 -4.99
CA ALA I 237 80.98 76.06 -5.47
C ALA I 237 80.39 75.10 -4.44
N TYR I 238 80.78 75.25 -3.16
CA TYR I 238 80.33 74.32 -2.11
C TYR I 238 78.80 74.39 -1.96
N GLN I 239 78.23 75.58 -2.09
CA GLN I 239 76.75 75.76 -1.94
C GLN I 239 76.02 74.86 -2.94
N VAL I 240 76.37 74.96 -4.23
CA VAL I 240 75.64 74.17 -5.27
C VAL I 240 76.15 72.72 -5.24
N PHE I 241 77.28 72.46 -4.59
CA PHE I 241 77.75 71.06 -4.42
C PHE I 241 76.80 70.36 -3.46
N GLN I 242 76.47 71.02 -2.35
CA GLN I 242 75.50 70.46 -1.37
C GLN I 242 74.14 70.34 -2.05
N LYS I 243 73.75 71.35 -2.83
CA LYS I 243 72.46 71.29 -3.60
C LYS I 243 72.50 70.04 -4.48
N ARG I 244 73.60 69.82 -5.21
CA ARG I 244 73.75 68.60 -6.04
C ARG I 244 74.85 67.73 -5.43
N GLU I 245 74.57 67.07 -4.30
CA GLU I 245 75.58 66.25 -3.59
C GLU I 245 76.08 65.13 -4.52
N TRP I 246 75.16 64.39 -5.13
CA TRP I 246 75.53 63.30 -6.08
C TRP I 246 76.54 63.82 -7.11
N MET J 1 -92.13 -54.64 -12.20
CA MET J 1 -92.66 -53.41 -12.75
C MET J 1 -92.56 -52.30 -11.73
N THR J 2 -93.39 -52.40 -10.69
CA THR J 2 -93.31 -51.51 -9.54
C THR J 2 -92.59 -52.17 -8.37
N MET J 3 -92.51 -53.49 -8.36
CA MET J 3 -91.81 -54.21 -7.31
C MET J 3 -90.30 -54.13 -7.58
N ASP J 4 -89.51 -54.42 -6.55
CA ASP J 4 -88.07 -54.34 -6.68
C ASP J 4 -87.56 -55.38 -7.67
N ALA J 5 -86.49 -55.04 -8.38
CA ALA J 5 -85.84 -56.02 -9.24
C ALA J 5 -85.41 -57.23 -8.44
N THR J 6 -84.46 -57.06 -7.53
CA THR J 6 -83.96 -58.14 -6.70
C THR J 6 -83.84 -57.64 -5.27
N ALA J 7 -84.11 -58.52 -4.30
CA ALA J 7 -84.08 -58.13 -2.90
C ALA J 7 -83.19 -59.01 -2.03
N LEU J 8 -82.23 -59.73 -2.61
CA LEU J 8 -81.41 -60.67 -1.83
C LEU J 8 -80.11 -60.01 -1.40
N PRO J 9 -79.91 -59.73 -0.12
CA PRO J 9 -78.59 -59.31 0.35
C PRO J 9 -77.64 -60.49 0.39
N SER J 10 -76.36 -60.18 0.19
CA SER J 10 -75.30 -61.20 0.14
C SER J 10 -75.68 -62.34 -0.80
N GLU J 11 -76.08 -61.99 -2.01
CA GLU J 11 -76.39 -62.97 -3.02
C GLU J 11 -75.12 -63.62 -3.53
N LEU J 12 -75.10 -64.95 -3.54
CA LEU J 12 -73.97 -65.73 -4.04
C LEU J 12 -72.64 -65.08 -3.69
N LEU J 13 -72.50 -64.70 -2.42
CA LEU J 13 -71.20 -64.24 -1.96
C LEU J 13 -70.14 -65.30 -2.21
N VAL J 14 -70.55 -66.58 -2.18
CA VAL J 14 -69.65 -67.65 -2.57
C VAL J 14 -69.46 -67.63 -4.08
N THR J 15 -68.34 -68.18 -4.52
CA THR J 15 -68.09 -68.30 -5.95
C THR J 15 -69.23 -69.08 -6.60
N PRO J 16 -69.96 -68.50 -7.55
CA PRO J 16 -70.95 -69.29 -8.28
C PRO J 16 -70.27 -70.42 -9.03
N GLN J 17 -70.92 -71.58 -9.01
CA GLN J 17 -70.34 -72.78 -9.59
C GLN J 17 -71.44 -73.63 -10.19
N PRO J 18 -71.11 -74.53 -11.12
CA PRO J 18 -72.14 -75.41 -11.67
C PRO J 18 -72.73 -76.31 -10.59
N LEU J 19 -74.02 -76.58 -10.71
CA LEU J 19 -74.77 -77.30 -9.70
C LEU J 19 -75.62 -78.39 -10.35
N VAL J 20 -75.29 -79.64 -10.04
CA VAL J 20 -76.02 -80.80 -10.50
C VAL J 20 -76.69 -81.45 -9.29
N GLY J 21 -77.95 -81.79 -9.44
CA GLY J 21 -78.72 -82.37 -8.35
C GLY J 21 -79.37 -83.67 -8.78
N PHE J 22 -79.92 -84.37 -7.80
CA PHE J 22 -80.61 -85.62 -8.06
C PHE J 22 -81.41 -86.05 -6.83
N CYS J 23 -82.29 -87.03 -7.05
CA CYS J 23 -83.40 -87.30 -6.14
C CYS J 23 -82.93 -87.86 -4.81
N GLY J 24 -83.67 -87.53 -3.76
CA GLY J 24 -83.36 -88.04 -2.44
C GLY J 24 -83.56 -89.55 -2.37
N LEU J 25 -82.69 -90.20 -1.60
CA LEU J 25 -82.56 -91.64 -1.56
C LEU J 25 -82.40 -92.10 -0.11
N ASP J 26 -82.79 -93.35 0.15
CA ASP J 26 -82.75 -93.88 1.51
C ASP J 26 -81.33 -94.27 1.93
N THR J 27 -81.19 -94.59 3.21
CA THR J 27 -79.86 -94.68 3.83
C THR J 27 -79.03 -95.82 3.28
N ALA J 28 -79.66 -96.89 2.78
CA ALA J 28 -78.92 -98.08 2.40
C ALA J 28 -78.39 -97.98 0.98
N ARG J 29 -79.20 -97.46 0.07
CA ARG J 29 -78.70 -97.17 -1.28
C ARG J 29 -77.59 -96.14 -1.22
N VAL J 30 -77.76 -95.11 -0.38
CA VAL J 30 -76.68 -94.15 -0.17
C VAL J 30 -75.53 -94.81 0.58
N SER J 31 -75.80 -95.90 1.30
CA SER J 31 -74.72 -96.61 1.98
C SER J 31 -73.85 -97.35 0.98
N VAL J 32 -74.45 -97.93 -0.04
CA VAL J 32 -73.67 -98.49 -1.14
C VAL J 32 -73.03 -97.37 -1.95
N HIS J 33 -73.71 -96.23 -2.03
CA HIS J 33 -73.33 -95.05 -2.79
C HIS J 33 -72.29 -94.20 -2.07
N LYS J 34 -71.97 -94.54 -0.83
CA LYS J 34 -70.99 -93.76 -0.09
C LYS J 34 -69.71 -93.58 -0.90
N ALA J 35 -69.05 -94.70 -1.24
CA ALA J 35 -67.78 -94.62 -1.95
C ALA J 35 -67.88 -93.68 -3.15
N VAL J 36 -69.02 -93.70 -3.83
CA VAL J 36 -69.22 -92.78 -4.94
C VAL J 36 -69.28 -91.33 -4.43
N TRP J 37 -69.93 -91.10 -3.30
CA TRP J 37 -70.03 -89.73 -2.81
C TRP J 37 -68.67 -89.17 -2.38
N GLU J 38 -67.87 -89.94 -1.67
CA GLU J 38 -66.55 -89.38 -1.33
C GLU J 38 -65.62 -89.42 -2.54
N ALA J 39 -65.92 -90.24 -3.55
CA ALA J 39 -65.24 -90.05 -4.82
C ALA J 39 -65.57 -88.68 -5.40
N PHE J 40 -66.83 -88.26 -5.28
CA PHE J 40 -67.21 -86.91 -5.68
C PHE J 40 -66.44 -85.86 -4.89
N SER J 41 -66.35 -86.04 -3.56
CA SER J 41 -65.71 -85.04 -2.72
C SER J 41 -64.18 -85.14 -2.74
N GLY J 42 -63.63 -86.12 -3.45
CA GLY J 42 -62.20 -86.11 -3.68
C GLY J 42 -61.73 -84.88 -4.41
N SER J 43 -62.58 -84.34 -5.28
CA SER J 43 -62.31 -83.04 -5.89
C SER J 43 -62.09 -81.98 -4.82
N LEU J 44 -62.92 -81.98 -3.78
CA LEU J 44 -62.66 -81.14 -2.62
C LEU J 44 -61.32 -81.49 -2.00
N GLN J 45 -61.05 -82.78 -1.87
CA GLN J 45 -59.72 -83.22 -1.41
C GLN J 45 -58.63 -82.77 -2.37
N ARG J 46 -58.82 -82.98 -3.67
CA ARG J 46 -57.80 -82.56 -4.62
C ARG J 46 -57.81 -81.05 -4.81
N LYS J 47 -56.86 -80.56 -5.61
CA LYS J 47 -56.75 -79.13 -5.82
C LYS J 47 -57.95 -78.61 -6.59
N ALA J 48 -58.27 -77.34 -6.35
CA ALA J 48 -59.52 -76.77 -6.83
C ALA J 48 -59.60 -76.79 -8.35
N ALA J 49 -58.48 -76.49 -9.03
CA ALA J 49 -58.47 -76.60 -10.49
C ALA J 49 -58.69 -78.04 -10.93
N ASP J 50 -58.04 -79.00 -10.26
CA ASP J 50 -58.32 -80.40 -10.55
C ASP J 50 -59.77 -80.74 -10.25
N ARG J 51 -60.35 -80.06 -9.26
CA ARG J 51 -61.77 -80.18 -9.00
C ARG J 51 -62.56 -79.60 -10.16
N ALA J 52 -63.49 -80.38 -10.69
CA ALA J 52 -64.47 -79.83 -11.61
C ALA J 52 -65.38 -78.89 -10.85
N ALA J 53 -65.65 -77.73 -11.44
CA ALA J 53 -66.28 -76.64 -10.70
C ALA J 53 -67.68 -77.01 -10.25
N VAL J 54 -68.24 -78.09 -10.80
CA VAL J 54 -69.61 -78.48 -10.49
C VAL J 54 -69.80 -78.73 -9.00
N GLN J 55 -71.05 -78.64 -8.54
CA GLN J 55 -71.44 -78.98 -7.18
C GLN J 55 -72.70 -79.84 -7.17
N TYR J 56 -73.00 -80.43 -6.02
CA TYR J 56 -74.01 -81.49 -5.90
C TYR J 56 -75.07 -81.04 -4.91
N LYS J 57 -76.33 -80.99 -5.37
CA LYS J 57 -77.38 -80.47 -4.49
C LYS J 57 -78.09 -81.59 -3.73
N LEU J 58 -78.43 -82.69 -4.40
CA LEU J 58 -79.12 -83.82 -3.77
C LEU J 58 -80.48 -83.45 -3.16
N LEU J 59 -81.44 -83.08 -4.02
CA LEU J 59 -82.83 -82.80 -3.69
C LEU J 59 -83.60 -84.09 -3.41
N PRO J 60 -84.82 -84.01 -2.84
CA PRO J 60 -85.70 -85.17 -2.63
C PRO J 60 -86.12 -85.86 -3.93
N GLU J 76 -96.01 -51.63 -22.65
CA GLU J 76 -96.50 -52.76 -21.90
C GLU J 76 -96.22 -54.08 -22.61
N TRP J 77 -95.00 -54.60 -22.40
CA TRP J 77 -94.59 -55.88 -22.95
C TRP J 77 -94.72 -56.92 -21.84
N TYR J 78 -95.02 -58.15 -22.25
CA TYR J 78 -95.35 -59.20 -21.28
C TYR J 78 -94.11 -59.61 -20.48
N HIS J 79 -94.34 -59.97 -19.23
CA HIS J 79 -93.24 -60.17 -18.31
C HIS J 79 -92.47 -61.44 -18.65
N PRO J 80 -91.18 -61.52 -18.30
CA PRO J 80 -90.35 -62.65 -18.71
C PRO J 80 -90.63 -63.89 -17.86
N LYS J 81 -90.26 -65.03 -18.43
CA LYS J 81 -90.43 -66.33 -17.78
C LYS J 81 -89.13 -66.68 -17.07
N GLY J 82 -89.23 -67.07 -15.79
CA GLY J 82 -88.08 -67.39 -15.00
C GLY J 82 -87.23 -66.20 -14.61
N ILE J 83 -87.44 -65.05 -15.23
CA ILE J 83 -86.70 -63.85 -14.91
C ILE J 83 -87.56 -62.84 -14.15
N LEU J 84 -88.87 -62.97 -14.19
CA LEU J 84 -89.76 -61.95 -13.63
C LEU J 84 -89.48 -61.71 -12.14
N LYS J 85 -89.13 -62.75 -11.39
CA LYS J 85 -89.13 -62.69 -9.93
C LYS J 85 -87.72 -62.81 -9.36
N ARG J 86 -87.53 -62.27 -8.15
CA ARG J 86 -86.29 -62.52 -7.41
C ARG J 86 -86.31 -63.92 -6.80
N ASN J 87 -87.50 -64.48 -6.60
CA ASN J 87 -87.58 -65.84 -6.10
C ASN J 87 -87.37 -66.85 -7.22
N TRP J 88 -87.92 -66.56 -8.41
CA TRP J 88 -87.47 -67.24 -9.62
C TRP J 88 -85.95 -67.17 -9.74
N MET J 89 -85.38 -66.00 -9.40
CA MET J 89 -83.94 -65.82 -9.45
C MET J 89 -83.23 -66.77 -8.47
N LEU J 90 -83.67 -66.76 -7.21
CA LEU J 90 -83.08 -67.64 -6.22
C LEU J 90 -83.24 -69.09 -6.63
N LYS J 91 -84.33 -69.41 -7.30
CA LYS J 91 -84.50 -70.72 -7.91
C LYS J 91 -83.41 -70.95 -8.95
N HIS J 92 -83.13 -69.95 -9.76
CA HIS J 92 -82.08 -70.06 -10.78
C HIS J 92 -80.74 -70.37 -10.14
N LEU J 93 -80.54 -69.92 -8.90
CA LEU J 93 -79.29 -70.24 -8.21
C LEU J 93 -79.09 -71.74 -8.05
N HIS J 94 -79.97 -72.39 -7.29
CA HIS J 94 -79.71 -73.77 -6.88
C HIS J 94 -80.90 -74.69 -7.10
N VAL J 95 -82.12 -74.14 -7.03
CA VAL J 95 -83.31 -74.98 -7.01
C VAL J 95 -83.45 -75.77 -8.31
N LEU J 96 -82.84 -75.29 -9.39
CA LEU J 96 -82.90 -75.99 -10.65
C LEU J 96 -81.49 -76.39 -11.08
N PRO J 97 -80.98 -77.55 -10.68
CA PRO J 97 -79.71 -78.01 -11.23
C PRO J 97 -79.77 -78.12 -12.73
N SER J 98 -78.66 -77.79 -13.38
CA SER J 98 -78.64 -77.82 -14.84
C SER J 98 -78.50 -79.25 -15.35
N VAL J 99 -78.14 -80.17 -14.47
CA VAL J 99 -78.11 -81.59 -14.80
C VAL J 99 -78.85 -82.32 -13.69
N VAL J 100 -79.68 -83.30 -14.05
CA VAL J 100 -80.25 -84.23 -13.09
C VAL J 100 -79.91 -85.64 -13.54
N VAL J 101 -79.45 -86.47 -12.61
CA VAL J 101 -79.08 -87.83 -12.91
C VAL J 101 -79.80 -88.76 -11.96
N LEU J 102 -80.53 -89.74 -12.51
CA LEU J 102 -81.24 -90.71 -11.70
C LEU J 102 -80.32 -91.88 -11.41
N PHE J 103 -80.26 -92.26 -10.14
CA PHE J 103 -79.29 -93.24 -9.65
C PHE J 103 -79.99 -94.52 -9.25
N GLN J 104 -79.70 -95.58 -9.99
CA GLN J 104 -79.89 -96.94 -9.53
C GLN J 104 -78.67 -97.73 -9.95
N ASP J 105 -78.69 -99.03 -9.70
CA ASP J 105 -77.61 -99.88 -10.19
C ASP J 105 -78.02 -100.54 -11.49
N MET J 106 -77.09 -100.56 -12.46
CA MET J 106 -77.32 -101.29 -13.69
C MET J 106 -76.86 -102.71 -13.42
N GLU J 107 -77.78 -103.65 -13.58
CA GLU J 107 -77.57 -105.03 -13.18
C GLU J 107 -78.44 -105.90 -14.05
N TRP J 108 -77.80 -106.69 -14.91
CA TRP J 108 -78.51 -107.61 -15.78
C TRP J 108 -79.06 -108.71 -14.90
N ASN J 109 -80.35 -109.01 -15.04
CA ASN J 109 -80.91 -110.10 -14.25
C ASN J 109 -81.97 -110.85 -15.04
N ASP J 110 -82.69 -111.73 -14.36
CA ASP J 110 -83.69 -112.55 -15.02
C ASP J 110 -85.07 -111.94 -14.83
N LEU J 111 -85.49 -111.80 -13.57
CA LEU J 111 -86.77 -111.18 -13.28
C LEU J 111 -86.57 -109.81 -12.64
N GLN J 112 -85.61 -109.72 -11.71
CA GLN J 112 -85.22 -108.43 -11.17
C GLN J 112 -84.89 -107.44 -12.26
N TRP J 113 -84.32 -107.93 -13.36
CA TRP J 113 -83.99 -107.05 -14.46
C TRP J 113 -85.24 -106.37 -15.00
N THR J 114 -86.30 -107.14 -15.24
CA THR J 114 -87.56 -106.60 -15.73
C THR J 114 -88.20 -105.68 -14.70
N GLU J 115 -88.14 -106.07 -13.42
CA GLU J 115 -88.75 -105.25 -12.39
C GLU J 115 -88.11 -103.87 -12.34
N LYS J 116 -86.77 -103.83 -12.29
CA LYS J 116 -86.06 -102.57 -12.31
C LYS J 116 -86.33 -101.79 -13.59
N GLN J 117 -86.46 -102.49 -14.72
CA GLN J 117 -86.82 -101.79 -15.94
C GLN J 117 -88.13 -101.04 -15.77
N VAL J 118 -89.17 -101.73 -15.32
CA VAL J 118 -90.48 -101.10 -15.21
C VAL J 118 -90.41 -99.92 -14.25
N GLN J 119 -89.79 -100.13 -13.09
CA GLN J 119 -89.82 -99.08 -12.06
C GLN J 119 -88.94 -97.89 -12.46
N CYS J 120 -87.74 -98.15 -12.97
CA CYS J 120 -86.86 -97.06 -13.36
C CYS J 120 -87.47 -96.28 -14.51
N ALA J 121 -88.11 -96.98 -15.44
CA ALA J 121 -88.80 -96.29 -16.53
C ALA J 121 -89.88 -95.36 -15.99
N ALA J 122 -90.72 -95.85 -15.07
CA ALA J 122 -91.79 -95.01 -14.56
C ALA J 122 -91.25 -93.81 -13.78
N ILE J 123 -90.22 -94.03 -12.97
CA ILE J 123 -89.72 -92.94 -12.13
C ILE J 123 -89.04 -91.88 -12.99
N VAL J 124 -88.23 -92.29 -13.96
CA VAL J 124 -87.63 -91.31 -14.86
C VAL J 124 -88.69 -90.64 -15.72
N GLN J 125 -89.79 -91.35 -15.98
CA GLN J 125 -90.90 -90.74 -16.68
C GLN J 125 -91.46 -89.56 -15.90
N ALA J 126 -91.79 -89.79 -14.63
CA ALA J 126 -92.25 -88.69 -13.79
C ALA J 126 -91.19 -87.60 -13.69
N LEU J 127 -89.92 -88.00 -13.59
CA LEU J 127 -88.83 -87.03 -13.44
C LEU J 127 -88.74 -86.11 -14.64
N LYS J 128 -88.85 -86.67 -15.85
CA LYS J 128 -88.81 -85.83 -17.04
C LYS J 128 -90.07 -84.99 -17.15
N ASN J 129 -91.22 -85.55 -16.75
CA ASN J 129 -92.43 -84.74 -16.67
C ASN J 129 -92.18 -83.50 -15.82
N THR J 130 -91.41 -83.66 -14.75
CA THR J 130 -91.02 -82.51 -13.93
C THR J 130 -90.02 -81.61 -14.65
N LEU J 131 -89.08 -82.19 -15.38
CA LEU J 131 -87.91 -81.42 -15.81
C LEU J 131 -88.12 -80.70 -17.13
N GLN J 132 -89.19 -81.04 -17.86
CA GLN J 132 -89.33 -80.48 -19.21
C GLN J 132 -89.36 -78.95 -19.20
N GLU J 133 -90.28 -78.36 -18.44
CA GLU J 133 -90.43 -76.91 -18.48
C GLU J 133 -89.16 -76.22 -18.01
N ARG J 134 -88.52 -76.77 -16.99
CA ARG J 134 -87.31 -76.16 -16.46
C ARG J 134 -86.10 -76.49 -17.32
N ASN J 135 -86.29 -77.35 -18.32
CA ASN J 135 -85.37 -77.49 -19.45
C ASN J 135 -84.06 -78.16 -19.07
N THR J 136 -83.90 -78.52 -17.81
CA THR J 136 -82.73 -79.28 -17.39
C THR J 136 -82.80 -80.66 -18.02
N ARG J 137 -81.72 -81.06 -18.69
CA ARG J 137 -81.73 -82.39 -19.28
C ARG J 137 -81.34 -83.43 -18.25
N LEU J 138 -81.92 -84.61 -18.42
CA LEU J 138 -81.91 -85.65 -17.39
C LEU J 138 -81.07 -86.81 -17.88
N CYS J 139 -79.80 -86.81 -17.50
CA CYS J 139 -78.83 -87.80 -17.93
C CYS J 139 -78.94 -89.01 -17.02
N LEU J 140 -78.81 -90.20 -17.58
CA LEU J 140 -79.03 -91.43 -16.84
C LEU J 140 -77.74 -92.20 -16.67
N VAL J 141 -77.30 -92.33 -15.42
CA VAL J 141 -76.07 -93.03 -15.09
C VAL J 141 -76.38 -94.05 -14.01
N LEU J 142 -75.96 -95.29 -14.23
CA LEU J 142 -76.39 -96.40 -13.41
C LEU J 142 -75.17 -97.13 -12.87
N LEU J 143 -75.25 -97.59 -11.63
CA LEU J 143 -74.12 -98.21 -10.95
C LEU J 143 -73.94 -99.64 -11.44
N GLN J 144 -72.70 -100.09 -11.50
CA GLN J 144 -72.38 -101.50 -11.70
C GLN J 144 -71.43 -101.95 -10.61
N ARG J 145 -71.82 -102.98 -9.87
CA ARG J 145 -70.85 -103.66 -9.01
C ARG J 145 -70.37 -104.95 -9.66
N ALA J 146 -71.02 -105.37 -10.74
CA ALA J 146 -70.64 -106.61 -11.39
C ALA J 146 -69.36 -106.41 -12.20
N ALA J 147 -68.90 -107.50 -12.80
CA ALA J 147 -67.71 -107.45 -13.63
C ALA J 147 -67.98 -106.58 -14.86
N PRO J 148 -66.98 -105.88 -15.39
CA PRO J 148 -67.22 -104.98 -16.53
C PRO J 148 -67.77 -105.74 -17.73
N LEU J 149 -68.66 -105.08 -18.47
CA LEU J 149 -69.29 -105.70 -19.63
C LEU J 149 -68.50 -105.36 -20.88
N PRO J 150 -68.09 -106.34 -21.67
CA PRO J 150 -67.50 -106.06 -22.97
C PRO J 150 -68.55 -105.55 -23.94
N PRO J 151 -68.44 -104.29 -24.37
CA PRO J 151 -69.40 -103.77 -25.35
C PRO J 151 -69.33 -104.58 -26.64
N GLY J 152 -70.49 -104.76 -27.26
CA GLY J 152 -70.60 -105.59 -28.43
C GLY J 152 -70.79 -107.07 -28.14
N GLU J 153 -70.89 -107.47 -26.87
CA GLU J 153 -71.06 -108.89 -26.58
C GLU J 153 -72.48 -109.25 -26.20
N ASP J 154 -73.17 -108.41 -25.42
CA ASP J 154 -74.50 -108.76 -24.92
C ASP J 154 -75.58 -108.09 -25.76
N LEU J 155 -76.41 -108.90 -26.41
CA LEU J 155 -77.57 -108.37 -27.12
C LEU J 155 -78.70 -108.07 -26.14
N LEU J 156 -78.73 -108.73 -24.98
CA LEU J 156 -79.70 -108.36 -23.98
C LEU J 156 -79.40 -106.98 -23.40
N ALA J 157 -78.12 -106.62 -23.33
CA ALA J 157 -77.76 -105.24 -23.00
C ALA J 157 -78.29 -104.29 -24.07
N ALA J 158 -78.22 -104.72 -25.33
CA ALA J 158 -78.78 -103.92 -26.41
C ALA J 158 -80.27 -103.73 -26.22
N GLU J 159 -80.98 -104.81 -25.87
CA GLU J 159 -82.41 -104.71 -25.63
C GLU J 159 -82.68 -103.81 -24.45
N ARG J 160 -81.86 -103.93 -23.40
CA ARG J 160 -81.98 -103.06 -22.25
C ARG J 160 -81.86 -101.61 -22.66
N ALA J 161 -80.84 -101.30 -23.44
CA ALA J 161 -80.65 -99.94 -23.91
C ALA J 161 -81.86 -99.47 -24.70
N ALA J 162 -82.33 -100.30 -25.63
CA ALA J 162 -83.48 -99.91 -26.42
C ALA J 162 -84.69 -99.63 -25.53
N SER J 163 -84.99 -100.55 -24.63
CA SER J 163 -86.19 -100.42 -23.81
C SER J 163 -86.12 -99.19 -22.93
N LEU J 164 -84.98 -98.95 -22.29
CA LEU J 164 -84.87 -97.82 -21.39
C LEU J 164 -84.88 -96.51 -22.16
N THR J 165 -84.18 -96.46 -23.30
CA THR J 165 -84.17 -95.26 -24.11
C THR J 165 -85.57 -94.93 -24.60
N ASN J 166 -86.33 -95.94 -25.02
CA ASN J 166 -87.70 -95.67 -25.47
C ASN J 166 -88.64 -95.54 -24.29
N ALA J 167 -88.19 -95.92 -23.10
CA ALA J 167 -88.98 -95.72 -21.91
C ALA J 167 -89.20 -94.23 -21.66
N CYS J 168 -88.17 -93.42 -21.89
CA CYS J 168 -88.19 -92.02 -21.51
C CYS J 168 -87.63 -91.06 -22.55
N GLY J 169 -87.19 -91.55 -23.71
CA GLY J 169 -86.64 -90.68 -24.71
C GLY J 169 -85.22 -90.24 -24.46
N ILE J 170 -84.63 -90.66 -23.35
CA ILE J 170 -83.23 -90.35 -23.08
C ILE J 170 -82.34 -91.20 -23.96
N THR J 171 -81.41 -90.54 -24.66
CA THR J 171 -80.65 -91.21 -25.71
C THR J 171 -79.64 -92.18 -25.11
N SER J 172 -79.08 -93.03 -25.97
CA SER J 172 -78.10 -94.01 -25.54
C SER J 172 -76.85 -93.33 -25.00
N LYS J 173 -76.35 -92.31 -25.70
CA LYS J 173 -75.13 -91.65 -25.27
C LYS J 173 -75.28 -91.07 -23.87
N MET J 174 -76.50 -90.64 -23.51
CA MET J 174 -76.74 -90.13 -22.17
C MET J 174 -76.56 -91.23 -21.13
N LEU J 175 -76.95 -92.46 -21.47
CA LEU J 175 -76.79 -93.57 -20.54
C LEU J 175 -75.31 -93.76 -20.22
N PHE J 176 -75.03 -94.08 -18.96
CA PHE J 176 -73.67 -94.33 -18.51
C PHE J 176 -73.66 -95.49 -17.52
N ILE J 177 -72.47 -96.04 -17.30
CA ILE J 177 -72.27 -97.18 -16.42
C ILE J 177 -71.28 -96.76 -15.33
N LEU J 178 -71.51 -97.20 -14.11
CA LEU J 178 -70.63 -96.83 -13.00
C LEU J 178 -69.82 -98.03 -12.55
N PRO J 179 -68.53 -98.08 -12.91
CA PRO J 179 -67.68 -99.22 -12.53
C PRO J 179 -67.07 -99.10 -11.15
N HIS J 180 -66.17 -100.02 -10.83
CA HIS J 180 -65.50 -100.01 -9.54
C HIS J 180 -64.45 -98.91 -9.48
N THR J 181 -63.92 -98.69 -8.28
CA THR J 181 -63.18 -97.46 -7.97
C THR J 181 -62.04 -97.23 -8.95
N GLU J 182 -61.27 -98.28 -9.26
CA GLU J 182 -60.12 -98.11 -10.14
C GLU J 182 -60.56 -97.56 -11.49
N HIS J 183 -61.80 -97.85 -11.90
CA HIS J 183 -62.34 -97.21 -13.08
C HIS J 183 -63.33 -96.11 -12.70
N LEU J 184 -64.00 -96.27 -11.55
CA LEU J 184 -64.99 -95.29 -11.12
C LEU J 184 -64.40 -93.91 -11.00
N THR J 185 -63.12 -93.81 -10.65
CA THR J 185 -62.50 -92.50 -10.54
C THR J 185 -62.52 -91.76 -11.88
N GLY J 186 -61.99 -92.38 -12.93
CA GLY J 186 -61.95 -91.73 -14.23
C GLY J 186 -63.33 -91.54 -14.82
N TYR J 187 -64.26 -92.44 -14.49
CA TYR J 187 -65.59 -92.33 -15.06
C TYR J 187 -66.45 -91.34 -14.32
N ALA J 188 -66.22 -91.16 -13.02
CA ALA J 188 -66.81 -90.01 -12.34
C ALA J 188 -66.29 -88.72 -12.92
N LEU J 189 -64.99 -88.69 -13.26
CA LEU J 189 -64.43 -87.47 -13.85
C LEU J 189 -65.05 -87.18 -15.23
N ARG J 190 -65.18 -88.21 -16.08
CA ARG J 190 -65.80 -87.96 -17.38
C ARG J 190 -67.29 -87.63 -17.22
N LEU J 191 -67.91 -88.17 -16.16
CA LEU J 191 -69.26 -87.75 -15.82
C LEU J 191 -69.29 -86.27 -15.51
N GLU J 192 -68.33 -85.81 -14.72
CA GLU J 192 -68.16 -84.39 -14.44
C GLU J 192 -68.11 -83.60 -15.74
N SER J 193 -67.31 -84.08 -16.68
CA SER J 193 -67.17 -83.37 -17.96
C SER J 193 -68.50 -83.31 -18.70
N ALA J 194 -69.21 -84.42 -18.78
CA ALA J 194 -70.48 -84.45 -19.51
C ALA J 194 -71.50 -83.55 -18.85
N PHE J 195 -71.54 -83.56 -17.52
CA PHE J 195 -72.46 -82.70 -16.80
C PHE J 195 -72.13 -81.24 -17.07
N LEU J 196 -70.83 -80.92 -17.06
CA LEU J 196 -70.40 -79.56 -17.40
C LEU J 196 -70.89 -79.18 -18.79
N ASP J 197 -70.69 -80.05 -19.76
CA ASP J 197 -71.08 -79.74 -21.13
C ASP J 197 -72.57 -79.47 -21.25
N MET J 198 -73.38 -80.36 -20.66
CA MET J 198 -74.81 -80.19 -20.87
C MET J 198 -75.35 -79.02 -20.05
N ALA J 199 -74.77 -78.79 -18.87
CA ALA J 199 -75.11 -77.60 -18.12
C ALA J 199 -74.79 -76.35 -18.91
N GLN J 200 -73.63 -76.33 -19.58
CA GLN J 200 -73.25 -75.17 -20.36
C GLN J 200 -74.18 -74.97 -21.54
N SER J 201 -74.59 -76.07 -22.17
CA SER J 201 -75.57 -75.96 -23.25
C SER J 201 -76.86 -75.37 -22.72
N TYR J 202 -77.28 -75.81 -21.54
CA TYR J 202 -78.47 -75.26 -20.89
C TYR J 202 -78.30 -73.77 -20.65
N TYR J 203 -77.13 -73.37 -20.15
CA TYR J 203 -76.93 -71.98 -19.79
C TYR J 203 -76.90 -71.10 -21.04
N ALA J 204 -76.27 -71.58 -22.11
CA ALA J 204 -76.30 -70.86 -23.37
C ALA J 204 -77.72 -70.72 -23.88
N LEU J 205 -78.51 -71.79 -23.80
CA LEU J 205 -79.91 -71.70 -24.20
C LEU J 205 -80.65 -70.68 -23.34
N MET J 206 -80.35 -70.66 -22.05
CA MET J 206 -81.09 -69.80 -21.15
C MET J 206 -80.74 -68.34 -21.45
N SER J 207 -79.48 -68.11 -21.80
CA SER J 207 -79.04 -66.79 -22.26
C SER J 207 -79.71 -66.42 -23.57
N LYS J 208 -79.91 -67.40 -24.46
CA LYS J 208 -80.70 -67.14 -25.66
C LYS J 208 -82.09 -66.63 -25.29
N ARG J 209 -82.71 -67.30 -24.32
CA ARG J 209 -83.97 -66.82 -23.76
C ARG J 209 -83.84 -65.36 -23.34
N ILE J 210 -82.81 -65.06 -22.56
CA ILE J 210 -82.63 -63.71 -22.02
C ILE J 210 -82.55 -62.70 -23.14
N ARG J 211 -81.73 -62.99 -24.14
CA ARG J 211 -81.49 -62.02 -25.21
C ARG J 211 -82.75 -61.78 -26.02
N ASN J 212 -83.48 -62.86 -26.34
CA ASN J 212 -84.69 -62.72 -27.14
C ASN J 212 -85.77 -61.99 -26.36
N HIS J 213 -85.75 -62.12 -25.03
CA HIS J 213 -86.55 -61.20 -24.22
C HIS J 213 -86.04 -59.77 -24.34
N ARG J 214 -84.72 -59.61 -24.36
CA ARG J 214 -84.12 -58.28 -24.24
C ARG J 214 -84.46 -57.42 -25.45
N ASP J 215 -84.58 -58.04 -26.62
CA ASP J 215 -84.90 -57.27 -27.82
C ASP J 215 -86.16 -56.43 -27.63
N GLN J 216 -87.13 -56.93 -26.86
CA GLN J 216 -88.34 -56.19 -26.60
C GLN J 216 -88.23 -55.40 -25.30
N LEU J 217 -89.11 -54.41 -25.13
CA LEU J 217 -89.10 -53.53 -23.98
C LEU J 217 -90.52 -53.22 -23.53
N THR J 218 -90.68 -52.99 -22.22
CA THR J 218 -91.98 -52.64 -21.62
C THR J 218 -92.12 -51.12 -21.54
N ALA J 219 -91.89 -50.46 -22.67
CA ALA J 219 -91.99 -49.01 -22.78
C ALA J 219 -91.13 -48.31 -21.73
N ALA J 220 -89.81 -48.50 -21.83
CA ALA J 220 -88.83 -47.77 -21.04
C ALA J 220 -89.00 -47.99 -19.54
N HIS J 221 -88.99 -49.26 -19.15
CA HIS J 221 -88.92 -49.57 -17.72
C HIS J 221 -87.48 -49.78 -17.28
N THR J 222 -86.76 -50.65 -17.99
CA THR J 222 -85.31 -50.78 -17.90
C THR J 222 -84.92 -51.42 -16.59
N SER J 223 -85.87 -51.54 -15.66
CA SER J 223 -85.68 -52.44 -14.54
C SER J 223 -85.57 -53.86 -15.04
N LEU J 224 -86.44 -54.21 -16.00
CA LEU J 224 -86.35 -55.49 -16.66
C LEU J 224 -85.00 -55.64 -17.32
N LYS J 225 -84.48 -54.55 -17.89
CA LYS J 225 -83.18 -54.62 -18.53
C LYS J 225 -82.10 -54.95 -17.52
N ILE J 226 -82.18 -54.33 -16.34
CA ILE J 226 -81.24 -54.62 -15.28
C ILE J 226 -81.34 -56.09 -14.88
N ARG J 227 -82.57 -56.58 -14.74
CA ARG J 227 -82.75 -57.99 -14.40
C ARG J 227 -82.14 -58.88 -15.45
N HIS J 228 -82.26 -58.50 -16.73
CA HIS J 228 -81.70 -59.33 -17.78
C HIS J 228 -80.19 -59.34 -17.73
N GLN J 229 -79.58 -58.16 -17.57
CA GLN J 229 -78.13 -58.15 -17.42
C GLN J 229 -77.70 -58.93 -16.20
N PHE J 230 -78.45 -58.85 -15.11
CA PHE J 230 -78.01 -59.51 -13.89
C PHE J 230 -78.18 -61.03 -14.02
N LYS J 231 -79.25 -61.47 -14.66
CA LYS J 231 -79.41 -62.89 -14.96
C LYS J 231 -78.29 -63.38 -15.86
N LEU J 232 -77.95 -62.61 -16.89
CA LEU J 232 -76.87 -63.04 -17.76
C LEU J 232 -75.53 -62.92 -17.03
N GLY J 233 -75.49 -62.12 -15.98
CA GLY J 233 -74.33 -62.12 -15.12
C GLY J 233 -74.18 -63.42 -14.37
N PHE J 234 -75.27 -63.88 -13.74
CA PHE J 234 -75.31 -65.29 -13.33
C PHE J 234 -74.75 -66.20 -14.40
N VAL J 235 -75.25 -66.07 -15.63
CA VAL J 235 -74.86 -67.04 -16.64
C VAL J 235 -73.36 -67.00 -16.87
N ALA J 236 -72.82 -65.81 -17.14
CA ALA J 236 -71.41 -65.70 -17.50
C ALA J 236 -70.51 -66.09 -16.33
N GLU J 237 -70.80 -65.53 -15.15
CA GLU J 237 -70.10 -65.93 -13.93
C GLU J 237 -70.11 -67.43 -13.78
N MET J 238 -71.25 -68.04 -14.08
CA MET J 238 -71.42 -69.48 -13.91
C MET J 238 -70.53 -70.22 -14.87
N ARG J 239 -70.44 -69.72 -16.10
CA ARG J 239 -69.74 -70.42 -17.17
C ARG J 239 -68.26 -70.06 -17.23
N GLN J 240 -67.76 -69.35 -16.22
CA GLN J 240 -66.38 -68.90 -16.10
C GLN J 240 -66.02 -67.90 -17.20
N ASP J 241 -67.01 -67.30 -17.86
CA ASP J 241 -66.74 -66.28 -18.85
C ASP J 241 -66.18 -65.03 -18.18
N PHE J 242 -66.78 -64.62 -17.06
CA PHE J 242 -66.28 -63.56 -16.21
C PHE J 242 -66.34 -62.19 -16.88
N SER J 243 -66.73 -62.15 -18.15
CA SER J 243 -66.59 -60.92 -18.90
C SER J 243 -67.93 -60.39 -19.37
N THR J 244 -68.70 -61.23 -20.07
CA THR J 244 -70.00 -60.78 -20.54
C THR J 244 -70.87 -60.35 -19.38
N GLY J 245 -70.81 -61.09 -18.27
CA GLY J 245 -71.57 -60.71 -17.10
C GLY J 245 -71.15 -59.36 -16.56
N GLN J 246 -69.85 -59.08 -16.53
CA GLN J 246 -69.42 -57.82 -15.96
C GLN J 246 -69.77 -56.66 -16.88
N LYS J 247 -69.70 -56.87 -18.20
CA LYS J 247 -70.18 -55.85 -19.12
C LYS J 247 -71.64 -55.56 -18.85
N HIS J 248 -72.43 -56.62 -18.69
CA HIS J 248 -73.86 -56.47 -18.44
C HIS J 248 -74.10 -55.73 -17.14
N TYR J 249 -73.29 -56.03 -16.12
CA TYR J 249 -73.41 -55.31 -14.86
C TYR J 249 -73.13 -53.83 -15.05
N PHE J 250 -72.07 -53.51 -15.81
CA PHE J 250 -71.78 -52.11 -16.10
C PHE J 250 -72.98 -51.43 -16.73
N GLN J 251 -73.56 -52.07 -17.75
CA GLN J 251 -74.66 -51.45 -18.48
C GLN J 251 -75.90 -51.33 -17.60
N ALA J 252 -76.16 -52.33 -16.77
CA ALA J 252 -77.28 -52.27 -15.86
C ALA J 252 -77.12 -51.14 -14.86
N TYR J 253 -75.91 -50.97 -14.33
CA TYR J 253 -75.64 -49.89 -13.41
C TYR J 253 -75.78 -48.55 -14.09
N ALA J 254 -75.31 -48.44 -15.33
CA ALA J 254 -75.47 -47.21 -16.07
C ALA J 254 -76.94 -46.87 -16.25
N ASN J 255 -77.75 -47.82 -16.72
CA ASN J 255 -79.16 -47.56 -16.92
C ASN J 255 -79.87 -47.33 -15.60
N LEU J 256 -79.34 -47.90 -14.52
CA LEU J 256 -79.79 -47.51 -13.20
C LEU J 256 -79.58 -46.02 -13.00
N ASP J 257 -78.40 -45.54 -13.37
CA ASP J 257 -78.11 -44.13 -13.20
C ASP J 257 -79.07 -43.29 -14.02
N GLU J 258 -79.28 -43.64 -15.28
CA GLU J 258 -80.13 -42.80 -16.12
C GLU J 258 -81.52 -42.70 -15.51
N ILE J 259 -81.93 -43.72 -14.77
CA ILE J 259 -83.08 -43.54 -13.91
C ILE J 259 -82.70 -42.56 -12.82
N ARG J 260 -83.13 -41.31 -13.00
CA ARG J 260 -82.92 -40.31 -11.96
C ARG J 260 -83.88 -40.58 -10.82
N ILE J 261 -83.44 -40.32 -9.59
CA ILE J 261 -84.24 -40.73 -8.44
C ILE J 261 -85.57 -39.98 -8.43
N ASN J 262 -86.65 -40.76 -8.45
CA ASN J 262 -88.02 -40.24 -8.42
C ASN J 262 -88.22 -39.61 -7.04
N ASP J 263 -87.92 -40.31 -5.95
CA ASP J 263 -88.33 -39.88 -4.63
C ASP J 263 -87.53 -40.61 -3.56
N GLY J 264 -87.97 -40.49 -2.30
CA GLY J 264 -87.26 -41.04 -1.15
C GLY J 264 -86.89 -42.49 -1.26
N ASN J 265 -87.34 -43.18 -2.29
CA ASN J 265 -86.96 -44.56 -2.54
C ASN J 265 -85.56 -44.69 -3.13
N CYS J 266 -84.59 -44.00 -2.55
CA CYS J 266 -83.22 -44.16 -3.01
C CYS J 266 -82.60 -45.43 -2.48
N LEU J 267 -83.20 -45.98 -1.41
CA LEU J 267 -82.58 -47.12 -0.73
C LEU J 267 -82.55 -48.35 -1.64
N GLU J 268 -83.64 -48.60 -2.35
CA GLU J 268 -83.65 -49.75 -3.25
C GLU J 268 -82.60 -49.58 -4.34
N ILE J 269 -82.47 -48.35 -4.82
CA ILE J 269 -81.45 -48.03 -5.81
C ILE J 269 -80.07 -48.30 -5.24
N LYS J 270 -79.83 -47.86 -4.01
CA LYS J 270 -78.53 -48.01 -3.39
C LYS J 270 -78.22 -49.48 -3.13
N THR J 271 -79.24 -50.25 -2.76
CA THR J 271 -79.05 -51.68 -2.55
C THR J 271 -78.71 -52.38 -3.85
N LEU J 272 -79.43 -52.05 -4.91
CA LEU J 272 -79.09 -52.60 -6.22
C LEU J 272 -77.67 -52.21 -6.59
N ALA J 273 -77.31 -50.96 -6.31
CA ALA J 273 -75.97 -50.48 -6.60
C ALA J 273 -74.95 -51.28 -5.82
N GLY J 274 -75.22 -51.54 -4.54
CA GLY J 274 -74.27 -52.31 -3.75
C GLY J 274 -74.14 -53.73 -4.25
N PHE J 275 -75.26 -54.34 -4.62
CA PHE J 275 -75.20 -55.67 -5.20
C PHE J 275 -74.29 -55.69 -6.41
N LEU J 276 -74.69 -54.96 -7.45
CA LEU J 276 -73.92 -54.98 -8.70
C LEU J 276 -72.52 -54.46 -8.46
N ASN J 277 -72.33 -53.64 -7.43
CA ASN J 277 -71.02 -53.09 -7.14
C ASN J 277 -70.10 -54.18 -6.61
N TYR J 278 -70.58 -54.96 -5.65
CA TYR J 278 -69.89 -56.17 -5.25
C TYR J 278 -69.59 -57.04 -6.45
N LYS J 279 -70.61 -57.28 -7.27
CA LYS J 279 -70.42 -58.17 -8.40
C LYS J 279 -69.29 -57.68 -9.29
N ILE J 280 -69.36 -56.42 -9.70
CA ILE J 280 -68.38 -55.91 -10.63
C ILE J 280 -66.99 -55.88 -10.01
N CYS J 281 -66.89 -55.46 -8.74
CA CYS J 281 -65.59 -55.39 -8.11
C CYS J 281 -64.96 -56.76 -7.99
N ARG J 282 -65.71 -57.74 -7.49
CA ARG J 282 -65.16 -59.08 -7.34
C ARG J 282 -64.83 -59.68 -8.69
N LEU J 283 -65.67 -59.44 -9.70
CA LEU J 283 -65.37 -59.95 -11.03
C LEU J 283 -64.09 -59.33 -11.56
N MET J 284 -63.87 -58.04 -11.28
CA MET J 284 -62.59 -57.42 -11.59
C MET J 284 -61.47 -58.18 -10.91
N PHE J 285 -61.61 -58.42 -9.61
CA PHE J 285 -60.56 -59.07 -8.85
C PHE J 285 -60.27 -60.46 -9.40
N LYS J 286 -61.31 -61.13 -9.92
CA LYS J 286 -61.11 -62.40 -10.59
C LYS J 286 -60.21 -62.25 -11.80
N LEU J 287 -60.31 -61.10 -12.46
CA LEU J 287 -59.64 -60.86 -13.73
C LEU J 287 -58.29 -60.18 -13.55
N LYS J 288 -57.83 -60.00 -12.31
CA LYS J 288 -56.58 -59.31 -12.02
C LYS J 288 -56.60 -57.89 -12.56
N THR J 289 -57.64 -57.14 -12.16
CA THR J 289 -57.79 -55.73 -12.52
C THR J 289 -58.05 -54.94 -11.24
N PRO J 290 -57.03 -54.81 -10.38
CA PRO J 290 -57.25 -54.13 -9.10
C PRO J 290 -57.51 -52.64 -9.25
N ARG J 291 -56.75 -51.97 -10.11
CA ARG J 291 -56.95 -50.53 -10.29
C ARG J 291 -58.36 -50.23 -10.72
N ASP J 292 -58.88 -51.04 -11.65
CA ASP J 292 -60.27 -50.92 -12.06
C ASP J 292 -61.19 -51.01 -10.85
N ALA J 293 -60.99 -52.01 -10.00
CA ALA J 293 -61.87 -52.19 -8.86
C ALA J 293 -61.80 -51.01 -7.91
N ILE J 294 -60.60 -50.51 -7.64
CA ILE J 294 -60.45 -49.40 -6.71
C ILE J 294 -61.21 -48.19 -7.23
N ASN J 295 -60.99 -47.86 -8.51
CA ASN J 295 -61.65 -46.72 -9.09
C ASN J 295 -63.16 -46.91 -9.08
N GLN J 296 -63.62 -48.11 -9.42
CA GLN J 296 -65.05 -48.37 -9.36
C GLN J 296 -65.60 -48.07 -7.99
N PHE J 297 -65.00 -48.66 -6.96
CA PHE J 297 -65.60 -48.56 -5.64
C PHE J 297 -65.60 -47.12 -5.16
N ILE J 298 -64.50 -46.40 -5.39
CA ILE J 298 -64.52 -45.00 -4.99
C ILE J 298 -65.61 -44.27 -5.75
N ILE J 299 -65.53 -44.24 -7.08
CA ILE J 299 -66.53 -43.58 -7.89
C ILE J 299 -67.92 -43.87 -7.34
N HIS J 300 -68.21 -45.14 -7.07
CA HIS J 300 -69.53 -45.53 -6.63
C HIS J 300 -69.86 -44.93 -5.26
N VAL J 301 -68.91 -45.00 -4.32
CA VAL J 301 -69.25 -44.60 -2.96
C VAL J 301 -69.46 -43.10 -2.87
N GLU J 302 -68.65 -42.30 -3.56
CA GLU J 302 -68.96 -40.86 -3.53
C GLU J 302 -70.16 -40.50 -4.39
N LYS J 303 -70.40 -41.23 -5.49
CA LYS J 303 -71.67 -41.04 -6.17
C LYS J 303 -72.83 -41.23 -5.20
N HIS J 304 -72.74 -42.27 -4.39
CA HIS J 304 -73.84 -42.61 -3.50
C HIS J 304 -73.92 -41.63 -2.33
N LYS J 305 -72.76 -41.12 -1.90
CA LYS J 305 -72.74 -40.06 -0.92
C LYS J 305 -73.52 -38.86 -1.43
N SER J 306 -73.26 -38.48 -2.68
CA SER J 306 -73.98 -37.39 -3.31
C SER J 306 -75.43 -37.76 -3.59
N ARG J 307 -75.76 -39.05 -3.55
CA ARG J 307 -77.08 -39.49 -3.97
C ARG J 307 -78.20 -38.91 -3.11
N VAL J 308 -78.10 -39.04 -1.79
CA VAL J 308 -79.26 -38.82 -0.92
C VAL J 308 -79.38 -37.34 -0.61
N GLY J 309 -80.61 -36.85 -0.52
CA GLY J 309 -80.85 -35.50 -0.06
C GLY J 309 -81.73 -35.41 1.17
N PHE J 310 -82.66 -36.35 1.34
CA PHE J 310 -83.65 -36.27 2.40
C PHE J 310 -84.04 -37.67 2.83
N LYS J 311 -84.16 -37.88 4.14
CA LYS J 311 -84.55 -39.16 4.73
C LYS J 311 -83.72 -40.32 4.19
N ASP J 312 -82.41 -40.35 4.50
CA ASP J 312 -81.67 -39.63 5.55
C ASP J 312 -82.37 -39.63 6.90
N LEU J 313 -83.00 -40.77 7.22
CA LEU J 313 -83.48 -40.98 8.58
C LEU J 313 -82.32 -41.32 9.51
N ALA J 314 -81.10 -41.22 8.98
CA ALA J 314 -79.84 -41.50 9.66
C ALA J 314 -79.64 -43.00 9.80
N PHE J 315 -80.66 -43.78 9.48
CA PHE J 315 -80.42 -45.13 9.03
C PHE J 315 -79.69 -45.10 7.70
N GLU J 316 -80.10 -44.19 6.84
CA GLU J 316 -79.59 -44.12 5.48
C GLU J 316 -78.17 -43.54 5.50
N HIS J 317 -77.39 -43.95 4.50
CA HIS J 317 -76.09 -43.40 4.19
C HIS J 317 -75.04 -43.81 5.21
N HIS J 318 -75.48 -44.39 6.32
CA HIS J 318 -74.51 -44.77 7.35
C HIS J 318 -74.31 -46.27 7.35
N ALA J 319 -75.38 -47.02 7.59
CA ALA J 319 -75.27 -48.46 7.62
C ALA J 319 -74.82 -49.00 6.26
N TRP J 320 -75.44 -48.52 5.19
CA TRP J 320 -75.08 -49.01 3.87
C TRP J 320 -73.63 -48.68 3.54
N LEU J 321 -73.20 -47.46 3.86
CA LEU J 321 -71.84 -47.07 3.53
C LEU J 321 -70.84 -47.90 4.31
N SER J 322 -71.11 -48.12 5.58
CA SER J 322 -70.25 -48.95 6.40
C SER J 322 -70.18 -50.37 5.86
N THR J 323 -71.34 -50.93 5.51
CA THR J 323 -71.37 -52.27 4.96
C THR J 323 -70.65 -52.32 3.63
N GLN J 324 -70.73 -51.24 2.86
CA GLN J 324 -70.10 -51.21 1.55
C GLN J 324 -68.58 -51.26 1.69
N HIS J 325 -68.05 -50.43 2.59
CA HIS J 325 -66.63 -50.51 2.90
C HIS J 325 -66.26 -51.88 3.43
N SER J 326 -67.13 -52.44 4.28
CA SER J 326 -66.87 -53.76 4.84
C SER J 326 -66.69 -54.79 3.73
N VAL J 327 -67.66 -54.83 2.82
CA VAL J 327 -67.63 -55.77 1.71
C VAL J 327 -66.39 -55.54 0.87
N PHE J 328 -66.01 -54.29 0.66
CA PHE J 328 -64.86 -54.06 -0.21
C PHE J 328 -63.56 -54.53 0.44
N ALA J 329 -63.41 -54.32 1.74
CA ALA J 329 -62.27 -54.92 2.42
C ALA J 329 -62.32 -56.43 2.33
N GLU J 330 -63.53 -56.99 2.37
CA GLU J 330 -63.67 -58.43 2.22
C GLU J 330 -63.19 -58.87 0.84
N LEU J 331 -63.51 -58.07 -0.17
CA LEU J 331 -63.05 -58.34 -1.52
C LEU J 331 -61.54 -58.25 -1.60
N PHE J 332 -60.97 -57.28 -0.89
CA PHE J 332 -59.53 -57.18 -0.78
C PHE J 332 -58.95 -58.47 -0.22
N CYS J 333 -59.55 -58.98 0.83
CA CYS J 333 -59.06 -60.21 1.44
C CYS J 333 -59.19 -61.38 0.48
N GLU J 334 -60.30 -61.45 -0.25
CA GLU J 334 -60.44 -62.40 -1.34
C GLU J 334 -59.28 -62.26 -2.31
N ALA J 335 -58.92 -61.03 -2.67
CA ALA J 335 -57.83 -60.79 -3.59
C ALA J 335 -56.51 -61.30 -3.03
N ILE J 336 -56.30 -61.07 -1.73
CA ILE J 336 -55.08 -61.53 -1.08
C ILE J 336 -55.01 -63.05 -1.13
N LYS J 337 -56.13 -63.71 -0.84
CA LYS J 337 -56.23 -65.15 -1.00
C LYS J 337 -55.87 -65.55 -2.42
N ASN J 338 -56.35 -64.80 -3.41
CA ASN J 338 -55.90 -64.99 -4.78
C ASN J 338 -54.43 -64.64 -4.91
N GLY J 339 -53.97 -63.60 -4.22
CA GLY J 339 -52.61 -63.15 -4.35
C GLY J 339 -52.41 -61.87 -5.11
N LEU J 340 -53.23 -60.84 -4.83
CA LEU J 340 -53.08 -59.55 -5.49
C LEU J 340 -52.48 -58.53 -4.53
N PRO J 341 -51.15 -58.44 -4.42
CA PRO J 341 -50.54 -57.51 -3.45
C PRO J 341 -50.35 -56.09 -3.96
N ALA J 342 -50.75 -55.80 -5.20
CA ALA J 342 -50.66 -54.45 -5.74
C ALA J 342 -51.50 -53.48 -4.93
N LEU J 343 -52.71 -53.90 -4.54
CA LEU J 343 -53.57 -53.05 -3.74
C LEU J 343 -53.14 -53.00 -2.28
N GLN J 344 -52.44 -54.02 -1.82
CA GLN J 344 -52.02 -54.04 -0.42
C GLN J 344 -50.79 -53.15 -0.20
N THR J 345 -49.83 -53.18 -1.13
CA THR J 345 -48.62 -52.40 -0.95
C THR J 345 -48.92 -50.92 -0.87
N GLN J 346 -50.00 -50.46 -1.50
CA GLN J 346 -50.42 -49.09 -1.28
C GLN J 346 -50.99 -48.92 0.13
N HIS J 347 -52.01 -49.72 0.48
CA HIS J 347 -52.66 -49.65 1.78
C HIS J 347 -53.34 -50.99 1.99
N PRO J 348 -53.09 -51.67 3.10
CA PRO J 348 -53.64 -53.02 3.27
C PRO J 348 -55.11 -53.05 3.64
N GLY J 349 -55.51 -52.24 4.62
CA GLY J 349 -56.82 -52.37 5.23
C GLY J 349 -57.66 -51.14 5.06
N ILE J 350 -57.72 -50.67 3.82
CA ILE J 350 -58.15 -49.30 3.56
C ILE J 350 -59.48 -49.04 4.25
N TYR J 351 -60.53 -49.70 3.81
CA TYR J 351 -61.87 -49.30 4.13
C TYR J 351 -62.36 -49.87 5.44
N TYR J 352 -61.56 -50.69 6.12
CA TYR J 352 -61.98 -51.20 7.42
C TYR J 352 -62.33 -50.05 8.36
N HIS J 353 -61.41 -49.12 8.55
CA HIS J 353 -61.63 -48.12 9.58
C HIS J 353 -62.45 -46.95 9.06
N LYS J 354 -62.52 -46.75 7.75
CA LYS J 354 -63.60 -45.91 7.25
C LYS J 354 -64.95 -46.50 7.60
N ALA J 355 -65.14 -47.80 7.40
CA ALA J 355 -66.38 -48.43 7.81
C ALA J 355 -66.58 -48.26 9.31
N ALA J 356 -65.50 -48.38 10.07
CA ALA J 356 -65.59 -48.23 11.51
C ALA J 356 -66.05 -46.83 11.89
N GLU J 357 -65.48 -45.81 11.26
CA GLU J 357 -65.91 -44.46 11.55
C GLU J 357 -67.34 -44.25 11.11
N PHE J 358 -67.77 -44.95 10.06
CA PHE J 358 -69.14 -44.83 9.63
C PHE J 358 -70.10 -45.47 10.64
N VAL J 359 -69.70 -46.60 11.24
CA VAL J 359 -70.59 -47.20 12.22
C VAL J 359 -70.61 -46.39 13.50
N MET J 360 -69.49 -45.73 13.83
CA MET J 360 -69.53 -44.76 14.91
C MET J 360 -70.50 -43.64 14.60
N LYS J 361 -70.42 -43.11 13.38
CA LYS J 361 -71.36 -42.08 12.97
C LYS J 361 -72.78 -42.62 13.02
N ARG J 362 -72.93 -43.92 12.76
CA ARG J 362 -74.24 -44.54 12.80
C ARG J 362 -74.79 -44.57 14.20
N ARG J 363 -73.96 -44.92 15.18
CA ARG J 363 -74.37 -44.87 16.58
C ARG J 363 -74.75 -43.45 16.98
N ASP J 364 -73.97 -42.48 16.51
CA ASP J 364 -74.28 -41.09 16.83
C ASP J 364 -75.63 -40.71 16.24
N ALA J 365 -75.80 -41.02 14.95
CA ALA J 365 -77.05 -40.79 14.26
C ALA J 365 -78.19 -41.46 15.00
N ALA J 366 -77.94 -42.62 15.56
CA ALA J 366 -78.94 -43.29 16.39
C ALA J 366 -79.25 -42.45 17.61
N MET J 367 -78.24 -41.83 18.20
CA MET J 367 -78.47 -40.99 19.36
C MET J 367 -79.51 -39.93 19.03
N GLU J 368 -79.29 -39.17 17.96
CA GLU J 368 -80.29 -38.12 17.69
C GLU J 368 -81.56 -38.72 17.09
N ALA J 369 -81.47 -39.91 16.53
CA ALA J 369 -82.69 -40.54 16.02
C ALA J 369 -83.64 -40.85 17.16
N TYR J 370 -83.11 -41.47 18.22
CA TYR J 370 -83.78 -41.46 19.51
C TYR J 370 -84.35 -40.09 19.80
N ALA J 371 -83.48 -39.09 19.91
CA ALA J 371 -83.90 -37.77 20.39
C ALA J 371 -85.12 -37.27 19.63
N ALA J 372 -85.08 -37.36 18.30
CA ALA J 372 -86.23 -36.94 17.50
C ALA J 372 -87.42 -37.85 17.74
N MET J 373 -87.17 -39.11 18.08
CA MET J 373 -88.28 -40.02 18.38
C MET J 373 -88.97 -39.60 19.67
N GLN J 374 -88.25 -38.96 20.57
CA GLN J 374 -88.90 -38.46 21.78
C GLN J 374 -89.73 -37.20 21.51
N ALA J 375 -89.55 -36.59 20.33
CA ALA J 375 -90.26 -35.34 20.06
C ALA J 375 -91.77 -35.53 20.11
N SER J 376 -92.31 -36.34 19.22
CA SER J 376 -93.69 -36.82 19.37
C SER J 376 -93.66 -38.33 19.36
N SER J 377 -92.97 -38.89 18.38
CA SER J 377 -92.87 -40.33 18.21
C SER J 377 -91.56 -40.70 17.52
N VAL J 406 -99.30 -39.67 10.01
CA VAL J 406 -100.52 -40.45 10.13
C VAL J 406 -100.52 -41.59 9.13
N ALA J 407 -99.52 -41.59 8.25
CA ALA J 407 -99.35 -42.65 7.26
C ALA J 407 -97.87 -43.03 7.23
N GLU J 408 -97.60 -44.34 7.20
CA GLU J 408 -96.27 -44.96 7.17
C GLU J 408 -95.43 -44.63 8.40
N GLN J 409 -95.96 -43.88 9.36
CA GLN J 409 -95.15 -43.47 10.50
C GLN J 409 -94.82 -44.66 11.39
N GLN J 410 -95.76 -45.61 11.51
CA GLN J 410 -95.50 -46.79 12.33
C GLN J 410 -94.31 -47.56 11.79
N ALA J 411 -94.16 -47.58 10.46
CA ALA J 411 -92.98 -48.20 9.86
C ALA J 411 -91.72 -47.54 10.38
N ASN J 412 -91.71 -46.20 10.43
CA ASN J 412 -90.57 -45.50 10.98
C ASN J 412 -90.37 -45.86 12.44
N MET J 413 -91.46 -46.14 13.16
CA MET J 413 -91.34 -46.53 14.56
C MET J 413 -90.63 -47.88 14.68
N GLN J 414 -91.09 -48.88 13.92
CA GLN J 414 -90.38 -50.16 13.93
C GLN J 414 -88.95 -49.98 13.44
N LEU J 415 -88.72 -49.02 12.54
CA LEU J 415 -87.36 -48.72 12.15
C LEU J 415 -86.54 -48.27 13.34
N CYS J 416 -87.09 -47.35 14.13
CA CYS J 416 -86.40 -46.87 15.32
C CYS J 416 -86.08 -48.01 16.26
N ASP J 417 -87.04 -48.90 16.47
CA ASP J 417 -86.83 -50.02 17.38
C ASP J 417 -85.74 -50.95 16.84
N GLN J 418 -85.79 -51.25 15.55
CA GLN J 418 -84.81 -52.14 14.98
C GLN J 418 -83.41 -51.56 15.08
N GLU J 419 -83.24 -50.26 14.85
CA GLU J 419 -81.91 -49.69 14.99
C GLU J 419 -81.53 -49.58 16.47
N ARG J 420 -82.52 -49.53 17.36
CA ARG J 420 -82.23 -49.69 18.78
C ARG J 420 -81.58 -51.04 19.04
N SER J 421 -82.09 -52.08 18.40
CA SER J 421 -81.41 -53.38 18.45
C SER J 421 -79.98 -53.24 17.98
N TYR J 422 -79.73 -52.32 17.06
CA TYR J 422 -78.41 -52.11 16.49
C TYR J 422 -77.51 -51.28 17.40
N ASN J 423 -78.03 -50.79 18.52
CA ASN J 423 -77.25 -49.93 19.41
C ASN J 423 -76.09 -50.65 20.07
N HIS J 424 -75.85 -51.91 19.71
CA HIS J 424 -74.77 -52.67 20.34
C HIS J 424 -73.42 -52.05 20.03
N SER J 425 -73.21 -51.64 18.77
CA SER J 425 -72.03 -50.92 18.32
C SER J 425 -70.74 -51.66 18.63
N ALA J 426 -70.82 -52.93 19.00
CA ALA J 426 -69.62 -53.75 19.05
C ALA J 426 -69.09 -54.00 17.65
N ALA J 427 -69.91 -53.72 16.63
CA ALA J 427 -69.46 -53.79 15.26
C ALA J 427 -68.30 -52.84 15.02
N ILE J 428 -68.32 -51.69 15.70
CA ILE J 428 -67.15 -50.81 15.68
C ILE J 428 -65.92 -51.58 16.13
N ILE J 429 -66.07 -52.34 17.20
CA ILE J 429 -64.97 -53.06 17.79
C ILE J 429 -64.44 -54.10 16.81
N ALA J 430 -65.35 -54.83 16.17
CA ALA J 430 -64.95 -55.85 15.22
C ALA J 430 -64.26 -55.23 14.00
N LEU J 431 -64.81 -54.14 13.49
CA LEU J 431 -64.23 -53.49 12.33
C LEU J 431 -62.83 -52.97 12.64
N LEU J 432 -62.67 -52.34 13.80
CA LEU J 432 -61.35 -51.85 14.18
C LEU J 432 -60.42 -53.01 14.47
N SER J 433 -60.96 -54.15 14.89
CA SER J 433 -60.14 -55.34 15.07
C SER J 433 -59.52 -55.75 13.76
N GLN J 434 -60.36 -55.89 12.73
CA GLN J 434 -59.87 -56.25 11.42
C GLN J 434 -58.91 -55.19 10.88
N ALA J 435 -59.24 -53.91 11.08
CA ALA J 435 -58.37 -52.85 10.62
C ALA J 435 -57.00 -52.94 11.28
N MET J 436 -56.97 -53.16 12.59
CA MET J 436 -55.71 -53.28 13.30
C MET J 436 -54.89 -54.44 12.78
N ALA J 437 -55.52 -55.60 12.62
CA ALA J 437 -54.78 -56.74 12.09
C ALA J 437 -54.18 -56.40 10.74
N GLN J 438 -54.99 -55.86 9.84
CA GLN J 438 -54.53 -55.60 8.49
C GLN J 438 -53.42 -54.55 8.48
N PHE J 439 -53.52 -53.54 9.35
CA PHE J 439 -52.46 -52.55 9.44
C PHE J 439 -51.17 -53.20 9.91
N LYS J 440 -51.27 -54.11 10.89
CA LYS J 440 -50.06 -54.83 11.29
C LYS J 440 -49.50 -55.63 10.13
N ILE J 441 -50.36 -56.07 9.22
CA ILE J 441 -49.89 -56.88 8.10
C ILE J 441 -48.86 -56.12 7.26
N TYR J 442 -49.02 -54.81 7.12
CA TYR J 442 -47.96 -54.07 6.39
C TYR J 442 -47.05 -53.32 7.36
N LYS J 443 -46.71 -53.95 8.49
CA LYS J 443 -45.74 -53.37 9.46
C LYS J 443 -46.18 -51.95 9.88
N CYS J 444 -47.47 -51.78 10.18
CA CYS J 444 -47.94 -50.46 10.67
C CYS J 444 -48.19 -50.53 12.18
N LEU J 445 -47.58 -49.62 12.93
CA LEU J 445 -47.80 -49.60 14.40
C LEU J 445 -48.80 -48.52 14.79
N ARG J 446 -48.61 -47.27 14.33
CA ARG J 446 -49.49 -46.16 14.81
C ARG J 446 -50.96 -46.27 14.36
N PHE J 447 -51.25 -46.64 13.11
CA PHE J 447 -52.70 -46.69 12.79
C PHE J 447 -53.32 -47.75 13.69
N ARG J 448 -52.62 -48.87 13.88
CA ARG J 448 -53.12 -49.90 14.84
C ARG J 448 -53.18 -49.25 16.21
N LYS J 449 -52.17 -48.42 16.57
CA LYS J 449 -52.14 -47.71 17.87
C LYS J 449 -53.29 -46.70 18.01
N LYS J 450 -53.65 -45.99 16.93
CA LYS J 450 -54.68 -44.92 17.03
C LYS J 450 -56.05 -45.59 17.02
N LEU J 451 -56.26 -46.54 16.12
CA LEU J 451 -57.50 -47.30 16.14
C LEU J 451 -57.65 -48.07 17.45
N ALA J 452 -56.53 -48.38 18.11
CA ALA J 452 -56.62 -49.00 19.42
C ALA J 452 -57.11 -48.00 20.45
N ILE J 453 -56.68 -46.74 20.34
CA ILE J 453 -57.24 -45.72 21.22
C ILE J 453 -58.71 -45.52 20.93
N ASP J 454 -59.09 -45.62 19.66
CA ASP J 454 -60.52 -45.56 19.34
C ASP J 454 -61.26 -46.74 19.97
N MET J 455 -60.65 -47.92 19.93
CA MET J 455 -61.24 -49.08 20.59
C MET J 455 -61.41 -48.82 22.08
N ALA J 456 -60.38 -48.28 22.72
CA ALA J 456 -60.44 -48.03 24.16
C ALA J 456 -61.50 -46.99 24.49
N GLU J 457 -61.60 -45.93 23.68
CA GLU J 457 -62.58 -44.89 23.97
C GLU J 457 -63.99 -45.41 23.80
N GLU J 458 -64.21 -46.28 22.80
CA GLU J 458 -65.54 -46.85 22.66
C GLU J 458 -65.82 -47.87 23.76
N TYR J 459 -64.78 -48.53 24.26
CA TYR J 459 -64.93 -49.34 25.47
C TYR J 459 -65.42 -48.48 26.62
N LEU J 460 -64.87 -47.29 26.75
CA LEU J 460 -65.37 -46.36 27.76
C LEU J 460 -66.83 -46.03 27.51
N LYS J 461 -67.20 -45.76 26.26
CA LYS J 461 -68.61 -45.59 25.96
C LYS J 461 -69.37 -46.89 26.20
N SER J 462 -68.72 -48.02 25.93
CA SER J 462 -69.28 -49.31 26.31
C SER J 462 -69.38 -49.44 27.82
N GLY J 463 -68.69 -48.58 28.56
CA GLY J 463 -68.60 -48.68 30.00
C GLY J 463 -67.58 -49.68 30.48
N ASP J 464 -67.18 -50.62 29.64
CA ASP J 464 -66.22 -51.66 30.02
C ASP J 464 -64.86 -51.00 30.12
N HIS J 465 -64.69 -50.18 31.15
CA HIS J 465 -63.47 -49.41 31.30
C HIS J 465 -62.26 -50.30 31.54
N ALA J 466 -62.49 -51.54 31.96
CA ALA J 466 -61.37 -52.43 32.27
C ALA J 466 -60.51 -52.69 31.04
N LYS J 467 -61.14 -53.13 29.95
CA LYS J 467 -60.41 -53.38 28.72
C LYS J 467 -59.79 -52.10 28.20
N ALA J 468 -60.49 -50.98 28.38
CA ALA J 468 -59.96 -49.70 27.94
C ALA J 468 -58.68 -49.35 28.67
N LEU J 469 -58.65 -49.57 29.98
CA LEU J 469 -57.43 -49.28 30.74
C LEU J 469 -56.34 -50.29 30.40
N THR J 470 -56.72 -51.52 30.07
CA THR J 470 -55.71 -52.46 29.59
C THR J 470 -55.02 -51.92 28.34
N LEU J 471 -55.83 -51.50 27.37
CA LEU J 471 -55.28 -50.91 26.15
C LEU J 471 -54.40 -49.71 26.47
N TYR J 472 -54.92 -48.77 27.25
CA TYR J 472 -54.16 -47.57 27.56
C TYR J 472 -52.85 -47.91 28.25
N SER J 473 -52.88 -48.93 29.12
CA SER J 473 -51.67 -49.36 29.80
C SER J 473 -50.63 -49.83 28.79
N LEU J 474 -51.08 -50.56 27.77
CA LEU J 474 -50.13 -50.93 26.72
C LEU J 474 -49.70 -49.73 25.89
N MET J 475 -50.55 -48.70 25.80
CA MET J 475 -50.32 -47.67 24.78
C MET J 475 -49.46 -46.50 25.28
N LEU J 476 -49.42 -46.27 26.59
CA LEU J 476 -48.54 -45.22 27.09
C LEU J 476 -47.07 -45.40 26.72
N PRO J 477 -46.38 -46.54 26.99
CA PRO J 477 -44.93 -46.65 26.71
C PRO J 477 -44.55 -46.12 25.33
N ASP J 478 -45.24 -46.57 24.28
CA ASP J 478 -44.87 -46.17 22.89
C ASP J 478 -44.98 -44.65 22.75
N TYR J 479 -46.03 -44.05 23.31
CA TYR J 479 -46.20 -42.57 23.27
C TYR J 479 -45.03 -41.89 23.99
N ARG J 480 -44.59 -42.46 25.12
CA ARG J 480 -43.49 -41.89 25.89
C ARG J 480 -42.18 -41.99 25.12
N GLN J 481 -41.93 -43.13 24.46
CA GLN J 481 -40.78 -43.20 23.57
C GLN J 481 -40.92 -42.22 22.41
N GLU J 482 -42.15 -42.00 21.95
CA GLU J 482 -42.38 -41.19 20.75
C GLU J 482 -42.17 -39.71 21.02
N LYS J 483 -42.31 -39.30 22.27
CA LYS J 483 -41.98 -37.96 22.73
C LYS J 483 -42.92 -36.90 22.20
N TRP J 484 -43.98 -37.27 21.48
CA TRP J 484 -44.88 -36.27 20.93
C TRP J 484 -45.66 -35.67 22.08
N THR J 485 -45.13 -34.57 22.63
CA THR J 485 -45.59 -34.07 23.92
C THR J 485 -47.04 -33.63 23.85
N THR J 486 -47.53 -33.28 22.67
CA THR J 486 -48.95 -32.96 22.55
C THR J 486 -49.80 -34.16 22.92
N ILE J 487 -49.69 -35.25 22.14
CA ILE J 487 -50.59 -36.38 22.29
C ILE J 487 -50.41 -37.04 23.66
N PHE J 488 -49.19 -37.03 24.19
CA PHE J 488 -48.89 -37.85 25.34
C PHE J 488 -49.76 -37.47 26.53
N THR J 489 -49.78 -36.18 26.87
CA THR J 489 -50.68 -35.74 27.94
C THR J 489 -52.14 -35.92 27.56
N ASP J 490 -52.45 -35.83 26.26
CA ASP J 490 -53.84 -35.93 25.84
C ASP J 490 -54.40 -37.31 26.12
N VAL J 491 -53.59 -38.35 25.88
CA VAL J 491 -54.00 -39.70 26.26
C VAL J 491 -53.84 -39.88 27.77
N LEU J 492 -52.92 -39.14 28.39
CA LEU J 492 -52.68 -39.32 29.82
C LEU J 492 -53.90 -38.94 30.64
N LEU J 493 -54.57 -37.85 30.29
CA LEU J 493 -55.74 -37.46 31.07
C LEU J 493 -56.83 -38.53 30.97
N LYS J 494 -57.02 -39.10 29.78
CA LYS J 494 -57.98 -40.18 29.63
C LYS J 494 -57.54 -41.42 30.41
N THR J 495 -56.24 -41.69 30.42
CA THR J 495 -55.74 -42.87 31.13
C THR J 495 -55.95 -42.73 32.62
N LEU J 496 -55.75 -41.52 33.15
CA LEU J 496 -56.11 -41.24 34.54
C LEU J 496 -57.60 -41.42 34.76
N ARG J 497 -58.42 -40.98 33.81
CA ARG J 497 -59.86 -41.17 33.95
C ARG J 497 -60.21 -42.65 34.09
N CYS J 498 -59.59 -43.48 33.25
CA CYS J 498 -59.83 -44.91 33.32
C CYS J 498 -59.33 -45.48 34.64
N ALA J 499 -58.17 -45.01 35.11
CA ALA J 499 -57.65 -45.51 36.37
C ALA J 499 -58.58 -45.17 37.52
N LEU J 500 -59.13 -43.94 37.53
CA LEU J 500 -59.98 -43.56 38.64
C LEU J 500 -61.31 -44.31 38.60
N LEU J 501 -61.89 -44.45 37.41
CA LEU J 501 -63.14 -45.21 37.33
C LEU J 501 -62.92 -46.67 37.69
N SER J 502 -61.85 -47.27 37.17
CA SER J 502 -61.53 -48.66 37.50
C SER J 502 -61.14 -48.78 38.96
N GLY J 503 -60.55 -47.74 39.52
CA GLY J 503 -59.97 -47.86 40.83
C GLY J 503 -58.66 -48.62 40.85
N SER J 504 -58.04 -48.85 39.69
CA SER J 504 -56.72 -49.47 39.67
C SER J 504 -55.74 -48.45 40.22
N VAL J 505 -55.65 -48.41 41.55
CA VAL J 505 -54.93 -47.33 42.20
C VAL J 505 -53.45 -47.39 41.88
N ALA J 506 -52.93 -48.59 41.59
CA ALA J 506 -51.52 -48.70 41.23
C ALA J 506 -51.24 -47.98 39.92
N ASP J 507 -52.00 -48.30 38.87
CA ASP J 507 -51.82 -47.60 37.61
C ASP J 507 -52.17 -46.13 37.77
N TYR J 508 -53.19 -45.83 38.57
CA TYR J 508 -53.56 -44.46 38.86
C TYR J 508 -52.38 -43.66 39.37
N ILE J 509 -51.71 -44.15 40.41
CA ILE J 509 -50.60 -43.40 40.99
C ILE J 509 -49.43 -43.35 40.03
N ALA J 510 -49.17 -44.42 39.27
CA ALA J 510 -48.04 -44.41 38.36
C ALA J 510 -48.23 -43.35 37.27
N CYS J 511 -49.40 -43.34 36.64
CA CYS J 511 -49.64 -42.35 35.60
C CYS J 511 -49.70 -40.95 36.19
N SER J 512 -50.22 -40.84 37.42
CA SER J 512 -50.25 -39.53 38.07
C SER J 512 -48.85 -38.99 38.31
N VAL J 513 -47.93 -39.84 38.77
CA VAL J 513 -46.58 -39.35 39.08
C VAL J 513 -45.82 -39.05 37.79
N GLU J 514 -46.06 -39.81 36.72
CA GLU J 514 -45.45 -39.43 35.45
C GLU J 514 -46.01 -38.11 34.95
N ALA J 515 -47.29 -37.86 35.20
CA ALA J 515 -47.85 -36.56 34.89
C ALA J 515 -47.18 -35.48 35.72
N LEU J 516 -47.00 -35.73 37.02
CA LEU J 516 -46.28 -34.81 37.90
C LEU J 516 -44.92 -34.45 37.33
N SER J 517 -44.16 -35.45 36.89
CA SER J 517 -42.78 -35.25 36.47
C SER J 517 -42.66 -34.09 35.50
N LEU J 518 -43.55 -34.03 34.52
CA LEU J 518 -43.66 -32.90 33.63
C LEU J 518 -45.15 -32.58 33.46
N ARG J 519 -45.72 -31.79 34.36
CA ARG J 519 -47.11 -31.35 34.25
C ARG J 519 -47.22 -29.85 33.99
N HIS J 520 -46.24 -29.27 33.32
CA HIS J 520 -46.23 -27.81 33.17
C HIS J 520 -47.21 -27.35 32.10
N GLN J 521 -47.61 -28.26 31.20
CA GLN J 521 -48.59 -27.89 30.17
C GLN J 521 -49.96 -27.63 30.78
N SER J 522 -50.33 -28.39 31.80
CA SER J 522 -51.65 -28.22 32.42
C SER J 522 -51.61 -27.13 33.48
N ASP J 523 -52.80 -26.81 34.02
CA ASP J 523 -52.92 -25.77 35.03
C ASP J 523 -52.34 -26.23 36.36
N GLN J 524 -51.87 -25.26 37.15
CA GLN J 524 -51.13 -25.56 38.38
C GLN J 524 -52.02 -26.19 39.45
N SER J 525 -53.18 -25.60 39.70
CA SER J 525 -54.04 -26.09 40.78
C SER J 525 -54.44 -27.54 40.54
N GLU J 526 -54.61 -27.90 39.27
CA GLU J 526 -54.93 -29.29 38.94
C GLU J 526 -53.79 -30.22 39.33
N ARG J 527 -52.54 -29.79 39.08
CA ARG J 527 -51.39 -30.54 39.57
C ARG J 527 -51.46 -30.73 41.07
N ILE J 528 -51.81 -29.67 41.80
CA ILE J 528 -51.89 -29.75 43.25
C ILE J 528 -52.95 -30.78 43.67
N LEU J 529 -54.13 -30.72 43.06
CA LEU J 529 -55.19 -31.65 43.40
C LEU J 529 -54.77 -33.08 43.12
N ILE J 530 -54.08 -33.29 41.99
CA ILE J 530 -53.57 -34.62 41.70
C ILE J 530 -52.66 -35.10 42.82
N LEU J 531 -51.73 -34.24 43.24
CA LEU J 531 -50.77 -34.68 44.25
C LEU J 531 -51.45 -35.01 45.56
N GLU J 532 -52.40 -34.18 45.99
CA GLU J 532 -53.06 -34.45 47.27
C GLU J 532 -53.91 -35.70 47.20
N ASN J 533 -54.58 -35.94 46.07
CA ASN J 533 -55.30 -37.19 45.90
C ASN J 533 -54.35 -38.38 45.99
N LEU J 534 -53.18 -38.24 45.39
CA LEU J 534 -52.18 -39.29 45.45
C LEU J 534 -51.78 -39.59 46.88
N TRP J 535 -51.47 -38.57 47.67
CA TRP J 535 -51.10 -38.81 49.06
C TRP J 535 -52.25 -39.48 49.80
N GLN J 536 -53.46 -39.00 49.55
CA GLN J 536 -54.65 -39.61 50.13
C GLN J 536 -54.67 -41.10 49.87
N VAL J 537 -54.46 -41.51 48.63
CA VAL J 537 -54.63 -42.91 48.31
C VAL J 537 -53.44 -43.75 48.76
N PHE J 538 -52.23 -43.16 48.80
CA PHE J 538 -51.14 -43.88 49.44
C PHE J 538 -51.43 -44.18 50.89
N GLN J 539 -52.01 -43.22 51.60
CA GLN J 539 -52.32 -43.51 53.00
C GLN J 539 -53.80 -43.87 53.17
N GLY J 540 -54.49 -44.17 52.08
CA GLY J 540 -55.80 -44.80 52.12
C GLY J 540 -56.98 -43.86 51.95
N VAL J 541 -56.76 -42.56 52.01
CA VAL J 541 -57.89 -41.63 51.94
C VAL J 541 -58.42 -41.59 50.50
N PRO J 542 -59.72 -41.68 50.29
CA PRO J 542 -60.28 -41.55 48.94
C PRO J 542 -60.04 -40.17 48.37
N PRO J 543 -59.96 -40.04 47.04
CA PRO J 543 -59.76 -38.71 46.44
C PRO J 543 -61.00 -37.85 46.57
N MET J 544 -60.79 -36.53 46.64
CA MET J 544 -61.91 -35.62 46.85
C MET J 544 -62.92 -35.54 45.71
N PRO J 545 -62.59 -35.79 44.43
CA PRO J 545 -63.69 -35.57 43.45
C PRO J 545 -64.82 -36.57 43.62
N LYS J 546 -65.54 -36.43 44.75
CA LYS J 546 -66.60 -37.36 45.10
C LYS J 546 -67.73 -37.30 44.10
N THR J 547 -68.14 -36.10 43.69
CA THR J 547 -69.15 -35.98 42.64
C THR J 547 -68.63 -36.56 41.34
N GLN J 548 -67.33 -36.48 41.10
CA GLN J 548 -66.75 -37.11 39.92
C GLN J 548 -66.76 -38.62 40.05
N LEU J 549 -66.72 -39.13 41.29
CA LEU J 549 -66.76 -40.57 41.51
C LEU J 549 -68.20 -41.05 41.70
N THR J 550 -68.38 -42.37 41.62
CA THR J 550 -69.68 -42.98 41.85
C THR J 550 -69.57 -44.04 42.94
N PRO J 551 -70.67 -44.30 43.66
CA PRO J 551 -70.58 -45.24 44.79
C PRO J 551 -70.02 -46.59 44.41
N GLU J 552 -70.37 -47.08 43.21
CA GLU J 552 -69.79 -48.34 42.76
C GLU J 552 -68.27 -48.26 42.68
N ALA J 553 -67.74 -47.21 42.04
CA ALA J 553 -66.28 -47.07 41.98
C ALA J 553 -65.69 -46.86 43.37
N GLN J 554 -66.44 -46.18 44.24
CA GLN J 554 -66.06 -46.10 45.64
C GLN J 554 -65.81 -47.50 46.19
N ALA J 555 -66.73 -48.41 45.94
CA ALA J 555 -66.55 -49.80 46.37
C ALA J 555 -65.33 -50.41 45.69
N LEU J 556 -65.15 -50.12 44.40
CA LEU J 556 -64.01 -50.67 43.66
C LEU J 556 -62.70 -50.39 44.38
N TRP J 557 -62.44 -49.13 44.71
CA TRP J 557 -61.12 -48.83 45.21
C TRP J 557 -61.04 -48.92 46.73
N THR J 558 -62.17 -48.84 47.44
CA THR J 558 -62.14 -49.21 48.84
C THR J 558 -61.80 -50.68 48.99
N SER J 559 -62.33 -51.50 48.09
CA SER J 559 -62.00 -52.93 48.08
C SER J 559 -60.52 -53.14 47.82
N ALA J 560 -59.96 -52.36 46.90
CA ALA J 560 -58.59 -52.59 46.47
C ALA J 560 -57.62 -52.16 47.57
N LEU J 561 -56.34 -52.12 47.21
CA LEU J 561 -55.19 -51.76 48.02
C LEU J 561 -54.80 -52.89 48.98
N ALA J 562 -55.58 -53.98 49.03
CA ALA J 562 -55.18 -55.13 49.84
C ALA J 562 -53.90 -55.74 49.32
N ASN J 563 -53.76 -55.83 48.01
CA ASN J 563 -52.50 -56.29 47.42
C ASN J 563 -51.63 -55.10 47.01
N VAL J 564 -52.25 -53.96 46.74
CA VAL J 564 -51.50 -52.83 46.23
C VAL J 564 -50.61 -52.29 47.34
N LYS J 565 -49.31 -52.31 47.10
CA LYS J 565 -48.33 -51.97 48.13
C LYS J 565 -47.32 -51.01 47.49
N SER J 566 -46.51 -50.32 48.29
CA SER J 566 -45.41 -49.49 47.81
C SER J 566 -45.82 -48.55 46.68
N VAL J 579 -41.51 -32.95 38.44
CA VAL J 579 -41.00 -33.34 39.75
C VAL J 579 -39.59 -33.86 39.59
N GLU J 580 -39.19 -34.03 38.33
CA GLU J 580 -38.04 -34.86 38.01
C GLU J 580 -36.79 -34.41 38.75
N MET J 581 -36.12 -35.36 39.39
CA MET J 581 -34.95 -35.12 40.20
C MET J 581 -33.80 -36.00 39.74
N CYS J 582 -32.65 -35.83 40.38
CA CYS J 582 -31.43 -36.45 39.91
C CYS J 582 -30.65 -37.08 41.06
N ALA J 583 -29.99 -38.20 40.77
CA ALA J 583 -29.06 -38.84 41.69
C ALA J 583 -27.68 -38.27 41.45
N THR J 584 -27.03 -37.83 42.52
CA THR J 584 -25.69 -37.27 42.43
C THR J 584 -24.78 -37.99 43.41
N PHE J 585 -23.90 -38.84 42.87
CA PHE J 585 -22.89 -39.54 43.63
C PHE J 585 -21.60 -38.74 43.53
N GLU J 586 -21.01 -38.39 44.67
CA GLU J 586 -19.76 -37.63 44.64
C GLU J 586 -18.58 -38.52 44.26
N ARG J 587 -18.61 -39.79 44.65
CA ARG J 587 -17.46 -40.67 44.51
C ARG J 587 -17.93 -42.08 44.13
N VAL J 588 -17.83 -42.40 42.84
CA VAL J 588 -17.94 -43.78 42.39
C VAL J 588 -16.54 -44.35 42.25
N GLN J 589 -16.43 -45.68 42.17
CA GLN J 589 -15.13 -46.37 42.20
C GLN J 589 -14.41 -46.10 43.51
N LEU J 590 -14.98 -46.62 44.60
CA LEU J 590 -14.49 -46.33 45.93
C LEU J 590 -13.05 -46.84 46.13
N SER J 591 -12.30 -46.12 46.96
CA SER J 591 -10.97 -46.53 47.35
C SER J 591 -11.03 -47.27 48.69
N ASN J 592 -9.88 -47.44 49.33
CA ASN J 592 -9.82 -48.26 50.53
C ASN J 592 -10.55 -47.62 51.71
N ASP J 593 -10.49 -46.29 51.83
CA ASP J 593 -11.10 -45.57 52.94
C ASP J 593 -11.67 -44.23 52.50
N ASP J 594 -12.98 -44.03 52.74
CA ASP J 594 -13.72 -42.81 52.42
C ASP J 594 -15.07 -42.78 53.12
N LEU J 595 -15.86 -41.74 52.84
CA LEU J 595 -17.24 -41.62 53.32
C LEU J 595 -18.06 -40.82 52.30
N LEU J 596 -19.37 -41.04 52.21
CA LEU J 596 -20.21 -40.23 51.33
C LEU J 596 -21.54 -39.91 51.99
N GLN J 597 -21.92 -38.65 51.90
CA GLN J 597 -23.15 -38.16 52.49
C GLN J 597 -24.16 -37.82 51.40
N LEU J 598 -25.22 -37.11 51.78
CA LEU J 598 -26.29 -36.70 50.87
C LEU J 598 -25.75 -35.72 49.84
N GLN J 599 -25.41 -36.26 48.67
CA GLN J 599 -25.01 -35.45 47.54
C GLN J 599 -26.00 -35.47 46.39
N LEU J 600 -26.87 -36.47 46.32
CA LEU J 600 -27.93 -36.46 45.33
C LEU J 600 -28.82 -35.24 45.54
N ILE J 601 -29.25 -34.63 44.44
CA ILE J 601 -29.99 -33.38 44.47
C ILE J 601 -31.38 -33.64 43.93
N VAL J 602 -32.38 -33.48 44.77
CA VAL J 602 -33.75 -33.77 44.38
C VAL J 602 -34.42 -32.53 43.83
N ARG J 603 -34.17 -32.24 42.56
CA ARG J 603 -34.86 -31.15 41.90
C ARG J 603 -36.32 -31.49 41.70
N VAL J 604 -37.20 -30.49 41.82
CA VAL J 604 -38.62 -30.68 41.61
C VAL J 604 -39.07 -29.82 40.44
N LEU J 605 -39.47 -30.46 39.34
CA LEU J 605 -39.97 -29.71 38.20
C LEU J 605 -41.34 -29.13 38.48
N THR J 606 -42.15 -29.81 39.29
CA THR J 606 -43.46 -29.28 39.62
C THR J 606 -43.32 -27.98 40.39
N ASP J 607 -44.25 -27.06 40.16
CA ASP J 607 -44.31 -25.86 40.98
C ASP J 607 -44.67 -26.21 42.42
N ILE J 608 -45.76 -26.93 42.62
CA ILE J 608 -46.27 -27.09 43.98
C ILE J 608 -45.35 -28.01 44.77
N PRO J 609 -44.80 -27.55 45.90
CA PRO J 609 -43.72 -28.31 46.55
C PRO J 609 -44.16 -29.69 47.03
N LEU J 610 -43.20 -30.62 46.98
CA LEU J 610 -43.38 -31.92 47.59
C LEU J 610 -43.18 -31.80 49.09
N ARG J 611 -44.10 -32.37 49.88
CA ARG J 611 -44.07 -32.11 51.31
C ARG J 611 -42.94 -32.88 51.98
N ILE J 612 -42.17 -32.17 52.80
CA ILE J 612 -40.89 -32.63 53.32
C ILE J 612 -41.15 -33.37 54.62
N ARG J 613 -41.29 -34.69 54.55
CA ARG J 613 -41.37 -35.47 55.77
C ARG J 613 -40.23 -36.47 55.92
N SER J 614 -40.07 -37.33 54.92
CA SER J 614 -39.15 -38.44 55.02
C SER J 614 -38.67 -38.85 53.64
N PHE J 615 -37.80 -39.85 53.62
CA PHE J 615 -37.21 -40.40 52.40
C PHE J 615 -36.34 -41.58 52.79
N HIS J 616 -36.15 -42.49 51.86
CA HIS J 616 -35.23 -43.60 52.04
C HIS J 616 -34.50 -43.83 50.73
N VAL J 617 -33.23 -44.21 50.82
CA VAL J 617 -32.49 -44.76 49.70
C VAL J 617 -32.05 -46.16 50.08
N ILE J 618 -32.27 -47.11 49.18
CA ILE J 618 -31.84 -48.47 49.43
C ILE J 618 -30.43 -48.65 48.88
N LEU J 619 -29.52 -49.09 49.74
CA LEU J 619 -28.10 -49.14 49.43
C LEU J 619 -27.84 -50.07 48.26
N ALA J 620 -27.31 -49.51 47.18
CA ALA J 620 -27.11 -50.27 45.95
C ALA J 620 -26.18 -51.45 46.15
N ASP J 621 -26.52 -52.56 45.50
CA ASP J 621 -25.74 -53.79 45.61
C ASP J 621 -24.61 -53.87 44.59
N ALA J 622 -24.37 -52.81 43.81
CA ALA J 622 -23.30 -52.84 42.83
C ALA J 622 -21.97 -53.11 43.50
N GLY J 623 -21.41 -54.28 43.22
CA GLY J 623 -20.29 -54.76 44.01
C GLY J 623 -20.81 -55.37 45.30
N ASN J 624 -20.43 -54.75 46.42
CA ASN J 624 -20.97 -55.15 47.71
C ASN J 624 -22.42 -54.66 47.84
N PRO J 625 -23.20 -55.22 48.77
CA PRO J 625 -24.62 -54.83 48.87
C PRO J 625 -24.84 -53.36 49.20
N GLN J 626 -23.83 -52.68 49.72
CA GLN J 626 -24.00 -51.27 50.04
C GLN J 626 -23.08 -50.41 49.17
N SER J 676 -35.76 -24.74 42.61
CA SER J 676 -36.07 -24.95 44.02
C SER J 676 -35.55 -26.30 44.46
N TYR J 677 -34.41 -26.32 45.15
CA TYR J 677 -33.80 -27.59 45.52
C TYR J 677 -33.96 -27.81 47.02
N TYR J 678 -34.01 -29.08 47.43
CA TYR J 678 -34.09 -29.43 48.83
C TYR J 678 -32.84 -30.23 49.20
N GLN J 679 -32.01 -29.65 50.08
CA GLN J 679 -30.86 -30.35 50.61
C GLN J 679 -30.95 -30.43 52.13
N LEU J 680 -30.71 -31.61 52.67
CA LEU J 680 -31.14 -31.93 54.02
C LEU J 680 -30.10 -32.79 54.72
N PHE J 681 -30.52 -33.43 55.80
CA PHE J 681 -29.66 -34.07 56.78
C PHE J 681 -29.66 -35.59 56.71
N CYS J 682 -30.26 -36.18 55.66
CA CYS J 682 -30.47 -37.63 55.64
C CYS J 682 -29.16 -38.39 55.74
N SER J 683 -28.29 -38.27 54.73
CA SER J 683 -26.87 -38.63 54.83
C SER J 683 -26.64 -40.06 55.32
N THR J 684 -27.03 -41.02 54.48
CA THR J 684 -27.07 -42.42 54.92
C THR J 684 -25.68 -42.98 55.18
N GLU J 685 -24.74 -42.84 54.24
CA GLU J 685 -23.48 -43.60 54.26
C GLU J 685 -22.48 -42.97 55.21
N ALA J 686 -21.99 -43.79 56.14
CA ALA J 686 -21.01 -43.35 57.12
C ALA J 686 -20.01 -44.43 57.52
N GLN J 687 -19.80 -45.46 56.69
CA GLN J 687 -19.00 -46.61 57.08
C GLN J 687 -17.99 -46.98 56.00
N GLN J 688 -17.27 -48.09 56.25
CA GLN J 688 -16.19 -48.51 55.37
C GLN J 688 -16.41 -49.93 54.86
N PHE J 689 -16.10 -50.15 53.59
CA PHE J 689 -16.11 -51.47 52.97
C PHE J 689 -14.96 -51.59 51.98
N HIS J 690 -15.05 -52.60 51.10
CA HIS J 690 -14.01 -52.85 50.12
C HIS J 690 -14.05 -51.82 48.99
N GLU J 691 -12.88 -51.59 48.39
CA GLU J 691 -12.69 -50.54 47.40
C GLU J 691 -13.24 -50.94 46.03
N ASN J 692 -12.96 -50.09 45.04
CA ASN J 692 -13.44 -50.27 43.67
C ASN J 692 -14.93 -50.52 43.64
N THR J 693 -15.66 -49.72 44.40
CA THR J 693 -17.09 -49.92 44.61
C THR J 693 -17.88 -48.85 43.88
N GLN J 694 -18.95 -49.27 43.22
CA GLN J 694 -19.83 -48.38 42.48
C GLN J 694 -21.24 -48.52 43.04
N LEU J 695 -22.09 -47.55 42.75
CA LEU J 695 -23.43 -47.48 43.30
C LEU J 695 -24.41 -47.14 42.18
N ARG J 696 -25.68 -47.49 42.38
CA ARG J 696 -26.71 -47.33 41.36
C ARG J 696 -28.09 -47.53 41.99
N ILE J 697 -28.98 -46.57 41.79
CA ILE J 697 -30.22 -46.49 42.56
C ILE J 697 -31.35 -47.07 41.74
N VAL J 698 -32.09 -48.00 42.36
CA VAL J 698 -33.23 -48.61 41.70
C VAL J 698 -34.39 -47.62 41.60
N ARG J 699 -34.92 -47.21 42.75
CA ARG J 699 -36.04 -46.27 42.80
C ARG J 699 -35.82 -45.30 43.95
N LEU J 700 -36.60 -44.22 43.94
CA LEU J 700 -36.41 -43.15 44.91
C LEU J 700 -36.69 -43.63 46.33
N GLU J 701 -37.66 -44.52 46.49
CA GLU J 701 -38.31 -44.71 47.78
C GLU J 701 -38.74 -43.36 48.34
N ALA J 702 -39.45 -42.61 47.51
CA ALA J 702 -39.74 -41.21 47.75
C ALA J 702 -40.77 -41.07 48.86
N HIS J 703 -40.29 -40.86 50.08
CA HIS J 703 -41.18 -40.70 51.23
C HIS J 703 -41.40 -39.22 51.57
N MET J 704 -41.28 -38.38 50.55
CA MET J 704 -41.57 -36.96 50.67
C MET J 704 -43.01 -36.75 50.26
N GLY J 705 -43.88 -36.50 51.24
CA GLY J 705 -45.30 -36.40 50.96
C GLY J 705 -45.94 -37.73 50.62
N THR J 706 -45.43 -38.40 49.58
CA THR J 706 -45.89 -39.71 49.17
C THR J 706 -45.02 -40.78 49.81
N ASP J 707 -45.37 -42.05 49.58
CA ASP J 707 -44.55 -43.13 50.09
C ASP J 707 -43.47 -43.53 49.08
N GLN J 708 -43.85 -43.71 47.83
CA GLN J 708 -42.90 -44.10 46.79
C GLN J 708 -43.50 -43.80 45.43
N VAL J 709 -42.61 -43.56 44.45
CA VAL J 709 -43.03 -43.10 43.13
C VAL J 709 -43.73 -44.16 42.31
N ALA J 710 -43.30 -45.43 42.37
CA ALA J 710 -43.94 -46.56 41.69
C ALA J 710 -43.74 -46.38 40.19
N ALA J 711 -43.18 -45.28 39.71
CA ALA J 711 -42.86 -45.13 38.31
C ALA J 711 -41.38 -44.86 38.15
N LEU J 712 -40.77 -45.54 37.18
CA LEU J 712 -39.32 -45.53 37.04
C LEU J 712 -38.84 -44.36 36.21
N LEU J 713 -38.86 -43.16 36.79
CA LEU J 713 -37.96 -42.10 36.39
C LEU J 713 -36.87 -41.87 37.41
N THR J 714 -36.74 -42.75 38.39
CA THR J 714 -35.56 -42.80 39.24
C THR J 714 -34.44 -43.40 38.42
N CYS J 715 -33.76 -42.55 37.65
CA CYS J 715 -32.76 -43.05 36.74
C CYS J 715 -31.63 -43.72 37.51
N SER J 716 -31.12 -44.80 36.93
CA SER J 716 -29.96 -45.47 37.50
C SER J 716 -28.71 -44.67 37.19
N SER J 717 -28.40 -44.49 35.91
CA SER J 717 -27.30 -43.63 35.52
C SER J 717 -27.74 -42.69 34.40
N ASN J 718 -27.58 -41.39 34.63
CA ASN J 718 -27.96 -40.40 33.63
C ASN J 718 -26.86 -40.27 32.58
#